data_7VFT
# 
_entry.id   7VFT 
# 
_audit_conform.dict_name       mmcif_pdbx.dic 
_audit_conform.dict_version    5.380 
_audit_conform.dict_location   http://mmcif.pdb.org/dictionaries/ascii/mmcif_pdbx.dic 
# 
loop_
_database_2.database_id 
_database_2.database_code 
_database_2.pdbx_database_accession 
_database_2.pdbx_DOI 
PDB   7VFT         pdb_00007vft 10.2210/pdb7vft/pdb 
WWPDB D_1300024620 ?            ?                   
# 
_pdbx_database_status.status_code                     REL 
_pdbx_database_status.status_code_sf                  REL 
_pdbx_database_status.status_code_mr                  ? 
_pdbx_database_status.entry_id                        7VFT 
_pdbx_database_status.recvd_initial_deposition_date   2021-09-13 
_pdbx_database_status.SG_entry                        N 
_pdbx_database_status.deposit_site                    PDBJ 
_pdbx_database_status.process_site                    PDBJ 
_pdbx_database_status.status_code_cs                  ? 
_pdbx_database_status.status_code_nmr_data            ? 
_pdbx_database_status.methods_development_category    ? 
_pdbx_database_status.pdb_format_compatible           Y 
# 
loop_
_audit_author.name 
_audit_author.pdbx_ordinal 
_audit_author.identifier_ORCID 
'An, Y.'       1 0000-0002-8536-6954 
'Chan, H.Y.E.' 2 0000-0003-4307-474X 
'Ngo, J.C.K.'  3 0000-0002-6004-7041 
# 
_citation.abstract                  ? 
_citation.abstract_id_CAS           ? 
_citation.book_id_ISBN              ? 
_citation.book_publisher            ? 
_citation.book_publisher_city       ? 
_citation.book_title                ? 
_citation.coordinate_linkage        ? 
_citation.country                   UK 
_citation.database_id_Medline       ? 
_citation.details                   ? 
_citation.id                        primary 
_citation.journal_abbrev            'Nucleic Acids Res.' 
_citation.journal_id_ASTM           NARHAD 
_citation.journal_id_CSD            0389 
_citation.journal_id_ISSN           1362-4962 
_citation.journal_full              ? 
_citation.journal_issue             ? 
_citation.journal_volume            50 
_citation.language                  ? 
_citation.page_first                7655 
_citation.page_last                 7668 
_citation.title                     
;Molecular insights into the interaction of CAG trinucleotide RNA repeats with nucleolin and its implication in polyglutamine diseases.
;
_citation.year                      2022 
_citation.database_id_CSD           ? 
_citation.pdbx_database_id_DOI      10.1093/nar/gkac532 
_citation.pdbx_database_id_PubMed   35776134 
_citation.pdbx_database_id_patent   ? 
_citation.unpublished_flag          ? 
# 
loop_
_citation_author.citation_id 
_citation_author.name 
_citation_author.ordinal 
_citation_author.identifier_ORCID 
primary 'An, Y.'       1 ?                   
primary 'Chen, Z.S.'   2 ?                   
primary 'Chan, H.Y.E.' 3 ?                   
primary 'Ngo, J.C.K.'  4 0000-0002-6004-7041 
# 
_cell.angle_alpha                  90.000 
_cell.angle_alpha_esd              ? 
_cell.angle_beta                   90.000 
_cell.angle_beta_esd               ? 
_cell.angle_gamma                  120.000 
_cell.angle_gamma_esd              ? 
_cell.entry_id                     7VFT 
_cell.details                      ? 
_cell.formula_units_Z              ? 
_cell.length_a                     47.211 
_cell.length_a_esd                 ? 
_cell.length_b                     47.211 
_cell.length_b_esd                 ? 
_cell.length_c                     185.984 
_cell.length_c_esd                 ? 
_cell.volume                       358998.484 
_cell.volume_esd                   ? 
_cell.Z_PDB                        18 
_cell.reciprocal_angle_alpha       ? 
_cell.reciprocal_angle_beta        ? 
_cell.reciprocal_angle_gamma       ? 
_cell.reciprocal_angle_alpha_esd   ? 
_cell.reciprocal_angle_beta_esd    ? 
_cell.reciprocal_angle_gamma_esd   ? 
_cell.reciprocal_length_a          ? 
_cell.reciprocal_length_b          ? 
_cell.reciprocal_length_c          ? 
_cell.reciprocal_length_a_esd      ? 
_cell.reciprocal_length_b_esd      ? 
_cell.reciprocal_length_c_esd      ? 
_cell.pdbx_unique_axis             ? 
# 
_symmetry.entry_id                         7VFT 
_symmetry.cell_setting                     ? 
_symmetry.Int_Tables_number                155 
_symmetry.space_group_name_Hall            
;R 3 2"
;
_symmetry.space_group_name_H-M             'H 3 2' 
_symmetry.pdbx_full_space_group_name_H-M   ? 
# 
loop_
_entity.id 
_entity.type 
_entity.src_method 
_entity.pdbx_description 
_entity.formula_weight 
_entity.pdbx_number_of_molecules 
_entity.pdbx_ec 
_entity.pdbx_mutation 
_entity.pdbx_fragment 
_entity.details 
1 polymer syn 
;RNA (5'-R(*GP*GP*GP*CP*CP*AP*GP*CP*AP*GP*CP*AP*GP*CP*AP*GP*CP*AP*GP*GP*UP*CP*C)-3')
;
7455.544 1   ? ? ? ? 
2 water   nat water                                                                                 18.015   107 ? ? ? ? 
# 
_entity_poly.entity_id                      1 
_entity_poly.type                           polyribonucleotide 
_entity_poly.nstd_linkage                   no 
_entity_poly.nstd_monomer                   no 
_entity_poly.pdbx_seq_one_letter_code       GGGCCAGCAGCAGCAGCAGGUCC 
_entity_poly.pdbx_seq_one_letter_code_can   GGGCCAGCAGCAGCAGCAGGUCC 
_entity_poly.pdbx_strand_id                 A 
_entity_poly.pdbx_target_identifier         ? 
# 
loop_
_entity_poly_seq.entity_id 
_entity_poly_seq.num 
_entity_poly_seq.mon_id 
_entity_poly_seq.hetero 
1 1  G n 
1 2  G n 
1 3  G n 
1 4  C n 
1 5  C n 
1 6  A n 
1 7  G n 
1 8  C n 
1 9  A n 
1 10 G n 
1 11 C n 
1 12 A n 
1 13 G n 
1 14 C n 
1 15 A n 
1 16 G n 
1 17 C n 
1 18 A n 
1 19 G n 
1 20 G n 
1 21 U n 
1 22 C n 
1 23 C n 
# 
_pdbx_entity_src_syn.entity_id              1 
_pdbx_entity_src_syn.pdbx_src_id            1 
_pdbx_entity_src_syn.pdbx_alt_source_flag   sample 
_pdbx_entity_src_syn.pdbx_beg_seq_num       1 
_pdbx_entity_src_syn.pdbx_end_seq_num       23 
_pdbx_entity_src_syn.organism_scientific    'Homo sapiens' 
_pdbx_entity_src_syn.organism_common_name   ? 
_pdbx_entity_src_syn.ncbi_taxonomy_id       9606 
_pdbx_entity_src_syn.details                ? 
# 
_struct_ref.id                         1 
_struct_ref.db_name                    PDB 
_struct_ref.db_code                    7VFT 
_struct_ref.pdbx_db_accession          7VFT 
_struct_ref.pdbx_db_isoform            ? 
_struct_ref.entity_id                  1 
_struct_ref.pdbx_seq_one_letter_code   ? 
_struct_ref.pdbx_align_begin           1 
# 
_struct_ref_seq.align_id                      1 
_struct_ref_seq.ref_id                        1 
_struct_ref_seq.pdbx_PDB_id_code              7VFT 
_struct_ref_seq.pdbx_strand_id                A 
_struct_ref_seq.seq_align_beg                 1 
_struct_ref_seq.pdbx_seq_align_beg_ins_code   ? 
_struct_ref_seq.seq_align_end                 23 
_struct_ref_seq.pdbx_seq_align_end_ins_code   ? 
_struct_ref_seq.pdbx_db_accession             7VFT 
_struct_ref_seq.db_align_beg                  1 
_struct_ref_seq.pdbx_db_align_beg_ins_code    ? 
_struct_ref_seq.db_align_end                  23 
_struct_ref_seq.pdbx_db_align_end_ins_code    ? 
_struct_ref_seq.pdbx_auth_seq_align_beg       1 
_struct_ref_seq.pdbx_auth_seq_align_end       23 
# 
loop_
_chem_comp.id 
_chem_comp.type 
_chem_comp.mon_nstd_flag 
_chem_comp.name 
_chem_comp.pdbx_synonyms 
_chem_comp.formula 
_chem_comp.formula_weight 
A   'RNA linking' y "ADENOSINE-5'-MONOPHOSPHATE" ? 'C10 H14 N5 O7 P' 347.221 
C   'RNA linking' y "CYTIDINE-5'-MONOPHOSPHATE"  ? 'C9 H14 N3 O8 P'  323.197 
G   'RNA linking' y "GUANOSINE-5'-MONOPHOSPHATE" ? 'C10 H14 N5 O8 P' 363.221 
HOH non-polymer   . WATER                        ? 'H2 O'            18.015  
U   'RNA linking' y "URIDINE-5'-MONOPHOSPHATE"   ? 'C9 H13 N2 O9 P'  324.181 
# 
_exptl.absorpt_coefficient_mu     ? 
_exptl.absorpt_correction_T_max   ? 
_exptl.absorpt_correction_T_min   ? 
_exptl.absorpt_correction_type    ? 
_exptl.absorpt_process_details    ? 
_exptl.entry_id                   7VFT 
_exptl.crystals_number            1 
_exptl.details                    ? 
_exptl.method                     'X-RAY DIFFRACTION' 
_exptl.method_details             ? 
# 
_exptl_crystal.colour                      ? 
_exptl_crystal.density_diffrn              ? 
_exptl_crystal.density_Matthews            2.79 
_exptl_crystal.density_method              ? 
_exptl_crystal.density_percent_sol         55.9 
_exptl_crystal.description                 ? 
_exptl_crystal.F_000                       ? 
_exptl_crystal.id                          1 
_exptl_crystal.preparation                 ? 
_exptl_crystal.size_max                    ? 
_exptl_crystal.size_mid                    ? 
_exptl_crystal.size_min                    ? 
_exptl_crystal.size_rad                    ? 
_exptl_crystal.colour_lustre               ? 
_exptl_crystal.colour_modifier             ? 
_exptl_crystal.colour_primary              ? 
_exptl_crystal.density_meas                ? 
_exptl_crystal.density_meas_esd            ? 
_exptl_crystal.density_meas_gt             ? 
_exptl_crystal.density_meas_lt             ? 
_exptl_crystal.density_meas_temp           ? 
_exptl_crystal.density_meas_temp_esd       ? 
_exptl_crystal.density_meas_temp_gt        ? 
_exptl_crystal.density_meas_temp_lt        ? 
_exptl_crystal.pdbx_crystal_image_url      ? 
_exptl_crystal.pdbx_crystal_image_format   ? 
_exptl_crystal.pdbx_mosaicity              ? 
_exptl_crystal.pdbx_mosaicity_esd          ? 
# 
_exptl_crystal_grow.apparatus       ? 
_exptl_crystal_grow.atmosphere      ? 
_exptl_crystal_grow.crystal_id      1 
_exptl_crystal_grow.details         ? 
_exptl_crystal_grow.method          'VAPOR DIFFUSION, SITTING DROP' 
_exptl_crystal_grow.method_ref      ? 
_exptl_crystal_grow.pH              7.5 
_exptl_crystal_grow.pressure        ? 
_exptl_crystal_grow.pressure_esd    ? 
_exptl_crystal_grow.seeding         ? 
_exptl_crystal_grow.seeding_ref     ? 
_exptl_crystal_grow.temp            289.15 
_exptl_crystal_grow.temp_details    ? 
_exptl_crystal_grow.temp_esd        ? 
_exptl_crystal_grow.time            ? 
_exptl_crystal_grow.pdbx_details    '100mM HEPES, 1.6M ammonium sulfate, 10% PEG 400' 
_exptl_crystal_grow.pdbx_pH_range   ? 
# 
_diffrn.ambient_environment              ? 
_diffrn.ambient_temp                     110 
_diffrn.ambient_temp_details             ? 
_diffrn.ambient_temp_esd                 ? 
_diffrn.crystal_id                       1 
_diffrn.crystal_support                  ? 
_diffrn.crystal_treatment                ? 
_diffrn.details                          ? 
_diffrn.id                               1 
_diffrn.ambient_pressure                 ? 
_diffrn.ambient_pressure_esd             ? 
_diffrn.ambient_pressure_gt              ? 
_diffrn.ambient_pressure_lt              ? 
_diffrn.ambient_temp_gt                  ? 
_diffrn.ambient_temp_lt                  ? 
_diffrn.pdbx_serial_crystal_experiment   N 
# 
_diffrn_detector.details                      ? 
_diffrn_detector.detector                     CCD 
_diffrn_detector.diffrn_id                    1 
_diffrn_detector.type                         'RAYONIX MX300-HS' 
_diffrn_detector.area_resol_mean              ? 
_diffrn_detector.dtime                        ? 
_diffrn_detector.pdbx_frames_total            ? 
_diffrn_detector.pdbx_collection_time_total   ? 
_diffrn_detector.pdbx_collection_date         2018-04-20 
_diffrn_detector.pdbx_frequency               ? 
# 
_diffrn_radiation.collimation                      ? 
_diffrn_radiation.diffrn_id                        1 
_diffrn_radiation.filter_edge                      ? 
_diffrn_radiation.inhomogeneity                    ? 
_diffrn_radiation.monochromator                    'LN2-Cooled, Fixed-Exit Double Crystal Monochromator' 
_diffrn_radiation.polarisn_norm                    ? 
_diffrn_radiation.polarisn_ratio                   ? 
_diffrn_radiation.probe                            ? 
_diffrn_radiation.type                             ? 
_diffrn_radiation.xray_symbol                      ? 
_diffrn_radiation.wavelength_id                    1 
_diffrn_radiation.pdbx_monochromatic_or_laue_m_l   M 
_diffrn_radiation.pdbx_wavelength_list             ? 
_diffrn_radiation.pdbx_wavelength                  ? 
_diffrn_radiation.pdbx_diffrn_protocol             'SINGLE WAVELENGTH' 
_diffrn_radiation.pdbx_analyzer                    ? 
_diffrn_radiation.pdbx_scattering_type             x-ray 
# 
_diffrn_radiation_wavelength.id           1 
_diffrn_radiation_wavelength.wavelength   1.0000 
_diffrn_radiation_wavelength.wt           1.0 
# 
_diffrn_source.current                     ? 
_diffrn_source.details                     ? 
_diffrn_source.diffrn_id                   1 
_diffrn_source.power                       ? 
_diffrn_source.size                        ? 
_diffrn_source.source                      SYNCHROTRON 
_diffrn_source.target                      ? 
_diffrn_source.type                        'NSRRC BEAMLINE TPS 05A' 
_diffrn_source.voltage                     ? 
_diffrn_source.take-off_angle              ? 
_diffrn_source.pdbx_wavelength_list        1.0000 
_diffrn_source.pdbx_wavelength             ? 
_diffrn_source.pdbx_synchrotron_beamline   'TPS 05A' 
_diffrn_source.pdbx_synchrotron_site       NSRRC 
# 
_reflns.B_iso_Wilson_estimate                          12.54 
_reflns.entry_id                                       7VFT 
_reflns.data_reduction_details                         ? 
_reflns.data_reduction_method                          ? 
_reflns.d_resolution_high                              1.448 
_reflns.d_resolution_low                               50 
_reflns.details                                        ? 
_reflns.limit_h_max                                    ? 
_reflns.limit_h_min                                    ? 
_reflns.limit_k_max                                    ? 
_reflns.limit_k_min                                    ? 
_reflns.limit_l_max                                    ? 
_reflns.limit_l_min                                    ? 
_reflns.number_all                                     ? 
_reflns.number_obs                                     14703 
_reflns.observed_criterion                             ? 
_reflns.observed_criterion_F_max                       ? 
_reflns.observed_criterion_F_min                       ? 
_reflns.observed_criterion_I_max                       ? 
_reflns.observed_criterion_I_min                       ? 
_reflns.observed_criterion_sigma_F                     ? 
_reflns.observed_criterion_sigma_I                     ? 
_reflns.percent_possible_obs                           99.8 
_reflns.R_free_details                                 ? 
_reflns.Rmerge_F_all                                   ? 
_reflns.Rmerge_F_obs                                   ? 
_reflns.Friedel_coverage                               ? 
_reflns.number_gt                                      ? 
_reflns.threshold_expression                           ? 
_reflns.pdbx_redundancy                                15.2 
_reflns.pdbx_Rmerge_I_obs                              0.042 
_reflns.pdbx_Rmerge_I_all                              ? 
_reflns.pdbx_Rsym_value                                ? 
_reflns.pdbx_netI_over_av_sigmaI                       ? 
_reflns.pdbx_netI_over_sigmaI                          58.06 
_reflns.pdbx_res_netI_over_av_sigmaI_2                 ? 
_reflns.pdbx_res_netI_over_sigmaI_2                    ? 
_reflns.pdbx_chi_squared                               ? 
_reflns.pdbx_scaling_rejects                           ? 
_reflns.pdbx_d_res_high_opt                            ? 
_reflns.pdbx_d_res_low_opt                             ? 
_reflns.pdbx_d_res_opt_method                          ? 
_reflns.phase_calculation_details                      ? 
_reflns.pdbx_Rrim_I_all                                0.043 
_reflns.pdbx_Rpim_I_all                                0.011 
_reflns.pdbx_d_opt                                     ? 
_reflns.pdbx_number_measured_all                       ? 
_reflns.pdbx_diffrn_id                                 1 
_reflns.pdbx_ordinal                                   1 
_reflns.pdbx_CC_half                                   ? 
_reflns.pdbx_CC_star                                   ? 
_reflns.pdbx_R_split                                   ? 
_reflns.pdbx_aniso_diffraction_limit_axis_1_ortho[1]   ? 
_reflns.pdbx_aniso_diffraction_limit_axis_1_ortho[2]   ? 
_reflns.pdbx_aniso_diffraction_limit_axis_1_ortho[3]   ? 
_reflns.pdbx_aniso_diffraction_limit_axis_2_ortho[1]   ? 
_reflns.pdbx_aniso_diffraction_limit_axis_2_ortho[2]   ? 
_reflns.pdbx_aniso_diffraction_limit_axis_2_ortho[3]   ? 
_reflns.pdbx_aniso_diffraction_limit_axis_3_ortho[1]   ? 
_reflns.pdbx_aniso_diffraction_limit_axis_3_ortho[2]   ? 
_reflns.pdbx_aniso_diffraction_limit_axis_3_ortho[3]   ? 
_reflns.pdbx_aniso_diffraction_limit_1                 ? 
_reflns.pdbx_aniso_diffraction_limit_2                 ? 
_reflns.pdbx_aniso_diffraction_limit_3                 ? 
_reflns.pdbx_aniso_B_tensor_eigenvector_1_ortho[1]     ? 
_reflns.pdbx_aniso_B_tensor_eigenvector_1_ortho[2]     ? 
_reflns.pdbx_aniso_B_tensor_eigenvector_1_ortho[3]     ? 
_reflns.pdbx_aniso_B_tensor_eigenvector_2_ortho[1]     ? 
_reflns.pdbx_aniso_B_tensor_eigenvector_2_ortho[2]     ? 
_reflns.pdbx_aniso_B_tensor_eigenvector_2_ortho[3]     ? 
_reflns.pdbx_aniso_B_tensor_eigenvector_3_ortho[1]     ? 
_reflns.pdbx_aniso_B_tensor_eigenvector_3_ortho[2]     ? 
_reflns.pdbx_aniso_B_tensor_eigenvector_3_ortho[3]     ? 
_reflns.pdbx_aniso_B_tensor_eigenvalue_1               ? 
_reflns.pdbx_aniso_B_tensor_eigenvalue_2               ? 
_reflns.pdbx_aniso_B_tensor_eigenvalue_3               ? 
_reflns.pdbx_orthogonalization_convention              ? 
_reflns.pdbx_percent_possible_ellipsoidal              ? 
_reflns.pdbx_percent_possible_spherical                ? 
_reflns.pdbx_percent_possible_ellipsoidal_anomalous    ? 
_reflns.pdbx_percent_possible_spherical_anomalous      ? 
_reflns.pdbx_redundancy_anomalous                      ? 
_reflns.pdbx_CC_half_anomalous                         ? 
_reflns.pdbx_absDiff_over_sigma_anomalous              ? 
_reflns.pdbx_percent_possible_anomalous                ? 
_reflns.pdbx_observed_signal_threshold                 ? 
_reflns.pdbx_signal_type                               ? 
_reflns.pdbx_signal_details                            ? 
_reflns.pdbx_signal_software_id                        ? 
# 
_reflns_shell.d_res_high                                    1.45 
_reflns_shell.d_res_low                                     1.5 
_reflns_shell.meanI_over_sigI_all                           ? 
_reflns_shell.meanI_over_sigI_obs                           ? 
_reflns_shell.number_measured_all                           ? 
_reflns_shell.number_measured_obs                           ? 
_reflns_shell.number_possible                               ? 
_reflns_shell.number_unique_all                             ? 
_reflns_shell.number_unique_obs                             1440 
_reflns_shell.percent_possible_all                          100 
_reflns_shell.percent_possible_obs                          ? 
_reflns_shell.Rmerge_F_all                                  ? 
_reflns_shell.Rmerge_F_obs                                  ? 
_reflns_shell.Rmerge_I_all                                  ? 
_reflns_shell.Rmerge_I_obs                                  ? 
_reflns_shell.meanI_over_sigI_gt                            ? 
_reflns_shell.meanI_over_uI_all                             ? 
_reflns_shell.meanI_over_uI_gt                              ? 
_reflns_shell.number_measured_gt                            ? 
_reflns_shell.number_unique_gt                              ? 
_reflns_shell.percent_possible_gt                           ? 
_reflns_shell.Rmerge_F_gt                                   ? 
_reflns_shell.Rmerge_I_gt                                   ? 
_reflns_shell.pdbx_redundancy                               13.5 
_reflns_shell.pdbx_Rsym_value                               ? 
_reflns_shell.pdbx_chi_squared                              ? 
_reflns_shell.pdbx_netI_over_sigmaI_all                     ? 
_reflns_shell.pdbx_netI_over_sigmaI_obs                     ? 
_reflns_shell.pdbx_Rrim_I_all                               ? 
_reflns_shell.pdbx_Rpim_I_all                               ? 
_reflns_shell.pdbx_rejects                                  ? 
_reflns_shell.pdbx_ordinal                                  1 
_reflns_shell.pdbx_diffrn_id                                1 
_reflns_shell.pdbx_CC_half                                  0.980 
_reflns_shell.pdbx_CC_star                                  0.995 
_reflns_shell.pdbx_R_split                                  ? 
_reflns_shell.pdbx_percent_possible_ellipsoidal             ? 
_reflns_shell.pdbx_percent_possible_spherical               ? 
_reflns_shell.pdbx_percent_possible_ellipsoidal_anomalous   ? 
_reflns_shell.pdbx_percent_possible_spherical_anomalous     ? 
_reflns_shell.pdbx_redundancy_anomalous                     ? 
_reflns_shell.pdbx_CC_half_anomalous                        ? 
_reflns_shell.pdbx_absDiff_over_sigma_anomalous             ? 
_reflns_shell.pdbx_percent_possible_anomalous               ? 
# 
_refine.aniso_B[1][1]                            ? 
_refine.aniso_B[1][2]                            ? 
_refine.aniso_B[1][3]                            ? 
_refine.aniso_B[2][2]                            ? 
_refine.aniso_B[2][3]                            ? 
_refine.aniso_B[3][3]                            ? 
_refine.B_iso_max                                ? 
_refine.B_iso_mean                               19.86 
_refine.B_iso_min                                ? 
_refine.correlation_coeff_Fo_to_Fc               ? 
_refine.correlation_coeff_Fo_to_Fc_free          ? 
_refine.details                                  ? 
_refine.diff_density_max                         ? 
_refine.diff_density_max_esd                     ? 
_refine.diff_density_min                         ? 
_refine.diff_density_min_esd                     ? 
_refine.diff_density_rms                         ? 
_refine.diff_density_rms_esd                     ? 
_refine.entry_id                                 7VFT 
_refine.pdbx_refine_id                           'X-RAY DIFFRACTION' 
_refine.ls_abs_structure_details                 ? 
_refine.ls_abs_structure_Flack                   ? 
_refine.ls_abs_structure_Flack_esd               ? 
_refine.ls_abs_structure_Rogers                  ? 
_refine.ls_abs_structure_Rogers_esd              ? 
_refine.ls_d_res_high                            1.45 
_refine.ls_d_res_low                             30.70 
_refine.ls_extinction_coef                       ? 
_refine.ls_extinction_coef_esd                   ? 
_refine.ls_extinction_expression                 ? 
_refine.ls_extinction_method                     ? 
_refine.ls_goodness_of_fit_all                   ? 
_refine.ls_goodness_of_fit_all_esd               ? 
_refine.ls_goodness_of_fit_obs                   ? 
_refine.ls_goodness_of_fit_obs_esd               ? 
_refine.ls_hydrogen_treatment                    ? 
_refine.ls_matrix_type                           ? 
_refine.ls_number_constraints                    ? 
_refine.ls_number_parameters                     ? 
_refine.ls_number_reflns_all                     ? 
_refine.ls_number_reflns_obs                     14676 
_refine.ls_number_reflns_R_free                  744 
_refine.ls_number_reflns_R_work                  13932 
_refine.ls_number_restraints                     ? 
_refine.ls_percent_reflns_obs                    99.68 
_refine.ls_percent_reflns_R_free                 5.07 
_refine.ls_R_factor_all                          ? 
_refine.ls_R_factor_obs                          0.1960 
_refine.ls_R_factor_R_free                       0.2078 
_refine.ls_R_factor_R_free_error                 ? 
_refine.ls_R_factor_R_free_error_details         ? 
_refine.ls_R_factor_R_work                       0.1953 
_refine.ls_R_Fsqd_factor_obs                     ? 
_refine.ls_R_I_factor_obs                        ? 
_refine.ls_redundancy_reflns_all                 ? 
_refine.ls_redundancy_reflns_obs                 ? 
_refine.ls_restrained_S_all                      ? 
_refine.ls_restrained_S_obs                      ? 
_refine.ls_shift_over_esd_max                    ? 
_refine.ls_shift_over_esd_mean                   ? 
_refine.ls_structure_factor_coef                 ? 
_refine.ls_weighting_details                     ? 
_refine.ls_weighting_scheme                      ? 
_refine.ls_wR_factor_all                         ? 
_refine.ls_wR_factor_obs                         ? 
_refine.ls_wR_factor_R_free                      ? 
_refine.ls_wR_factor_R_work                      ? 
_refine.occupancy_max                            ? 
_refine.occupancy_min                            ? 
_refine.solvent_model_details                    'FLAT BULK SOLVENT MODEL' 
_refine.solvent_model_param_bsol                 ? 
_refine.solvent_model_param_ksol                 ? 
_refine.pdbx_R_complete                          ? 
_refine.ls_R_factor_gt                           ? 
_refine.ls_goodness_of_fit_gt                    ? 
_refine.ls_goodness_of_fit_ref                   ? 
_refine.ls_shift_over_su_max                     ? 
_refine.ls_shift_over_su_max_lt                  ? 
_refine.ls_shift_over_su_mean                    ? 
_refine.ls_shift_over_su_mean_lt                 ? 
_refine.pdbx_ls_sigma_I                          ? 
_refine.pdbx_ls_sigma_F                          1.36 
_refine.pdbx_ls_sigma_Fsqd                       ? 
_refine.pdbx_data_cutoff_high_absF               ? 
_refine.pdbx_data_cutoff_high_rms_absF           ? 
_refine.pdbx_data_cutoff_low_absF                ? 
_refine.pdbx_isotropic_thermal_model             ? 
_refine.pdbx_ls_cross_valid_method               'FREE R-VALUE' 
_refine.pdbx_method_to_determine_struct          'MOLECULAR REPLACEMENT' 
_refine.pdbx_starting_model                      4YN6 
_refine.pdbx_stereochemistry_target_values       'GeoStd + Monomer Library' 
_refine.pdbx_R_Free_selection_details            ? 
_refine.pdbx_stereochem_target_val_spec_case     ? 
_refine.pdbx_overall_ESU_R                       ? 
_refine.pdbx_overall_ESU_R_Free                  ? 
_refine.pdbx_solvent_vdw_probe_radii             1.1100 
_refine.pdbx_solvent_ion_probe_radii             ? 
_refine.pdbx_solvent_shrinkage_radii             0.9000 
_refine.pdbx_real_space_R                        ? 
_refine.pdbx_density_correlation                 ? 
_refine.pdbx_pd_number_of_powder_patterns        ? 
_refine.pdbx_pd_number_of_points                 ? 
_refine.pdbx_pd_meas_number_of_points            ? 
_refine.pdbx_pd_proc_ls_prof_R_factor            ? 
_refine.pdbx_pd_proc_ls_prof_wR_factor           ? 
_refine.pdbx_pd_Marquardt_correlation_coeff      ? 
_refine.pdbx_pd_Fsqrd_R_factor                   ? 
_refine.pdbx_pd_ls_matrix_band_width             ? 
_refine.pdbx_overall_phase_error                 21.2923 
_refine.pdbx_overall_SU_R_free_Cruickshank_DPI   ? 
_refine.pdbx_overall_SU_R_free_Blow_DPI          ? 
_refine.pdbx_overall_SU_R_Blow_DPI               ? 
_refine.pdbx_TLS_residual_ADP_flag               ? 
_refine.pdbx_diffrn_id                           1 
_refine.overall_SU_B                             ? 
_refine.overall_SU_ML                            0.1169 
_refine.overall_SU_R_Cruickshank_DPI             ? 
_refine.overall_SU_R_free                        ? 
_refine.overall_FOM_free_R_set                   ? 
_refine.overall_FOM_work_R_set                   ? 
_refine.pdbx_average_fsc_overall                 ? 
_refine.pdbx_average_fsc_work                    ? 
_refine.pdbx_average_fsc_free                    ? 
# 
_refine_hist.pdbx_refine_id                   'X-RAY DIFFRACTION' 
_refine_hist.cycle_id                         LAST 
_refine_hist.details                          ? 
_refine_hist.d_res_high                       1.45 
_refine_hist.d_res_low                        30.70 
_refine_hist.number_atoms_solvent             107 
_refine_hist.number_atoms_total               601 
_refine_hist.number_reflns_all                ? 
_refine_hist.number_reflns_obs                ? 
_refine_hist.number_reflns_R_free             ? 
_refine_hist.number_reflns_R_work             ? 
_refine_hist.R_factor_all                     ? 
_refine_hist.R_factor_obs                     ? 
_refine_hist.R_factor_R_free                  ? 
_refine_hist.R_factor_R_work                  ? 
_refine_hist.pdbx_number_residues_total       ? 
_refine_hist.pdbx_B_iso_mean_ligand           ? 
_refine_hist.pdbx_B_iso_mean_solvent          ? 
_refine_hist.pdbx_number_atoms_protein        0 
_refine_hist.pdbx_number_atoms_nucleic_acid   494 
_refine_hist.pdbx_number_atoms_ligand         0 
_refine_hist.pdbx_number_atoms_lipid          ? 
_refine_hist.pdbx_number_atoms_carb           ? 
_refine_hist.pdbx_pseudo_atom_details         ? 
# 
loop_
_refine_ls_restr.pdbx_refine_id 
_refine_ls_restr.criterion 
_refine_ls_restr.dev_ideal 
_refine_ls_restr.dev_ideal_target 
_refine_ls_restr.number 
_refine_ls_restr.rejects 
_refine_ls_restr.type 
_refine_ls_restr.weight 
_refine_ls_restr.pdbx_restraint_function 
'X-RAY DIFFRACTION' ? 0.0044 ? 553 ? f_bond_d           ? ? 
'X-RAY DIFFRACTION' ? 0.9295 ? 862 ? f_angle_d          ? ? 
'X-RAY DIFFRACTION' ? 0.0330 ? 114 ? f_chiral_restr     ? ? 
'X-RAY DIFFRACTION' ? 0.0067 ? 23  ? f_plane_restr      ? ? 
'X-RAY DIFFRACTION' ? 9.9578 ? 272 ? f_dihedral_angle_d ? ? 
# 
loop_
_refine_ls_shell.pdbx_refine_id 
_refine_ls_shell.d_res_high 
_refine_ls_shell.d_res_low 
_refine_ls_shell.number_reflns_all 
_refine_ls_shell.number_reflns_obs 
_refine_ls_shell.number_reflns_R_free 
_refine_ls_shell.number_reflns_R_work 
_refine_ls_shell.percent_reflns_obs 
_refine_ls_shell.percent_reflns_R_free 
_refine_ls_shell.R_factor_all 
_refine_ls_shell.R_factor_obs 
_refine_ls_shell.R_factor_R_free 
_refine_ls_shell.R_factor_R_free_error 
_refine_ls_shell.R_factor_R_work 
_refine_ls_shell.redundancy_reflns_all 
_refine_ls_shell.redundancy_reflns_obs 
_refine_ls_shell.wR_factor_all 
_refine_ls_shell.wR_factor_obs 
_refine_ls_shell.wR_factor_R_free 
_refine_ls_shell.wR_factor_R_work 
_refine_ls_shell.pdbx_R_complete 
_refine_ls_shell.pdbx_total_number_of_bins_used 
_refine_ls_shell.pdbx_phase_error 
_refine_ls_shell.pdbx_fsc_work 
_refine_ls_shell.pdbx_fsc_free 
'X-RAY DIFFRACTION' 1.45 1.56  . . 151 2733 99.86 . . . 0.2454 . 0.2218 . . . . . . . . . . . 
'X-RAY DIFFRACTION' 1.56 1.72  . . 160 2721 99.72 . . . 0.2052 . 0.1935 . . . . . . . . . . . 
'X-RAY DIFFRACTION' 1.72 1.97  . . 164 2765 99.90 . . . 0.1940 . 0.1945 . . . . . . . . . . . 
'X-RAY DIFFRACTION' 1.97 2.48  . . 138 2795 99.97 . . . 0.2512 . 0.2036 . . . . . . . . . . . 
'X-RAY DIFFRACTION' 2.48 22.28 . . 131 2918 98.99 . . . 0.1849 . 0.1876 . . . . . . . . . . . 
# 
_struct.entry_id                     7VFT 
_struct.title                        'Crystal structure of rGGGC(CAG)5GUCC oligo' 
_struct.pdbx_model_details           ? 
_struct.pdbx_formula_weight          ? 
_struct.pdbx_formula_weight_method   ? 
_struct.pdbx_model_type_details      ? 
_struct.pdbx_CASP_flag               N 
# 
_struct_keywords.entry_id        7VFT 
_struct_keywords.text            'Expanded CAG RNA, RNA toxicity, PolyQ diseases, RNA' 
_struct_keywords.pdbx_keywords   RNA 
# 
loop_
_struct_asym.id 
_struct_asym.pdbx_blank_PDB_chainid_flag 
_struct_asym.pdbx_modified 
_struct_asym.entity_id 
_struct_asym.details 
A N N 1 ? 
B N N 2 ? 
# 
loop_
_struct_conn.id 
_struct_conn.conn_type_id 
_struct_conn.pdbx_leaving_atom_flag 
_struct_conn.pdbx_PDB_id 
_struct_conn.ptnr1_label_asym_id 
_struct_conn.ptnr1_label_comp_id 
_struct_conn.ptnr1_label_seq_id 
_struct_conn.ptnr1_label_atom_id 
_struct_conn.pdbx_ptnr1_label_alt_id 
_struct_conn.pdbx_ptnr1_PDB_ins_code 
_struct_conn.pdbx_ptnr1_standard_comp_id 
_struct_conn.ptnr1_symmetry 
_struct_conn.ptnr2_label_asym_id 
_struct_conn.ptnr2_label_comp_id 
_struct_conn.ptnr2_label_seq_id 
_struct_conn.ptnr2_label_atom_id 
_struct_conn.pdbx_ptnr2_label_alt_id 
_struct_conn.pdbx_ptnr2_PDB_ins_code 
_struct_conn.ptnr1_auth_asym_id 
_struct_conn.ptnr1_auth_comp_id 
_struct_conn.ptnr1_auth_seq_id 
_struct_conn.ptnr2_auth_asym_id 
_struct_conn.ptnr2_auth_comp_id 
_struct_conn.ptnr2_auth_seq_id 
_struct_conn.ptnr2_symmetry 
_struct_conn.pdbx_ptnr3_label_atom_id 
_struct_conn.pdbx_ptnr3_label_seq_id 
_struct_conn.pdbx_ptnr3_label_comp_id 
_struct_conn.pdbx_ptnr3_label_asym_id 
_struct_conn.pdbx_ptnr3_label_alt_id 
_struct_conn.pdbx_ptnr3_PDB_ins_code 
_struct_conn.details 
_struct_conn.pdbx_dist_value 
_struct_conn.pdbx_value_order 
_struct_conn.pdbx_role 
hydrog1  hydrog ? ? A G 1  N1 ? ? ? 1_555 A C 23 N3 ? ? A G 1  A C 23 12_555 ? ? ? ? ? ? WATSON-CRICK ? ? ? 
hydrog2  hydrog ? ? A G 1  N2 ? ? ? 1_555 A C 23 O2 ? ? A G 1  A C 23 12_555 ? ? ? ? ? ? WATSON-CRICK ? ? ? 
hydrog3  hydrog ? ? A G 1  O6 ? ? ? 1_555 A C 23 N4 ? ? A G 1  A C 23 12_555 ? ? ? ? ? ? WATSON-CRICK ? ? ? 
hydrog4  hydrog ? ? A G 2  N1 ? ? ? 1_555 A C 22 N3 ? ? A G 2  A C 22 12_555 ? ? ? ? ? ? WATSON-CRICK ? ? ? 
hydrog5  hydrog ? ? A G 2  N2 ? ? ? 1_555 A C 22 O2 ? ? A G 2  A C 22 12_555 ? ? ? ? ? ? WATSON-CRICK ? ? ? 
hydrog6  hydrog ? ? A G 2  O6 ? ? ? 1_555 A C 22 N4 ? ? A G 2  A C 22 12_555 ? ? ? ? ? ? WATSON-CRICK ? ? ? 
hydrog7  hydrog ? ? A G 3  N1 ? ? ? 1_555 A U 21 O2 ? ? A G 3  A U 21 12_555 ? ? ? ? ? ? TYPE_28_PAIR ? ? ? 
hydrog8  hydrog ? ? A G 3  O6 ? ? ? 1_555 A U 21 N3 ? ? A G 3  A U 21 12_555 ? ? ? ? ? ? TYPE_28_PAIR ? ? ? 
hydrog9  hydrog ? ? A C 4  N3 ? ? ? 1_555 A G 20 N1 ? ? A C 4  A G 20 12_555 ? ? ? ? ? ? WATSON-CRICK ? ? ? 
hydrog10 hydrog ? ? A C 4  N4 ? ? ? 1_555 A G 20 O6 ? ? A C 4  A G 20 12_555 ? ? ? ? ? ? WATSON-CRICK ? ? ? 
hydrog11 hydrog ? ? A C 4  O2 ? ? ? 1_555 A G 20 N2 ? ? A C 4  A G 20 12_555 ? ? ? ? ? ? WATSON-CRICK ? ? ? 
hydrog12 hydrog ? ? A C 5  N3 ? ? ? 1_555 A G 19 N1 ? ? A C 5  A G 19 12_555 ? ? ? ? ? ? WATSON-CRICK ? ? ? 
hydrog13 hydrog ? ? A C 5  N4 ? ? ? 1_555 A G 19 O6 ? ? A C 5  A G 19 12_555 ? ? ? ? ? ? WATSON-CRICK ? ? ? 
hydrog14 hydrog ? ? A C 5  O2 ? ? ? 1_555 A G 19 N2 ? ? A C 5  A G 19 12_555 ? ? ? ? ? ? WATSON-CRICK ? ? ? 
hydrog15 hydrog ? ? A G 7  N1 ? ? ? 1_555 A C 17 N3 ? ? A G 7  A C 17 12_555 ? ? ? ? ? ? WATSON-CRICK ? ? ? 
hydrog16 hydrog ? ? A G 7  N2 ? ? ? 1_555 A C 17 O2 ? ? A G 7  A C 17 12_555 ? ? ? ? ? ? WATSON-CRICK ? ? ? 
hydrog17 hydrog ? ? A G 7  O6 ? ? ? 1_555 A C 17 N4 ? ? A G 7  A C 17 12_555 ? ? ? ? ? ? WATSON-CRICK ? ? ? 
hydrog18 hydrog ? ? A C 8  N3 ? ? ? 1_555 A G 16 N1 ? ? A C 8  A G 16 12_555 ? ? ? ? ? ? WATSON-CRICK ? ? ? 
hydrog19 hydrog ? ? A C 8  N4 ? ? ? 1_555 A G 16 O6 ? ? A C 8  A G 16 12_555 ? ? ? ? ? ? WATSON-CRICK ? ? ? 
hydrog20 hydrog ? ? A C 8  O2 ? ? ? 1_555 A G 16 N2 ? ? A C 8  A G 16 12_555 ? ? ? ? ? ? WATSON-CRICK ? ? ? 
hydrog21 hydrog ? ? A G 10 N1 ? ? ? 1_555 A C 14 N3 ? ? A G 10 A C 14 12_555 ? ? ? ? ? ? WATSON-CRICK ? ? ? 
hydrog22 hydrog ? ? A G 10 N2 ? ? ? 1_555 A C 14 O2 ? ? A G 10 A C 14 12_555 ? ? ? ? ? ? WATSON-CRICK ? ? ? 
hydrog23 hydrog ? ? A G 10 O6 ? ? ? 1_555 A C 14 N4 ? ? A G 10 A C 14 12_555 ? ? ? ? ? ? WATSON-CRICK ? ? ? 
hydrog24 hydrog ? ? A C 11 N3 ? ? ? 1_555 A G 13 N1 ? ? A C 11 A G 13 12_555 ? ? ? ? ? ? WATSON-CRICK ? ? ? 
hydrog25 hydrog ? ? A C 11 N4 ? ? ? 1_555 A G 13 O6 ? ? A C 11 A G 13 12_555 ? ? ? ? ? ? WATSON-CRICK ? ? ? 
hydrog26 hydrog ? ? A C 11 O2 ? ? ? 1_555 A G 13 N2 ? ? A C 11 A G 13 12_555 ? ? ? ? ? ? WATSON-CRICK ? ? ? 
hydrog27 hydrog ? ? A G 13 N1 ? ? ? 1_555 A C 11 N3 ? ? A G 13 A C 11 12_555 ? ? ? ? ? ? WATSON-CRICK ? ? ? 
hydrog28 hydrog ? ? A G 13 N2 ? ? ? 1_555 A C 11 O2 ? ? A G 13 A C 11 12_555 ? ? ? ? ? ? WATSON-CRICK ? ? ? 
hydrog29 hydrog ? ? A G 13 O6 ? ? ? 1_555 A C 11 N4 ? ? A G 13 A C 11 12_555 ? ? ? ? ? ? WATSON-CRICK ? ? ? 
hydrog30 hydrog ? ? A C 14 N3 ? ? ? 1_555 A G 10 N1 ? ? A C 14 A G 10 12_555 ? ? ? ? ? ? WATSON-CRICK ? ? ? 
hydrog31 hydrog ? ? A C 14 N4 ? ? ? 1_555 A G 10 O6 ? ? A C 14 A G 10 12_555 ? ? ? ? ? ? WATSON-CRICK ? ? ? 
hydrog32 hydrog ? ? A C 14 O2 ? ? ? 1_555 A G 10 N2 ? ? A C 14 A G 10 12_555 ? ? ? ? ? ? WATSON-CRICK ? ? ? 
hydrog33 hydrog ? ? A G 16 N1 ? ? ? 1_555 A C 8  N3 ? ? A G 16 A C 8  12_555 ? ? ? ? ? ? WATSON-CRICK ? ? ? 
hydrog34 hydrog ? ? A G 16 N2 ? ? ? 1_555 A C 8  O2 ? ? A G 16 A C 8  12_555 ? ? ? ? ? ? WATSON-CRICK ? ? ? 
hydrog35 hydrog ? ? A G 16 O6 ? ? ? 1_555 A C 8  N4 ? ? A G 16 A C 8  12_555 ? ? ? ? ? ? WATSON-CRICK ? ? ? 
hydrog36 hydrog ? ? A C 17 N3 ? ? ? 1_555 A G 7  N1 ? ? A C 17 A G 7  12_555 ? ? ? ? ? ? WATSON-CRICK ? ? ? 
hydrog37 hydrog ? ? A C 17 N4 ? ? ? 1_555 A G 7  O6 ? ? A C 17 A G 7  12_555 ? ? ? ? ? ? WATSON-CRICK ? ? ? 
hydrog38 hydrog ? ? A C 17 O2 ? ? ? 1_555 A G 7  N2 ? ? A C 17 A G 7  12_555 ? ? ? ? ? ? WATSON-CRICK ? ? ? 
hydrog39 hydrog ? ? A G 19 N1 ? ? ? 1_555 A C 5  N3 ? ? A G 19 A C 5  12_555 ? ? ? ? ? ? WATSON-CRICK ? ? ? 
hydrog40 hydrog ? ? A G 19 N2 ? ? ? 1_555 A C 5  O2 ? ? A G 19 A C 5  12_555 ? ? ? ? ? ? WATSON-CRICK ? ? ? 
hydrog41 hydrog ? ? A G 19 O6 ? ? ? 1_555 A C 5  N4 ? ? A G 19 A C 5  12_555 ? ? ? ? ? ? WATSON-CRICK ? ? ? 
hydrog42 hydrog ? ? A G 20 N1 ? ? ? 1_555 A C 4  N3 ? ? A G 20 A C 4  12_555 ? ? ? ? ? ? WATSON-CRICK ? ? ? 
hydrog43 hydrog ? ? A G 20 N2 ? ? ? 1_555 A C 4  O2 ? ? A G 20 A C 4  12_555 ? ? ? ? ? ? WATSON-CRICK ? ? ? 
hydrog44 hydrog ? ? A G 20 O6 ? ? ? 1_555 A C 4  N4 ? ? A G 20 A C 4  12_555 ? ? ? ? ? ? WATSON-CRICK ? ? ? 
hydrog45 hydrog ? ? A U 21 N3 ? ? ? 1_555 A G 3  O6 ? ? A U 21 A G 3  12_555 ? ? ? ? ? ? TYPE_28_PAIR ? ? ? 
hydrog46 hydrog ? ? A U 21 O2 ? ? ? 1_555 A G 3  N1 ? ? A U 21 A G 3  12_555 ? ? ? ? ? ? TYPE_28_PAIR ? ? ? 
hydrog47 hydrog ? ? A C 22 N3 ? ? ? 1_555 A G 2  N1 ? ? A C 22 A G 2  12_555 ? ? ? ? ? ? WATSON-CRICK ? ? ? 
hydrog48 hydrog ? ? A C 22 N4 ? ? ? 1_555 A G 2  O6 ? ? A C 22 A G 2  12_555 ? ? ? ? ? ? WATSON-CRICK ? ? ? 
hydrog49 hydrog ? ? A C 22 O2 ? ? ? 1_555 A G 2  N2 ? ? A C 22 A G 2  12_555 ? ? ? ? ? ? WATSON-CRICK ? ? ? 
hydrog50 hydrog ? ? A C 23 N3 ? ? ? 1_555 A G 1  N1 ? ? A C 23 A G 1  12_555 ? ? ? ? ? ? WATSON-CRICK ? ? ? 
hydrog51 hydrog ? ? A C 23 N4 ? ? ? 1_555 A G 1  O6 ? ? A C 23 A G 1  12_555 ? ? ? ? ? ? WATSON-CRICK ? ? ? 
hydrog52 hydrog ? ? A C 23 O2 ? ? ? 1_555 A G 1  N2 ? ? A C 23 A G 1  12_555 ? ? ? ? ? ? WATSON-CRICK ? ? ? 
# 
_struct_conn_type.id          hydrog 
_struct_conn_type.criteria    ? 
_struct_conn_type.reference   ? 
# 
_atom_sites.entry_id                    7VFT 
_atom_sites.Cartn_transf_matrix[1][1]   ? 
_atom_sites.Cartn_transf_matrix[1][2]   ? 
_atom_sites.Cartn_transf_matrix[1][3]   ? 
_atom_sites.Cartn_transf_matrix[2][1]   ? 
_atom_sites.Cartn_transf_matrix[2][2]   ? 
_atom_sites.Cartn_transf_matrix[2][3]   ? 
_atom_sites.Cartn_transf_matrix[3][1]   ? 
_atom_sites.Cartn_transf_matrix[3][2]   ? 
_atom_sites.Cartn_transf_matrix[3][3]   ? 
_atom_sites.Cartn_transf_vector[1]      ? 
_atom_sites.Cartn_transf_vector[2]      ? 
_atom_sites.Cartn_transf_vector[3]      ? 
_atom_sites.fract_transf_matrix[1][1]   -0.00267681 
_atom_sites.fract_transf_matrix[1][2]   0.01510341 
_atom_sites.fract_transf_matrix[1][3]   0.01905118 
_atom_sites.fract_transf_matrix[2][1]   -0.01989592 
_atom_sites.fract_transf_matrix[2][2]   -0.00155795 
_atom_sites.fract_transf_matrix[2][3]   0.01413927 
_atom_sites.fract_transf_matrix[3][1]   0.00252449 
_atom_sites.fract_transf_matrix[3][2]   -0.00354121 
_atom_sites.fract_transf_matrix[3][3]   0.00316211 
_atom_sites.fract_transf_vector[1]      0.355584 
_atom_sites.fract_transf_vector[2]      0.085809 
_atom_sites.fract_transf_vector[3]      0.177619 
_atom_sites.solution_primary            ? 
_atom_sites.solution_secondary          ? 
_atom_sites.solution_hydrogens          ? 
_atom_sites.special_details             ? 
# 
loop_
_atom_type.symbol 
_atom_type.scat_dispersion_real 
_atom_type.scat_dispersion_imag 
_atom_type.scat_Cromer_Mann_a1 
_atom_type.scat_Cromer_Mann_a2 
_atom_type.scat_Cromer_Mann_b1 
_atom_type.scat_Cromer_Mann_b2 
_atom_type.scat_Cromer_Mann_c 
_atom_type.scat_source 
_atom_type.scat_dispersion_source 
C ? ? 3.54356 2.42580 25.62398 1.50364  0.0 
;2-Gaussian fit: Grosse-Kunstleve RW, Sauter NK, Adams PD: Newsletter of the IUCr Commission on Crystallographic Computing 2004, 3, 22-31.
;
? 
N ? ? 4.01032 2.96436 19.97189 1.75589  0.0 
;2-Gaussian fit: Grosse-Kunstleve RW, Sauter NK, Adams PD: Newsletter of the IUCr Commission on Crystallographic Computing 2004, 3, 22-31.
;
? 
O ? ? 4.49882 3.47563 15.80542 1.70748  0.0 
;2-Gaussian fit: Grosse-Kunstleve RW, Sauter NK, Adams PD: Newsletter of the IUCr Commission on Crystallographic Computing 2004, 3, 22-31.
;
? 
P ? ? 9.51135 5.44231 1.42069  35.72801 0.0 
;2-Gaussian fit: Grosse-Kunstleve RW, Sauter NK, Adams PD: Newsletter of the IUCr Commission on Crystallographic Computing 2004, 3, 22-31.
;
? 
# 
loop_
_atom_site.group_PDB 
_atom_site.id 
_atom_site.type_symbol 
_atom_site.label_atom_id 
_atom_site.label_alt_id 
_atom_site.label_comp_id 
_atom_site.label_asym_id 
_atom_site.label_entity_id 
_atom_site.label_seq_id 
_atom_site.pdbx_PDB_ins_code 
_atom_site.Cartn_x 
_atom_site.Cartn_y 
_atom_site.Cartn_z 
_atom_site.occupancy 
_atom_site.B_iso_or_equiv 
_atom_site.pdbx_formal_charge 
_atom_site.auth_seq_id 
_atom_site.auth_comp_id 
_atom_site.auth_asym_id 
_atom_site.auth_atom_id 
_atom_site.pdbx_PDB_model_num 
ATOM   1   O "O5'" . G   A 1 1  ? -5.33049  22.84144  -19.37739 1.000 24.47473 ? 1   G   A "O5'" 1 
ATOM   2   C "C5'" . G   A 1 1  ? -4.20578  23.67347  -19.14180 1.000 21.36518 ? 1   G   A "C5'" 1 
ATOM   3   C "C4'" . G   A 1 1  ? -4.56672  24.85330  -18.27844 1.000 14.99834 ? 1   G   A "C4'" 1 
ATOM   4   O "O4'" . G   A 1 1  ? -5.65051  25.59877  -18.89628 1.000 13.70649 ? 1   G   A "O4'" 1 
ATOM   5   C "C3'" . G   A 1 1  ? -5.09264  24.54018  -16.88560 1.000 17.50263 ? 1   G   A "C3'" 1 
ATOM   6   O "O3'" . G   A 1 1  ? -4.06864  24.23678  -15.95384 1.000 17.29708 ? 1   G   A "O3'" 1 
ATOM   7   C "C2'" . G   A 1 1  ? -5.86489  25.80406  -16.55294 1.000 14.55267 ? 1   G   A "C2'" 1 
ATOM   8   O "O2'" . G   A 1 1  ? -4.96827  26.86583  -16.25516 1.000 16.46068 ? 1   G   A "O2'" 1 
ATOM   9   C "C1'" . G   A 1 1  ? -6.52064  26.09532  -17.89732 1.000 12.22490 ? 1   G   A "C1'" 1 
ATOM   10  N N9    . G   A 1 1  ? -7.80421  25.38003  -18.00288 1.000 11.95946 ? 1   G   A N9    1 
ATOM   11  C C8    . G   A 1 1  ? -8.09342  24.31381  -18.82147 1.000 14.39975 ? 1   G   A C8    1 
ATOM   12  N N7    . G   A 1 1  ? -9.31636  23.87937  -18.66151 1.000 15.78865 ? 1   G   A N7    1 
ATOM   13  C C5    . G   A 1 1  ? -9.84937  24.68366  -17.66735 1.000 11.49936 ? 1   G   A C5    1 
ATOM   14  C C6    . G   A 1 1  ? -11.13409 24.69137  -17.07346 1.000 13.20312 ? 1   G   A C6    1 
ATOM   15  O O6    . G   A 1 1  ? -12.07898 23.93612  -17.30905 1.000 13.95734 ? 1   G   A O6    1 
ATOM   16  N N1    . G   A 1 1  ? -11.27534 25.67390  -16.10692 1.000 11.16239 ? 1   G   A N1    1 
ATOM   17  C C2    . G   A 1 1  ? -10.28086 26.55903  -15.76234 1.000 10.37643 ? 1   G   A C2    1 
ATOM   18  N N2    . G   A 1 1  ? -10.58487 27.45347  -14.81321 1.000 10.03825 ? 1   G   A N2    1 
ATOM   19  N N3    . G   A 1 1  ? -9.08097  26.56807  -16.31159 1.000 11.45881 ? 1   G   A N3    1 
ATOM   20  C C4    . G   A 1 1  ? -8.92759  25.61297  -17.24877 1.000 11.82185 ? 1   G   A C4    1 
ATOM   21  P P     . G   A 1 2  ? -4.30243  23.14984  -14.79470 1.000 19.42502 ? 2   G   A P     1 
ATOM   22  O OP1   . G   A 1 2  ? -2.97452  22.93238  -14.16086 1.000 24.10916 ? 2   G   A OP1   1 
ATOM   23  O OP2   . G   A 1 2  ? -5.05164  21.99357  -15.34124 1.000 19.42815 ? 2   G   A OP2   1 
ATOM   24  O "O5'" . G   A 1 2  ? -5.25310  23.89616  -13.76783 1.000 18.29305 ? 2   G   A "O5'" 1 
ATOM   25  C "C5'" . G   A 1 2  ? -4.86838  25.12358  -13.17708 1.000 16.74586 ? 2   G   A "C5'" 1 
ATOM   26  C "C4'" . G   A 1 2  ? -6.03549  25.75440  -12.47053 1.000 16.84488 ? 2   G   A "C4'" 1 
ATOM   27  O "O4'" . G   A 1 2  ? -7.11629  25.99163  -13.41602 1.000 15.50176 ? 2   G   A "O4'" 1 
ATOM   28  C "C3'" . G   A 1 2  ? -6.68725  24.90239  -11.39508 1.000 16.00616 ? 2   G   A "C3'" 1 
ATOM   29  O "O3'" . G   A 1 2  ? -5.99306  24.91432  -10.16468 1.000 15.29514 ? 2   G   A "O3'" 1 
ATOM   30  C "C2'" . G   A 1 2  ? -8.07547  25.50531  -11.30404 1.000 16.15217 ? 2   G   A "C2'" 1 
ATOM   31  O "O2'" . G   A 1 2  ? -8.03412  26.73892  -10.60090 1.000 17.22588 ? 2   G   A "O2'" 1 
ATOM   32  C "C1'" . G   A 1 2  ? -8.36360  25.79684  -12.77313 1.000 12.28010 ? 2   G   A "C1'" 1 
ATOM   33  N N9    . G   A 1 2  ? -9.08108  24.67426  -13.40837 1.000 11.56276 ? 2   G   A N9    1 
ATOM   34  C C8    . G   A 1 2  ? -8.64049  23.74772  -14.31707 1.000 14.32133 ? 2   G   A C8    1 
ATOM   35  N N7    . G   A 1 2  ? -9.54865  22.87938  -14.65484 1.000 14.10495 ? 2   G   A N7    1 
ATOM   36  C C5    . G   A 1 2  ? -10.67092 23.25198  -13.92243 1.000 12.09962 ? 2   G   A C5    1 
ATOM   37  C C6    . G   A 1 2  ? -11.97569 22.68307  -13.85864 1.000 11.22298 ? 2   G   A C6    1 
ATOM   38  O O6    . G   A 1 2  ? -12.41814 21.70735  -14.47433 1.000 14.74502 ? 2   G   A O6    1 
ATOM   39  N N1    . G   A 1 2  ? -12.79830 23.37507  -12.98117 1.000 11.08671 ? 2   G   A N1    1 
ATOM   40  C C2    . G   A 1 2  ? -12.42588 24.46703  -12.24002 1.000 9.85797  ? 2   G   A C2    1 
ATOM   41  N N2    . G   A 1 2  ? -13.35828 25.00125  -11.44910 1.000 13.45372 ? 2   G   A N2    1 
ATOM   42  N N3    . G   A 1 2  ? -11.21882 25.01319  -12.29123 1.000 13.97545 ? 2   G   A N3    1 
ATOM   43  C C4    . G   A 1 2  ? -10.39819 24.35186  -13.14002 1.000 11.38347 ? 2   G   A C4    1 
ATOM   44  P P     . G   A 1 3  ? -6.19942  23.70174  -9.12695  1.000 15.12760 ? 3   G   A P     1 
ATOM   45  O OP1   . G   A 1 3  ? -5.10746  23.82224  -8.11552  1.000 18.12836 ? 3   G   A OP1   1 
ATOM   46  O OP2   . G   A 1 3  ? -6.39710  22.44126  -9.86467  1.000 13.86888 ? 3   G   A OP2   1 
ATOM   47  O "O5'" . G   A 1 3  ? -7.60035  23.97516  -8.43406  1.000 12.71278 ? 3   G   A "O5'" 1 
ATOM   48  C "C5'" . G   A 1 3  ? -7.78121  25.08596  -7.58057  1.000 12.46944 ? 3   G   A "C5'" 1 
ATOM   49  C "C4'" . G   A 1 3  ? -9.14019  25.03632  -6.94579  1.000 10.51610 ? 3   G   A "C4'" 1 
ATOM   50  O "O4'" . G   A 1 3  ? -10.16447 25.23793  -7.95539  1.000 11.57213 ? 3   G   A "O4'" 1 
ATOM   51  C "C3'" . G   A 1 3  ? -9.53502  23.71679  -6.30865  1.000 12.57155 ? 3   G   A "C3'" 1 
ATOM   52  O "O3'" . G   A 1 3  ? -8.93671  23.50937  -5.04569  1.000 10.98972 ? 3   G   A "O3'" 1 
ATOM   53  C "C2'" . G   A 1 3  ? -11.04490 23.83974  -6.25968  1.000 10.77427 ? 3   G   A "C2'" 1 
ATOM   54  O "O2'" . G   A 1 3  ? -11.41282 24.75661  -5.23509  1.000 9.83424  ? 3   G   A "O2'" 1 
ATOM   55  C "C1'" . G   A 1 3  ? -11.31464 24.49213  -7.61569  1.000 11.07478 ? 3   G   A "C1'" 1 
ATOM   56  N N9    . G   A 1 3  ? -11.54367 23.48186  -8.66713  1.000 9.69917  ? 3   G   A N9    1 
ATOM   57  C C8    . G   A 1 3  ? -10.68173 23.03306  -9.63079  1.000 10.05606 ? 3   G   A C8    1 
ATOM   58  N N7    . G   A 1 3  ? -11.21218 22.10942  -10.39459 1.000 10.12100 ? 3   G   A N7    1 
ATOM   59  C C5    . G   A 1 3  ? -12.49620 21.94948  -9.90358  1.000 8.77469  ? 3   G   A C5    1 
ATOM   60  C C6    . G   A 1 3  ? -13.54869 21.08757  -10.29290 1.000 11.68592 ? 3   G   A C6    1 
ATOM   61  O O6    . G   A 1 3  ? -13.57928 20.28016  -11.22135 1.000 10.15658 ? 3   G   A O6    1 
ATOM   62  N N1    . G   A 1 3  ? -14.67990 21.23545  -9.49624  1.000 8.35028  ? 3   G   A N1    1 
ATOM   63  C C2    . G   A 1 3  ? -14.79894 22.10823  -8.43499  1.000 9.13773  ? 3   G   A C2    1 
ATOM   64  N N2    . G   A 1 3  ? -15.97093 22.10768  -7.76303  1.000 9.43309  ? 3   G   A N2    1 
ATOM   65  N N3    . G   A 1 3  ? -13.82827 22.90742  -8.05039  1.000 10.20149 ? 3   G   A N3    1 
ATOM   66  C C4    . G   A 1 3  ? -12.71459 22.77545  -8.81571  1.000 8.49871  ? 3   G   A C4    1 
ATOM   67  P P     . C   A 1 4  ? -8.51715  22.03571  -4.57511  1.000 11.97320 ? 4   C   A P     1 
ATOM   68  O OP1   . C   A 1 4  ? -7.85728  22.24789  -3.25595  1.000 12.73863 ? 4   C   A OP1   1 
ATOM   69  O OP2   . C   A 1 4  ? -7.79354  21.28713  -5.62839  1.000 12.85648 ? 4   C   A OP2   1 
ATOM   70  O "O5'" . C   A 1 4  ? -9.89857  21.28004  -4.41518  1.000 10.27660 ? 4   C   A "O5'" 1 
ATOM   71  C "C5'" . C   A 1 4  ? -10.82835 21.68267  -3.42605  1.000 9.00729  ? 4   C   A "C5'" 1 
ATOM   72  C "C4'" . C   A 1 4  ? -12.13155 20.95610  -3.59979  1.000 9.20750  ? 4   C   A "C4'" 1 
ATOM   73  O "O4'" . C   A 1 4  ? -12.72444 21.28503  -4.88460  1.000 8.76874  ? 4   C   A "O4'" 1 
ATOM   74  C "C3'" . C   A 1 4  ? -12.06954 19.44534  -3.63275  1.000 10.13060 ? 4   C   A "C3'" 1 
ATOM   75  O "O3'" . C   A 1 4  ? -11.84145 18.87673  -2.35866  1.000 9.24448  ? 4   C   A "O3'" 1 
ATOM   76  C "C2'" . C   A 1 4  ? -13.41669 19.10757  -4.24828  1.000 8.93140  ? 4   C   A "C2'" 1 
ATOM   77  O "O2'" . C   A 1 4  ? -14.45527 19.31606  -3.29651  1.000 9.74114  ? 4   C   A "O2'" 1 
ATOM   78  C "C1'" . C   A 1 4  ? -13.50949 20.19267  -5.32810  1.000 8.52401  ? 4   C   A "C1'" 1 
ATOM   79  N N1    . C   A 1 4  ? -12.94499 19.67398  -6.59205  1.000 9.14488  ? 4   C   A N1    1 
ATOM   80  C C2    . C   A 1 4  ? -13.76796 18.84411  -7.35661  1.000 9.52320  ? 4   C   A C2    1 
ATOM   81  O O2    . C   A 1 4  ? -14.93009 18.64601  -6.98071  1.000 9.39015  ? 4   C   A O2    1 
ATOM   82  N N3    . C   A 1 4  ? -13.27555 18.29461  -8.49178  1.000 9.01122  ? 4   C   A N3    1 
ATOM   83  C C4    . C   A 1 4  ? -12.01810 18.54608  -8.85132  1.000 9.26828  ? 4   C   A C4    1 
ATOM   84  N N4    . C   A 1 4  ? -11.57911 17.98908  -9.98149  1.000 11.71411 ? 4   C   A N4    1 
ATOM   85  C C5    . C   A 1 4  ? -11.14860 19.37484  -8.08712  1.000 9.17473  ? 4   C   A C5    1 
ATOM   86  C C6    . C   A 1 4  ? -11.64469 19.90790  -6.96487  1.000 10.57687 ? 4   C   A C6    1 
ATOM   87  P P     . C   A 1 5  ? -11.02152 17.50281  -2.20008  1.000 9.64527  ? 5   C   A P     1 
ATOM   88  O OP1   . C   A 1 5  ? -10.93040 17.24005  -0.75855  1.000 10.27524 ? 5   C   A OP1   1 
ATOM   89  O OP2   . C   A 1 5  ? -9.78174  17.58436  -3.01342  1.000 11.35597 ? 5   C   A OP2   1 
ATOM   90  O "O5'" . C   A 1 5  ? -11.95252 16.40421  -2.85108  1.000 9.94743  ? 5   C   A "O5'" 1 
ATOM   91  C "C5'" . C   A 1 5  ? -13.17893 16.09326  -2.21128  1.000 10.33974 ? 5   C   A "C5'" 1 
ATOM   92  C "C4'" . C   A 1 5  ? -14.03558 15.18263  -3.05075  1.000 10.38720 ? 5   C   A "C4'" 1 
ATOM   93  O "O4'" . C   A 1 5  ? -14.33245 15.77198  -4.34929  1.000 8.94062  ? 5   C   A "O4'" 1 
ATOM   94  C "C3'" . C   A 1 5  ? -13.43566 13.84135  -3.40387  1.000 11.00995 ? 5   C   A "C3'" 1 
ATOM   95  O "O3'" . C   A 1 5  ? -13.45081 12.95751  -2.30327  1.000 10.87518 ? 5   C   A "O3'" 1 
ATOM   96  C "C2'" . C   A 1 5  ? -14.33055 13.41722  -4.55179  1.000 9.27416  ? 5   C   A "C2'" 1 
ATOM   97  O "O2'" . C   A 1 5  ? -15.60750 13.05757  -4.03660  1.000 11.20194 ? 5   C   A "O2'" 1 
ATOM   98  C "C1'" . C   A 1 5  ? -14.46484 14.74496  -5.30603  1.000 8.53006  ? 5   C   A "C1'" 1 
ATOM   99  N N1    . C   A 1 5  ? -13.37708 14.88724  -6.30648  1.000 9.78833  ? 5   C   A N1    1 
ATOM   100 C C2    . C   A 1 5  ? -13.52541 14.17561  -7.49696  1.000 10.76290 ? 5   C   A C2    1 
ATOM   101 O O2    . C   A 1 5  ? -14.56253 13.51334  -7.63912  1.000 10.88891 ? 5   C   A O2    1 
ATOM   102 N N3    . C   A 1 5  ? -12.55231 14.22854  -8.44530  1.000 10.35824 ? 5   C   A N3    1 
ATOM   103 C C4    . C   A 1 5  ? -11.46103 14.96058  -8.24065  1.000 10.78576 ? 5   C   A C4    1 
ATOM   104 N N4    . C   A 1 5  ? -10.53138 14.97420  -9.20738  1.000 12.89811 ? 5   C   A N4    1 
ATOM   105 C C5    . C   A 1 5  ? -11.27050 15.68840  -7.03024  1.000 10.95168 ? 5   C   A C5    1 
ATOM   106 C C6    . C   A 1 5  ? -12.23986 15.62614  -6.09559  1.000 10.43913 ? 5   C   A C6    1 
ATOM   107 P P     . A   A 1 6  ? -12.35683 11.78216  -2.17619  1.000 13.46300 ? 6   A   A P     1 
ATOM   108 O OP1   . A   A 1 6  ? -12.65710 11.09301  -0.89115  1.000 15.38461 ? 6   A   A OP1   1 
ATOM   109 O OP2   . A   A 1 6  ? -11.00544 12.31631  -2.43922  1.000 16.38125 ? 6   A   A OP2   1 
ATOM   110 O "O5'" . A   A 1 6  ? -12.70381 10.81364  -3.38451  1.000 12.85812 ? 6   A   A "O5'" 1 
ATOM   111 C "C5'" . A   A 1 6  ? -13.96645 10.17875  -3.48419  1.000 14.25416 ? 6   A   A "C5'" 1 
ATOM   112 C "C4'" . A   A 1 6  ? -14.10404 9.51973   -4.82958  1.000 17.48997 ? 6   A   A "C4'" 1 
ATOM   113 O "O4'" . A   A 1 6  ? -14.01057 10.51496  -5.88346  1.000 14.34036 ? 6   A   A "O4'" 1 
ATOM   114 C "C3'" . A   A 1 6  ? -13.00507 8.53082   -5.16291  1.000 18.41392 ? 6   A   A "C3'" 1 
ATOM   115 O "O3'" . A   A 1 6  ? -13.23166 7.28139   -4.53928  1.000 17.78790 ? 6   A   A "O3'" 1 
ATOM   116 C "C2'" . A   A 1 6  ? -13.03640 8.50484   -6.68632  1.000 18.34683 ? 6   A   A "C2'" 1 
ATOM   117 O "O2'" . A   A 1 6  ? -14.12692 7.72845   -7.15391  1.000 21.04259 ? 6   A   A "O2'" 1 
ATOM   118 C "C1'" . A   A 1 6  ? -13.33584 9.97186   -7.00147  1.000 12.06555 ? 6   A   A "C1'" 1 
ATOM   119 N N9    . A   A 1 6  ? -12.10005 10.73864  -7.21409  1.000 12.56127 ? 6   A   A N9    1 
ATOM   120 C C8    . A   A 1 6  ? -11.47945 11.59316  -6.33450  1.000 12.21006 ? 6   A   A C8    1 
ATOM   121 N N7    . A   A 1 6  ? -10.37869 12.12045  -6.81226  1.000 13.26345 ? 6   A   A N7    1 
ATOM   122 C C5    . A   A 1 6  ? -10.26947 11.57877  -8.08716  1.000 13.16141 ? 6   A   A C5    1 
ATOM   123 C C6    . A   A 1 6  ? -9.31627  11.73530  -9.09967  1.000 13.69005 ? 6   A   A C6    1 
ATOM   124 N N6    . A   A 1 6  ? -8.24149  12.52637  -9.00819  1.000 16.42441 ? 6   A   A N6    1 
ATOM   125 N N1    . A   A 1 6  ? -9.51562  11.04459  -10.24397 1.000 15.13252 ? 6   A   A N1    1 
ATOM   126 C C2    . A   A 1 6  ? -10.59270 10.25502  -10.34777 1.000 12.28776 ? 6   A   A C2    1 
ATOM   127 N N3    . A   A 1 6  ? -11.55164 10.02261  -9.46455  1.000 14.88404 ? 6   A   A N3    1 
ATOM   128 C C4    . A   A 1 6  ? -11.32375 10.72273  -8.34134  1.000 12.23719 ? 6   A   A C4    1 
ATOM   129 P P     . G   A 1 7  ? -12.15507 6.08661   -4.61131  1.000 17.83931 ? 7   G   A P     1 
ATOM   130 O OP1   . G   A 1 7  ? -12.33375 5.33124   -3.34083  1.000 23.52594 ? 7   G   A OP1   1 
ATOM   131 O OP2   . G   A 1 7  ? -10.81020 6.57521   -4.98031  1.000 19.70662 ? 7   G   A OP2   1 
ATOM   132 O "O5'" . G   A 1 7  ? -12.70294 5.18341   -5.79391  1.000 17.98662 ? 7   G   A "O5'" 1 
ATOM   133 C "C5'" . G   A 1 7  ? -14.07458 4.82935   -5.85743  1.000 18.45179 ? 7   G   A "C5'" 1 
ATOM   134 C "C4'" . G   A 1 7  ? -14.38283 4.09326   -7.13213  1.000 18.50615 ? 7   G   A "C4'" 1 
ATOM   135 O "O4'" . G   A 1 7  ? -14.25546 4.99515   -8.25877  1.000 18.70873 ? 7   G   A "O4'" 1 
ATOM   136 C "C3'" . G   A 1 7  ? -13.44626 2.94759   -7.47259  1.000 18.19675 ? 7   G   A "C3'" 1 
ATOM   137 O "O3'" . G   A 1 7  ? -13.76947 1.76452   -6.76912  1.000 19.87198 ? 7   G   A "O3'" 1 
ATOM   138 C "C2'" . G   A 1 7  ? -13.60775 2.83576   -8.97934  1.000 20.26190 ? 7   G   A "C2'" 1 
ATOM   139 O "O2'" . G   A 1 7  ? -14.84182 2.21100   -9.30566  1.000 22.07486 ? 7   G   A "O2'" 1 
ATOM   140 C "C1'" . G   A 1 7  ? -13.71713 4.30477   -9.36672  1.000 18.81235 ? 7   G   A "C1'" 1 
ATOM   141 N N9    . G   A 1 7  ? -12.40995 4.90506   -9.68455  1.000 18.18549 ? 7   G   A N9    1 
ATOM   142 C C8    . G   A 1 7  ? -11.69598 5.80734   -8.93207  1.000 18.44114 ? 7   G   A C8    1 
ATOM   143 N N7    . G   A 1 7  ? -10.58085 6.17942   -9.49168  1.000 16.89208 ? 7   G   A N7    1 
ATOM   144 C C5    . G   A 1 7  ? -10.55864 5.48281   -10.69887 1.000 14.86357 ? 7   G   A C5    1 
ATOM   145 C C6    . G   A 1 7  ? -9.60829  5.49124   -11.75022 1.000 15.91634 ? 7   G   A C6    1 
ATOM   146 O O6    . G   A 1 7  ? -8.54370  6.11027   -11.83296 1.000 17.14078 ? 7   G   A O6    1 
ATOM   147 N N1    . G   A 1 7  ? -9.98529  4.63377   -12.77996 1.000 14.19447 ? 7   G   A N1    1 
ATOM   148 C C2    . G   A 1 7  ? -11.14290 3.90488   -12.79810 1.000 14.11345 ? 7   G   A C2    1 
ATOM   149 N N2    . G   A 1 7  ? -11.33663 3.14340   -13.88193 1.000 15.36610 ? 7   G   A N2    1 
ATOM   150 N N3    . G   A 1 7  ? -12.04206 3.89495   -11.83884 1.000 15.59336 ? 7   G   A N3    1 
ATOM   151 C C4    . G   A 1 7  ? -11.68722 4.70996   -10.82982 1.000 15.79169 ? 7   G   A C4    1 
ATOM   152 P P     . C   A 1 8  ? -12.61832 0.78348   -6.25143  1.000 18.97639 ? 8   C   A P     1 
ATOM   153 O OP1   . C   A 1 8  ? -13.31500 -0.22736  -5.40251  1.000 23.96291 ? 8   C   A OP1   1 
ATOM   154 O OP2   . C   A 1 8  ? -11.47416 1.52633   -5.69102  1.000 23.02266 ? 8   C   A OP2   1 
ATOM   155 O "O5'" . C   A 1 8  ? -12.11089 0.07574   -7.58306  1.000 16.24692 ? 8   C   A "O5'" 1 
ATOM   156 C "C5'" . C   A 1 8  ? -12.98899 -0.73143  -8.35106  1.000 17.28161 ? 8   C   A "C5'" 1 
ATOM   157 C "C4'" . C   A 1 8  ? -12.35104 -1.14650  -9.65081  1.000 16.46026 ? 8   C   A "C4'" 1 
ATOM   158 O "O4'" . C   A 1 8  ? -12.13708 0.01889   -10.49109 1.000 16.50278 ? 8   C   A "O4'" 1 
ATOM   159 C "C3'" . C   A 1 8  ? -10.97021 -1.75957  -9.54955  1.000 15.67314 ? 8   C   A "C3'" 1 
ATOM   160 O "O3'" . C   A 1 8  ? -10.97906 -3.10718  -9.11786  1.000 15.32044 ? 8   C   A "O3'" 1 
ATOM   161 C "C2'" . C   A 1 8  ? -10.43722 -1.56391  -10.95808 1.000 14.35388 ? 8   C   A "C2'" 1 
ATOM   162 O "O2'" . C   A 1 8  ? -11.04719 -2.48963  -11.84615 1.000 16.95004 ? 8   C   A "O2'" 1 
ATOM   163 C "C1'" . C   A 1 8  ? -10.97519 -0.17158  -11.27656 1.000 14.03112 ? 8   C   A "C1'" 1 
ATOM   164 N N1    . C   A 1 8  ? -9.98809  0.87776   -10.92800 1.000 14.01596 ? 8   C   A N1    1 
ATOM   165 C C2    . C   A 1 8  ? -8.97856  1.10250   -11.85754 1.000 14.61639 ? 8   C   A C2    1 
ATOM   166 O O2    . C   A 1 8  ? -8.97849  0.42780   -12.88834 1.000 16.56734 ? 8   C   A O2    1 
ATOM   167 N N3    . C   A 1 8  ? -8.04836  2.04937   -11.59165 1.000 14.71256 ? 8   C   A N3    1 
ATOM   168 C C4    . C   A 1 8  ? -8.09523  2.75379   -10.46814 1.000 14.47933 ? 8   C   A C4    1 
ATOM   169 N N4    . C   A 1 8  ? -7.14644  3.67767   -10.26963 1.000 17.42754 ? 8   C   A N4    1 
ATOM   170 C C5    . C   A 1 8  ? -9.11749  2.54621   -9.48783  1.000 14.47565 ? 8   C   A C5    1 
ATOM   171 C C6    . C   A 1 8  ? -10.03485 1.60029   -9.76128  1.000 15.22023 ? 8   C   A C6    1 
ATOM   172 P P     . A   A 1 9  ? -9.75646  -3.67958  -8.25932  1.000 16.54160 ? 9   A   A P     1 
ATOM   173 O OP1   . A   A 1 9  ? -10.15944 -5.07605  -7.91086  1.000 18.85327 ? 9   A   A OP1   1 
ATOM   174 O OP2   . A   A 1 9  ? -9.35562  -2.71343  -7.20477  1.000 17.63293 ? 9   A   A OP2   1 
ATOM   175 O "O5'" . A   A 1 9  ? -8.56832  -3.76196  -9.30729  1.000 14.67990 ? 9   A   A "O5'" 1 
ATOM   176 C "C5'" . A   A 1 9  ? -8.72714  -4.51503  -10.50018 1.000 14.61988 ? 9   A   A "C5'" 1 
ATOM   177 C "C4'" . A   A 1 9  ? -7.60173  -4.24863  -11.45738 1.000 16.78444 ? 9   A   A "C4'" 1 
ATOM   178 O "O4'" . A   A 1 9  ? -7.62064  -2.85972  -11.88044 1.000 16.10472 ? 9   A   A "O4'" 1 
ATOM   179 C "C3'" . A   A 1 9  ? -6.21614  -4.44010  -10.88926 1.000 17.74941 ? 9   A   A "C3'" 1 
ATOM   180 O "O3'" . A   A 1 9  ? -5.86624  -5.80935  -10.84501 1.000 18.68744 ? 9   A   A "O3'" 1 
ATOM   181 C "C2'" . A   A 1 9  ? -5.35579  -3.58266  -11.81512 1.000 14.47810 ? 9   A   A "C2'" 1 
ATOM   182 O "O2'" . A   A 1 9  ? -5.09423  -4.25128  -13.03900 1.000 17.04312 ? 9   A   A "O2'" 1 
ATOM   183 C "C1'" . A   A 1 9  ? -6.29927  -2.41050  -12.10184 1.000 16.30193 ? 9   A   A "C1'" 1 
ATOM   184 N N9    . A   A 1 9  ? -6.04265  -1.27006  -11.20877 1.000 15.37315 ? 9   A   A N9    1 
ATOM   185 C C8    . A   A 1 9  ? -6.69006  -0.95110  -10.04477 1.000 16.19297 ? 9   A   A C8    1 
ATOM   186 N N7    . A   A 1 9  ? -6.21404  0.12777   -9.46781  1.000 18.08764 ? 9   A   A N7    1 
ATOM   187 C C5    . A   A 1 9  ? -5.19381  0.53985   -10.31266 1.000 16.41233 ? 9   A   A C5    1 
ATOM   188 C C6    . A   A 1 9  ? -4.30528  1.62558   -10.25628 1.000 16.52281 ? 9   A   A C6    1 
ATOM   189 N N6    . A   A 1 9  ? -4.31369  2.52531   -9.26561  1.000 20.69534 ? 9   A   A N6    1 
ATOM   190 N N1    . A   A 1 9  ? -3.40816  1.74542   -11.25862 1.000 16.64275 ? 9   A   A N1    1 
ATOM   191 C C2    . A   A 1 9  ? -3.40752  0.84308   -12.24198 1.000 17.35978 ? 9   A   A C2    1 
ATOM   192 N N3    . A   A 1 9  ? -4.18953  -0.22709  -12.40821 1.000 15.70989 ? 9   A   A N3    1 
ATOM   193 C C4    . A   A 1 9  ? -5.07365  -0.31053  -11.39580 1.000 16.06405 ? 9   A   A C4    1 
ATOM   194 P P     . G   A 1 10 ? -4.66115  -6.31635  -9.92195  1.000 19.55903 ? 10  G   A P     1 
ATOM   195 O OP1   . G   A 1 10 ? -4.67144  -7.80380  -9.96062  1.000 22.46285 ? 10  G   A OP1   1 
ATOM   196 O OP2   . G   A 1 10 ? -4.63778  -5.60645  -8.61947  1.000 20.25555 ? 10  G   A OP2   1 
ATOM   197 O "O5'" . G   A 1 10 ? -3.39052  -5.85106  -10.74730 1.000 18.93679 ? 10  G   A "O5'" 1 
ATOM   198 C "C5'" . G   A 1 10 ? -2.27099  -5.29880  -10.09583 1.000 17.98707 ? 10  G   A "C5'" 1 
ATOM   199 C "C4'" . G   A 1 10 ? -1.30850  -4.76457  -11.11433 1.000 18.54996 ? 10  G   A "C4'" 1 
ATOM   200 O "O4'" . G   A 1 10 ? -1.80987  -3.50551  -11.62890 1.000 17.71739 ? 10  G   A "O4'" 1 
ATOM   201 C "C3'" . G   A 1 10 ? 0.07053   -4.43039  -10.58445 1.000 18.03776 ? 10  G   A "C3'" 1 
ATOM   202 O "O3'" . G   A 1 10 ? 0.89844   -5.57148  -10.53519 1.000 19.07684 ? 10  G   A "O3'" 1 
ATOM   203 C "C2'" . G   A 1 10 ? 0.55057   -3.35965  -11.54997 1.000 15.39747 ? 10  G   A "C2'" 1 
ATOM   204 O "O2'" . G   A 1 10 ? 0.99155   -3.94652  -12.76483 1.000 18.26778 ? 10  G   A "O2'" 1 
ATOM   205 C "C1'" . G   A 1 10 ? -0.74364  -2.59997  -11.81269 1.000 16.67451 ? 10  G   A "C1'" 1 
ATOM   206 N N9    . G   A 1 10 ? -0.92846  -1.48463  -10.86262 1.000 15.21265 ? 10  G   A N9    1 
ATOM   207 C C8    . G   A 1 10 ? -1.87659  -1.35486  -9.87233  1.000 15.55359 ? 10  G   A C8    1 
ATOM   208 N N7    . G   A 1 10 ? -1.77481  -0.23445  -9.19844  1.000 17.12162 ? 10  G   A N7    1 
ATOM   209 C C5    . G   A 1 10 ? -0.69533  0.42020   -9.78651  1.000 14.94004 ? 10  G   A C5    1 
ATOM   210 C C6    . G   A 1 10 ? -0.11137  1.68551   -9.50047  1.000 15.93949 ? 10  G   A C6    1 
ATOM   211 O O6    . G   A 1 10 ? -0.43614  2.51063   -8.63054  1.000 19.03877 ? 10  G   A O6    1 
ATOM   212 N N1    . G   A 1 10 ? 0.96583   1.95014   -10.34759 1.000 15.64903 ? 10  G   A N1    1 
ATOM   213 C C2    . G   A 1 10 ? 1.40407   1.11322   -11.34957 1.000 17.67669 ? 10  G   A C2    1 
ATOM   214 N N2    . G   A 1 10 ? 2.46210   1.52990   -12.06736 1.000 17.38638 ? 10  G   A N2    1 
ATOM   215 N N3    . G   A 1 10 ? 0.85853   -0.06566  -11.63252 1.000 15.60718 ? 10  G   A N3    1 
ATOM   216 C C4    . G   A 1 10 ? -0.17394  -0.33522  -10.81285 1.000 16.33200 ? 10  G   A C4    1 
ATOM   217 P P     . C   A 1 11 ? 1.98472   -5.72313  -9.36208  1.000 20.28502 ? 11  C   A P     1 
ATOM   218 O OP1   . C   A 1 11 ? 2.56917   -7.08125  -9.48470  1.000 25.23844 ? 11  C   A OP1   1 
ATOM   219 O OP2   . C   A 1 11 ? 1.37668   -5.28068  -8.08790  1.000 21.18113 ? 11  C   A OP2   1 
ATOM   220 O "O5'" . C   A 1 11 ? 3.09840   -4.65844  -9.75980  1.000 21.02007 ? 11  C   A "O5'" 1 
ATOM   221 C "C5'" . C   A 1 11 ? 3.81732   -4.77583  -10.97567 1.000 22.45245 ? 11  C   A "C5'" 1 
ATOM   222 C "C4'" . C   A 1 11 ? 4.70439   -3.57785  -11.18899 1.000 25.39880 ? 11  C   A "C4'" 1 
ATOM   223 O "O4'" . C   A 1 11 ? 3.89703   -2.37544  -11.26516 1.000 22.68390 ? 11  C   A "O4'" 1 
ATOM   224 C "C3'" . C   A 1 11 ? 5.68682   -3.28703  -10.06820 1.000 27.65819 ? 11  C   A "C3'" 1 
ATOM   225 O "O3'" . C   A 1 11 ? 6.84306   -4.10082  -10.13467 1.000 30.63674 ? 11  C   A "O3'" 1 
ATOM   226 C "C2'" . C   A 1 11 ? 5.96638   -1.80194  -10.24866 1.000 25.86491 ? 11  C   A "C2'" 1 
ATOM   227 O "O2'" . C   A 1 11 ? 6.87595   -1.59409  -11.31952 1.000 26.55062 ? 11  C   A "O2'" 1 
ATOM   228 C "C1'" . C   A 1 11 ? 4.59438   -1.29011  -10.68511 1.000 24.78404 ? 11  C   A "C1'" 1 
ATOM   229 N N1    . C   A 1 11 ? 3.79337   -0.74326  -9.56160  1.000 20.77132 ? 11  C   A N1    1 
ATOM   230 C C2    . C   A 1 11 ? 4.09903   0.54042   -9.08168  1.000 20.95361 ? 11  C   A C2    1 
ATOM   231 O O2    . C   A 1 11 ? 5.04640   1.15511   -9.59599  1.000 24.09411 ? 11  C   A O2    1 
ATOM   232 N N3    . C   A 1 11 ? 3.37510   1.07549   -8.07047  1.000 19.53285 ? 11  C   A N3    1 
ATOM   233 C C4    . C   A 1 11 ? 2.36116   0.38239   -7.53946  1.000 17.89231 ? 11  C   A C4    1 
ATOM   234 N N4    . C   A 1 11 ? 1.65842   0.93804   -6.54938  1.000 20.19406 ? 11  C   A N4    1 
ATOM   235 C C5    . C   A 1 11 ? 2.01689   -0.92166  -8.01161  1.000 19.22076 ? 11  C   A C5    1 
ATOM   236 C C6    . C   A 1 11 ? 2.74882   -1.44031  -9.01147  1.000 20.82421 ? 11  C   A C6    1 
ATOM   237 P P     . A   A 1 12 ? 7.43355   -4.76469  -8.79869  1.000 33.76040 ? 12  A   A P     1 
ATOM   238 O OP1   . A   A 1 12 ? 8.41597   -5.80236  -9.20888  1.000 41.23709 ? 12  A   A OP1   1 
ATOM   239 O OP2   . A   A 1 12 ? 6.29787   -5.12264  -7.91044  1.000 33.74565 ? 12  A   A OP2   1 
ATOM   240 O "O5'" . A   A 1 12 ? 8.23760   -3.57134  -8.11963  1.000 38.44041 ? 12  A   A "O5'" 1 
ATOM   241 C "C5'" . A   A 1 12 ? 9.27656   -2.91987  -8.82985  1.000 37.62731 ? 12  A   A "C5'" 1 
ATOM   242 C "C4'" . A   A 1 12 ? 9.54228   -1.54217  -8.28592  1.000 38.97126 ? 12  A   A "C4'" 1 
ATOM   243 O "O4'" . A   A 1 12 ? 8.36475   -0.71043  -8.42966  1.000 38.56710 ? 12  A   A "O4'" 1 
ATOM   244 C "C3'" . A   A 1 12 ? 9.86160   -1.45557  -6.80651  1.000 39.44730 ? 12  A   A "C3'" 1 
ATOM   245 O "O3'" . A   A 1 12 ? 11.19471  -1.82019  -6.50820  1.000 42.36064 ? 12  A   A "O3'" 1 
ATOM   246 C "C2'" . A   A 1 12 ? 9.53895   -0.00243  -6.49169  1.000 39.16649 ? 12  A   A "C2'" 1 
ATOM   247 O "O2'" . A   A 1 12 ? 10.58084  0.85119   -6.94325  1.000 41.31273 ? 12  A   A "O2'" 1 
ATOM   248 C "C1'" . A   A 1 12 ? 8.31320   0.22555   -7.37395  1.000 37.87373 ? 12  A   A "C1'" 1 
ATOM   249 N N9    . A   A 1 12 ? 7.05849   0.03275   -6.63166  1.000 31.25025 ? 12  A   A N9    1 
ATOM   250 C C8    . A   A 1 12 ? 6.21134   -1.04644  -6.65021  1.000 29.78776 ? 12  A   A C8    1 
ATOM   251 N N7    . A   A 1 12 ? 5.16800   -0.89782  -5.87269  1.000 29.05095 ? 12  A   A N7    1 
ATOM   252 C C5    . A   A 1 12 ? 5.34652   0.35910   -5.30685  1.000 27.57880 ? 12  A   A C5    1 
ATOM   253 C C6    . A   A 1 12 ? 4.58122   1.10301   -4.39249  1.000 27.55703 ? 12  A   A C6    1 
ATOM   254 N N6    . A   A 1 12 ? 3.43525   0.67058   -3.86201  1.000 26.70249 ? 12  A   A N6    1 
ATOM   255 N N1    . A   A 1 12 ? 5.04179   2.32007   -4.03869  1.000 29.74426 ? 12  A   A N1    1 
ATOM   256 C C2    . A   A 1 12 ? 6.19414   2.75651   -4.57038  1.000 33.58619 ? 12  A   A C2    1 
ATOM   257 N N3    . A   A 1 12 ? 7.00356   2.15386   -5.43687  1.000 35.38811 ? 12  A   A N3    1 
ATOM   258 C C4    . A   A 1 12 ? 6.50868   0.94471   -5.76636  1.000 32.48525 ? 12  A   A C4    1 
ATOM   259 P P     . G   A 1 13 ? 11.56230  -2.36048  -5.04352  1.000 45.88794 ? 13  G   A P     1 
ATOM   260 O OP1   . G   A 1 13 ? 13.03432  -2.25003  -4.87862  1.000 52.46412 ? 13  G   A OP1   1 
ATOM   261 O OP2   . G   A 1 13 ? 10.89774  -3.67000  -4.83441  1.000 44.24433 ? 13  G   A OP2   1 
ATOM   262 O "O5'" . G   A 1 13 ? 10.86089  -1.31200  -4.07410  1.000 40.96250 ? 13  G   A "O5'" 1 
ATOM   263 C "C5'" . G   A 1 13 ? 11.50300  -0.88214  -2.89197  1.000 35.98821 ? 13  G   A "C5'" 1 
ATOM   264 C "C4'" . G   A 1 13 ? 11.56342  0.62064   -2.79390  1.000 32.79051 ? 13  G   A "C4'" 1 
ATOM   265 O "O4'" . G   A 1 13 ? 10.38886  1.21968   -3.39821  1.000 34.01855 ? 13  G   A "O4'" 1 
ATOM   266 C "C3'" . G   A 1 13 ? 11.56128  1.14388   -1.37197  1.000 31.40758 ? 13  G   A "C3'" 1 
ATOM   267 O "O3'" . G   A 1 13 ? 12.84322  1.10443   -0.78485  1.000 30.15487 ? 13  G   A "O3'" 1 
ATOM   268 C "C2'" . G   A 1 13 ? 10.97756  2.53879   -1.51149  1.000 31.02437 ? 13  G   A "C2'" 1 
ATOM   269 O "O2'" . G   A 1 13 ? 11.96484  3.45871   -1.94891  1.000 32.47713 ? 13  G   A "O2'" 1 
ATOM   270 C "C1'" . G   A 1 13 ? 9.95919   2.32613   -2.63021  1.000 31.51348 ? 13  G   A "C1'" 1 
ATOM   271 N N9    . G   A 1 13 ? 8.61342   2.01694   -2.10878  1.000 26.57689 ? 13  G   A N9    1 
ATOM   272 C C8    . G   A 1 13 ? 7.88468   0.89281   -2.41769  1.000 25.80492 ? 13  G   A C8    1 
ATOM   273 N N7    . G   A 1 13 ? 6.71769   0.85765   -1.83863  1.000 23.11301 ? 13  G   A N7    1 
ATOM   274 C C5    . G   A 1 13 ? 6.66889   2.03050   -1.09576  1.000 23.74068 ? 13  G   A C5    1 
ATOM   275 C C6    . G   A 1 13 ? 5.63975   2.53297   -0.25386  1.000 20.51296 ? 13  G   A C6    1 
ATOM   276 O O6    . G   A 1 13 ? 4.54259   2.01905   -0.00083  1.000 24.82237 ? 13  G   A O6    1 
ATOM   277 N N1    . G   A 1 13 ? 5.99447   3.75176   0.31177   1.000 19.53262 ? 13  G   A N1    1 
ATOM   278 C C2    . G   A 1 13 ? 7.18357   4.40550   0.09216   1.000 24.60664 ? 13  G   A C2    1 
ATOM   279 N N2    . G   A 1 13 ? 7.34478   5.57668   0.72419   1.000 24.69441 ? 13  G   A N2    1 
ATOM   280 N N3    . G   A 1 13 ? 8.14769   3.94723   -0.69168  1.000 25.26740 ? 13  G   A N3    1 
ATOM   281 C C4    . G   A 1 13 ? 7.82823   2.76189   -1.25067  1.000 25.01199 ? 13  G   A C4    1 
ATOM   282 P P     . C   A 1 14 ? 13.00561  0.41393   0.64711   1.000 31.79277 ? 14  C   A P     1 
ATOM   283 O OP1   . C   A 1 14 ? 14.45882  0.21744   0.89297   1.000 34.47650 ? 14  C   A OP1   1 
ATOM   284 O OP2   . C   A 1 14 ? 12.07827  -0.74173  0.72887   1.000 30.75842 ? 14  C   A OP2   1 
ATOM   285 O "O5'" . C   A 1 14 ? 12.45880  1.53104   1.63491   1.000 26.95828 ? 14  C   A "O5'" 1 
ATOM   286 C "C5'" . C   A 1 14 ? 13.01523  2.83331   1.62066   1.000 24.32849 ? 14  C   A "C5'" 1 
ATOM   287 C "C4'" . C   A 1 14 ? 12.22972  3.75820   2.50487   1.000 20.73413 ? 14  C   A "C4'" 1 
ATOM   288 O "O4'" . C   A 1 14 ? 10.91822  3.98923   1.92942   1.000 22.97750 ? 14  C   A "O4'" 1 
ATOM   289 C "C3'" . C   A 1 14 ? 11.92439  3.23476   3.89509   1.000 23.58144 ? 14  C   A "C3'" 1 
ATOM   290 O "O3'" . C   A 1 14 ? 13.01581  3.36155   4.78652   1.000 23.92097 ? 14  C   A "O3'" 1 
ATOM   291 C "C2'" . C   A 1 14 ? 10.70921  4.05762   4.29169   1.000 21.76567 ? 14  C   A "C2'" 1 
ATOM   292 O "O2'" . C   A 1 14 ? 11.09376  5.37092   4.66601   1.000 24.39800 ? 14  C   A "O2'" 1 
ATOM   293 C "C1'" . C   A 1 14 ? 9.96650   4.15086   2.96049   1.000 21.97358 ? 14  C   A "C1'" 1 
ATOM   294 N N1    . C   A 1 14 ? 8.91530   3.11634   2.81609   1.000 19.13818 ? 14  C   A N1    1 
ATOM   295 C C2    . C   A 1 14 ? 7.72347   3.30486   3.52270   1.000 18.32209 ? 14  C   A C2    1 
ATOM   296 O O2    . C   A 1 14 ? 7.61191   4.30671   4.24118   1.000 19.72006 ? 14  C   A O2    1 
ATOM   297 N N3    . C   A 1 14 ? 6.72657   2.40069   3.41198   1.000 18.52751 ? 14  C   A N3    1 
ATOM   298 C C4    . C   A 1 14 ? 6.88599   1.33271   2.63421   1.000 16.93306 ? 14  C   A C4    1 
ATOM   299 N N4    . C   A 1 14 ? 5.87109   0.46277   2.55533   1.000 18.92239 ? 14  C   A N4    1 
ATOM   300 C C5    . C   A 1 14 ? 8.09358   1.11028   1.89671   1.000 19.45329 ? 14  C   A C5    1 
ATOM   301 C C6    . C   A 1 14 ? 9.07363   2.01933   2.01423   1.000 19.55985 ? 14  C   A C6    1 
ATOM   302 P P     . A   A 1 15 ? 13.34359  2.18159   5.82060   1.000 25.35371 ? 15  A   A P     1 
ATOM   303 O OP1   . A   A 1 15 ? 14.57166  2.57955   6.56491   1.000 27.34673 ? 15  A   A OP1   1 
ATOM   304 O OP2   . A   A 1 15 ? 13.30828  0.87056   5.13614   1.000 26.45491 ? 15  A   A OP2   1 
ATOM   305 O "O5'" . A   A 1 15 ? 12.12052  2.21039   6.84116   1.000 22.71141 ? 15  A   A "O5'" 1 
ATOM   306 C "C5'" . A   A 1 15 ? 11.87152  3.34973   7.64435   1.000 24.49140 ? 15  A   A "C5'" 1 
ATOM   307 C "C4'" . A   A 1 15 ? 10.47876  3.31188   8.21248   1.000 21.35175 ? 15  A   A "C4'" 1 
ATOM   308 O "O4'" . A   A 1 15 ? 9.50791   3.34129   7.13230   1.000 23.10813 ? 15  A   A "O4'" 1 
ATOM   309 C "C3'" . A   A 1 15 ? 10.11614  2.06159   8.99565   1.000 20.24973 ? 15  A   A "C3'" 1 
ATOM   310 O "O3'" . A   A 1 15 ? 10.61285  2.08256   10.32189  1.000 22.15383 ? 15  A   A "O3'" 1 
ATOM   311 C "C2'" . A   A 1 15 ? 8.59943   2.05678   8.89937   1.000 21.14590 ? 15  A   A "C2'" 1 
ATOM   312 O "O2'" . A   A 1 15 ? 8.03861   3.03909   9.75705   1.000 24.02920 ? 15  A   A "O2'" 1 
ATOM   313 C "C1'" . A   A 1 15 ? 8.40393   2.52442   7.45978   1.000 21.24895 ? 15  A   A "C1'" 1 
ATOM   314 N N9    . A   A 1 15 ? 8.38856   1.37740   6.53935   1.000 18.76267 ? 15  A   A N9    1 
ATOM   315 C C8    . A   A 1 15 ? 9.42316   0.84348   5.80727   1.000 17.87993 ? 15  A   A C8    1 
ATOM   316 N N7    . A   A 1 15 ? 9.07456   -0.19946  5.09450   1.000 18.79003 ? 15  A   A N7    1 
ATOM   317 C C5    . A   A 1 15 ? 7.72465   -0.36215  5.38423   1.000 17.96769 ? 15  A   A C5    1 
ATOM   318 C C6    . A   A 1 15 ? 6.77658   -1.29477  4.94543   1.000 20.84339 ? 15  A   A C6    1 
ATOM   319 N N6    . A   A 1 15 ? 7.05635   -2.27365  4.08299   1.000 23.77958 ? 15  A   A N6    1 
ATOM   320 N N1    . A   A 1 15 ? 5.51673   -1.18625  5.42163   1.000 18.01851 ? 15  A   A N1    1 
ATOM   321 C C2    . A   A 1 15 ? 5.24033   -0.19451  6.28096   1.000 19.76202 ? 15  A   A C2    1 
ATOM   322 N N3    . A   A 1 15 ? 6.04966   0.74307   6.76966   1.000 21.60651 ? 15  A   A N3    1 
ATOM   323 C C4    . A   A 1 15 ? 7.29131   0.59814   6.27281   1.000 18.93066 ? 15  A   A C4    1 
ATOM   324 P P     . G   A 1 16 ? 10.56626  0.76591   11.24113  1.000 24.37055 ? 16  G   A P     1 
ATOM   325 O OP1   . G   A 1 16 ? 11.60786  0.96065   12.29084  1.000 28.55385 ? 16  G   A OP1   1 
ATOM   326 O OP2   . G   A 1 16 ? 10.57314  -0.45955  10.41363  1.000 25.17783 ? 16  G   A OP2   1 
ATOM   327 O "O5'" . G   A 1 16 ? 9.14467   0.86254   11.94573  1.000 19.19930 ? 16  G   A "O5'" 1 
ATOM   328 C "C5'" . G   A 1 16 ? 8.83104   1.98630   12.74776  1.000 19.03196 ? 16  G   A "C5'" 1 
ATOM   329 C "C4'" . G   A 1 16 ? 7.47411   1.85725   13.38288  1.000 17.38145 ? 16  G   A "C4'" 1 
ATOM   330 O "O4'" . G   A 1 16 ? 6.44209   2.02619   12.37999  1.000 17.17713 ? 16  G   A "O4'" 1 
ATOM   331 C "C3'" . G   A 1 16 ? 7.14924   0.51569   14.01456  1.000 20.28235 ? 16  G   A "C3'" 1 
ATOM   332 O "O3'" . G   A 1 16 ? 7.73380   0.34403   15.29500  1.000 19.95208 ? 16  G   A "O3'" 1 
ATOM   333 C "C2'" . G   A 1 16 ? 5.62998   0.54027   14.03544  1.000 15.86438 ? 16  G   A "C2'" 1 
ATOM   334 O "O2'" . G   A 1 16 ? 5.16665   1.39745   15.07362  1.000 17.31480 ? 16  G   A "O2'" 1 
ATOM   335 C "C1'" . G   A 1 16 ? 5.33307   1.21024   12.69587  1.000 18.03938 ? 16  G   A "C1'" 1 
ATOM   336 N N9    . G   A 1 16 ? 5.15813   0.22639   11.60935  1.000 14.47765 ? 16  G   A N9    1 
ATOM   337 C C8    . G   A 1 16 ? 6.09741   -0.22316  10.70853  1.000 15.68469 ? 16  G   A C8    1 
ATOM   338 N N7    . G   A 1 16 ? 5.63521   -1.09607  9.85165   1.000 15.89786 ? 16  G   A N7    1 
ATOM   339 C C5    . G   A 1 16 ? 4.30225   -1.24542  10.21641  1.000 13.23361 ? 16  G   A C5    1 
ATOM   340 C C6    . G   A 1 16 ? 3.28496   -2.06875  9.66456   1.000 14.08087 ? 16  G   A C6    1 
ATOM   341 O O6    . G   A 1 16 ? 3.36804   -2.83435  8.70781   1.000 15.06371 ? 16  G   A O6    1 
ATOM   342 N N1    . G   A 1 16 ? 2.07947   -1.91335  10.34058  1.000 14.86276 ? 16  G   A N1    1 
ATOM   343 C C2    . G   A 1 16 ? 1.88235   -1.07901  11.40603  1.000 16.62990 ? 16  G   A C2    1 
ATOM   344 N N2    . G   A 1 16 ? 0.64370   -1.07228  11.92225  1.000 17.06885 ? 16  G   A N2    1 
ATOM   345 N N3    . G   A 1 16 ? 2.81825   -0.30876  11.93402  1.000 16.39925 ? 16  G   A N3    1 
ATOM   346 C C4    . G   A 1 16 ? 3.99700   -0.44188  11.29381  1.000 15.63141 ? 16  G   A C4    1 
ATOM   347 P P     . C   A 1 17 ? 8.12179   -1.12756  15.80714  1.000 21.57682 ? 17  C   A P     1 
ATOM   348 O OP1   . C   A 1 17 ? 8.75655   -0.96299  17.13761  1.000 26.41160 ? 17  C   A OP1   1 
ATOM   349 O OP2   . C   A 1 17 ? 8.80748   -1.88191  14.74576  1.000 21.94978 ? 17  C   A OP2   1 
ATOM   350 O "O5'" . C   A 1 17 ? 6.71449   -1.83315  16.02950  1.000 18.70638 ? 17  C   A "O5'" 1 
ATOM   351 C "C5'" . C   A 1 17 ? 5.82748   -1.38143  17.03617  1.000 17.01214 ? 17  C   A "C5'" 1 
ATOM   352 C "C4'" . C   A 1 17 ? 4.48232   -2.04016  16.89557  1.000 15.84827 ? 17  C   A "C4'" 1 
ATOM   353 O "O4'" . C   A 1 17 ? 3.88968   -1.71635  15.61113  1.000 15.72963 ? 17  C   A "O4'" 1 
ATOM   354 C "C3'" . C   A 1 17 ? 4.47355   -3.55479  16.90419  1.000 15.43635 ? 17  C   A "C3'" 1 
ATOM   355 O "O3'" . C   A 1 17 ? 4.64406   -4.10807  18.18872  1.000 14.21138 ? 17  C   A "O3'" 1 
ATOM   356 C "C2'" . C   A 1 17 ? 3.12652   -3.85904  16.27524  1.000 16.48141 ? 17  C   A "C2'" 1 
ATOM   357 O "O2'" . C   A 1 17 ? 2.07942   -3.58105  17.19130  1.000 16.92638 ? 17  C   A "O2'" 1 
ATOM   358 C "C1'" . C   A 1 17 ? 3.08387   -2.79972  15.17681  1.000 14.90227 ? 17  C   A "C1'" 1 
ATOM   359 N N1    . C   A 1 17 ? 3.62879   -3.34581  13.91642  1.000 15.54507 ? 17  C   A N1    1 
ATOM   360 C C2    . C   A 1 17 ? 2.76065   -4.12317  13.14124  1.000 15.84746 ? 17  C   A C2    1 
ATOM   361 O O2    . C   A 1 17 ? 1.59011   -4.28016  13.53051  1.000 15.40508 ? 17  C   A O2    1 
ATOM   362 N N3    . C   A 1 17 ? 3.20459   -4.67519  11.98519  1.000 14.16181 ? 17  C   A N3    1 
ATOM   363 C C4    . C   A 1 17 ? 4.47151   -4.48051  11.60938  1.000 14.20953 ? 17  C   A C4    1 
ATOM   364 N N4    . C   A 1 17 ? 4.87872   -5.04661  10.46786  1.000 15.07388 ? 17  C   A N4    1 
ATOM   365 C C5    . C   A 1 17 ? 5.38345   -3.70515  12.38683  1.000 14.56524 ? 17  C   A C5    1 
ATOM   366 C C6    . C   A 1 17 ? 4.92934   -3.16310  13.52789  1.000 16.37888 ? 17  C   A C6    1 
ATOM   367 P P     . A   A 1 18 ? 5.42451   -5.48932  18.35785  1.000 14.54581 ? 18  A   A P     1 
ATOM   368 O OP1   . A   A 1 18 ? 5.48085   -5.75893  19.81343  1.000 15.84849 ? 18  A   A OP1   1 
ATOM   369 O OP2   . A   A 1 18 ? 6.68144   -5.46647  17.54756  1.000 18.07928 ? 18  A   A OP2   1 
ATOM   370 O "O5'" . A   A 1 18 ? 4.48833   -6.56432  17.63765  1.000 13.76678 ? 18  A   A "O5'" 1 
ATOM   371 C "C5'" . A   A 1 18 ? 3.32137   -7.04948  18.28672  1.000 13.71860 ? 18  A   A "C5'" 1 
ATOM   372 C "C4'" . A   A 1 18 ? 2.48148   -7.91135  17.37433  1.000 13.05949 ? 18  A   A "C4'" 1 
ATOM   373 O "O4'" . A   A 1 18 ? 2.11962   -7.18930  16.16728  1.000 14.17091 ? 18  A   A "O4'" 1 
ATOM   374 C "C3'" . A   A 1 18 ? 3.11022   -9.18428  16.83839  1.000 13.48518 ? 18  A   A "C3'" 1 
ATOM   375 O "O3'" . A   A 1 18 ? 3.20612   -10.21511 17.79617  1.000 15.39370 ? 18  A   A "O3'" 1 
ATOM   376 C "C2'" . A   A 1 18 ? 2.18464   -9.49702  15.67846  1.000 17.53111 ? 18  A   A "C2'" 1 
ATOM   377 O "O2'" . A   A 1 18 ? 0.92769   -9.93015  16.17218  1.000 20.42641 ? 18  A   A "O2'" 1 
ATOM   378 C "C1'" . A   A 1 18 ? 2.01873   -8.10127  15.08692  1.000 13.86939 ? 18  A   A "C1'" 1 
ATOM   379 N N9    . A   A 1 18 ? 3.14364   -7.85605  14.17446  1.000 13.79681 ? 18  A   A N9    1 
ATOM   380 C C8    . A   A 1 18 ? 4.27153   -7.10744  14.41556  1.000 15.68670 ? 18  A   A C8    1 
ATOM   381 N N7    . A   A 1 18 ? 5.13180   -7.14007  13.42535  1.000 15.75421 ? 18  A   A N7    1 
ATOM   382 C C5    . A   A 1 18 ? 4.53530   -7.98097  12.49098  1.000 14.24886 ? 18  A   A C5    1 
ATOM   383 C C6    . A   A 1 18 ? 4.94706   -8.42410  11.22405  1.000 17.75733 ? 18  A   A C6    1 
ATOM   384 N N6    . A   A 1 18 ? 6.10178   -8.05851  10.66017  1.000 19.29015 ? 18  A   A N6    1 
ATOM   385 N N1    . A   A 1 18 ? 4.11649   -9.26072  10.55671  1.000 16.24989 ? 18  A   A N1    1 
ATOM   386 C C2    . A   A 1 18 ? 2.95893   -9.62286  11.12767  1.000 16.21344 ? 18  A   A C2    1 
ATOM   387 N N3    . A   A 1 18 ? 2.46202   -9.27074  12.31075  1.000 17.56495 ? 18  A   A N3    1 
ATOM   388 C C4    . A   A 1 18 ? 3.31686   -8.44492  12.94519  1.000 15.01706 ? 18  A   A C4    1 
ATOM   389 P P     . G   A 1 19 ? 4.64575   -10.77472 18.21985  1.000 17.37166 ? 19  G   A P     1 
ATOM   390 O OP1   . G   A 1 19 ? 4.41990   -11.99560 19.02918  1.000 20.83748 ? 19  G   A OP1   1 
ATOM   391 O OP2   . G   A 1 19 ? 5.41273   -9.63437  18.80049  1.000 20.51372 ? 19  G   A OP2   1 
ATOM   392 O "O5'" . G   A 1 19 ? 5.34638   -11.09868 16.82903  1.000 19.10039 ? 19  G   A "O5'" 1 
ATOM   393 C "C5'" . G   A 1 19 ? 5.34923   -12.40896 16.28857  1.000 19.60791 ? 19  G   A "C5'" 1 
ATOM   394 C "C4'" . G   A 1 19 ? 4.11394   -12.69704 15.46850  1.000 17.34907 ? 19  G   A "C4'" 1 
ATOM   395 O "O4'" . G   A 1 19 ? 4.04233   -11.80991 14.31610  1.000 17.22133 ? 19  G   A "O4'" 1 
ATOM   396 C "C3'" . G   A 1 19 ? 4.06983   -14.09413 14.86889  1.000 16.33767 ? 19  G   A "C3'" 1 
ATOM   397 O "O3'" . G   A 1 19 ? 3.61733   -15.06575 15.79577  1.000 17.35838 ? 19  G   A "O3'" 1 
ATOM   398 C "C2'" . G   A 1 19 ? 3.16008   -13.91675 13.66539  1.000 18.63776 ? 19  G   A "C2'" 1 
ATOM   399 O "O2'" . G   A 1 19 ? 1.80414   -13.87507 14.08074  1.000 21.65866 ? 19  G   A "O2'" 1 
ATOM   400 C "C1'" . G   A 1 19 ? 3.56166   -12.51974 13.18978  1.000 15.25290 ? 19  G   A "C1'" 1 
ATOM   401 N N9    . G   A 1 19 ? 4.63562   -12.54186 12.17761  1.000 15.72481 ? 19  G   A N9    1 
ATOM   402 C C8    . G   A 1 19 ? 5.83850   -11.88739 12.26842  1.000 15.86988 ? 19  G   A C8    1 
ATOM   403 N N7    . G   A 1 19 ? 6.60673   -12.05099 11.23085  1.000 17.48673 ? 19  G   A N7    1 
ATOM   404 C C5    . G   A 1 19 ? 5.85428   -12.86247 10.37941  1.000 14.26036 ? 19  G   A C5    1 
ATOM   405 C C6    . G   A 1 19 ? 6.16384   -13.38151 9.09175   1.000 11.33858 ? 19  G   A C6    1 
ATOM   406 O O6    . G   A 1 19 ? 7.19023   -13.21211 8.42660   1.000 14.39911 ? 19  G   A O6    1 
ATOM   407 N N1    . G   A 1 19 ? 5.11877   -14.15276 8.58221   1.000 13.33036 ? 19  G   A N1    1 
ATOM   408 C C2    . G   A 1 19 ? 3.93582   -14.39527 9.24195   1.000 12.46313 ? 19  G   A C2    1 
ATOM   409 N N2    . G   A 1 19 ? 3.02097   -15.16449 8.61735   1.000 13.59225 ? 19  G   A N2    1 
ATOM   410 N N3    . G   A 1 19 ? 3.63785   -13.91122 10.43941  1.000 16.49462 ? 19  G   A N3    1 
ATOM   411 C C4    . G   A 1 19 ? 4.63182   -13.15745 10.94522  1.000 14.09612 ? 19  G   A C4    1 
ATOM   412 P P     . G   A 1 20 ? 4.36827   -16.48048 15.91319  1.000 17.01604 ? 20  G   A P     1 
ATOM   413 O OP1   . G   A 1 20 ? 3.93718   -17.13186 17.17456  1.000 23.44507 ? 20  G   A OP1   1 
ATOM   414 O OP2   . G   A 1 20 ? 5.81097   -16.29427 15.62886  1.000 19.63149 ? 20  G   A OP2   1 
ATOM   415 O "O5'" . G   A 1 20 ? 3.76947   -17.32401 14.69981  1.000 16.95410 ? 20  G   A "O5'" 1 
ATOM   416 C "C5'" . G   A 1 20 ? 2.40178   -17.69843 14.68592  1.000 15.75914 ? 20  G   A "C5'" 1 
ATOM   417 C "C4'" . G   A 1 20 ? 2.06657   -18.46854 13.43832  1.000 14.99025 ? 20  G   A "C4'" 1 
ATOM   418 O "O4'" . G   A 1 20 ? 2.16883   -17.60738 12.27619  1.000 13.87173 ? 20  G   A "O4'" 1 
ATOM   419 C "C3'" . G   A 1 20 ? 2.99177   -19.62443 13.11588  1.000 16.27948 ? 20  G   A "C3'" 1 
ATOM   420 O "O3'" . G   A 1 20 ? 2.68399   -20.77563 13.86704  1.000 15.63100 ? 20  G   A "O3'" 1 
ATOM   421 C "C2'" . G   A 1 20 ? 2.77815   -19.80007 11.62255  1.000 13.86265 ? 20  G   A "C2'" 1 
ATOM   422 O "O2'" . G   A 1 20 ? 1.52703   -20.43019 11.36793  1.000 16.05995 ? 20  G   A "O2'" 1 
ATOM   423 C "C1'" . G   A 1 20 ? 2.67409   -18.34607 11.17993  1.000 10.94059 ? 20  G   A "C1'" 1 
ATOM   424 N N9    . G   A 1 20 ? 3.98360   -17.78230 10.80917  1.000 12.90486 ? 20  G   A N9    1 
ATOM   425 C C8    . G   A 1 20 ? 4.75667   -16.89294 11.51061  1.000 11.78142 ? 20  G   A C8    1 
ATOM   426 N N7    . G   A 1 20 ? 5.86003   -16.56010 10.91031  1.000 11.87054 ? 20  G   A N7    1 
ATOM   427 C C5    . G   A 1 20 ? 5.81806   -17.28561 9.72292   1.000 10.62400 ? 20  G   A C5    1 
ATOM   428 C C6    . G   A 1 20 ? 6.74661   -17.32398 8.66383   1.000 10.80573 ? 20  G   A C6    1 
ATOM   429 O O6    . G   A 1 20 ? 7.82065   -16.71369 8.56146   1.000 12.32050 ? 20  G   A O6    1 
ATOM   430 N N1    . G   A 1 20 ? 6.32927   -18.18532 7.64441   1.000 9.26438  ? 20  G   A N1    1 
ATOM   431 C C2    . G   A 1 20 ? 5.15589   -18.90368 7.67492   1.000 9.13733  ? 20  G   A C2    1 
ATOM   432 N N2    . G   A 1 20 ? 4.88498   -19.69540 6.61535   1.000 10.08402 ? 20  G   A N2    1 
ATOM   433 N N3    . G   A 1 20 ? 4.27712   -18.86061 8.65837   1.000 10.03151 ? 20  G   A N3    1 
ATOM   434 C C4    . G   A 1 20 ? 4.67084   -18.03564 9.64790   1.000 10.17936 ? 20  G   A C4    1 
ATOM   435 P P     . U   A 1 21 ? 3.85071   -21.72229 14.42164  1.000 17.03661 ? 21  U   A P     1 
ATOM   436 O OP1   . U   A 1 21 ? 3.17266   -22.78133 15.21016  1.000 20.97580 ? 21  U   A OP1   1 
ATOM   437 O OP2   . U   A 1 21 ? 4.92967   -20.92186 15.03464  1.000 20.19444 ? 21  U   A OP2   1 
ATOM   438 O "O5'" . U   A 1 21 ? 4.45524   -22.39881 13.11915  1.000 13.98747 ? 21  U   A "O5'" 1 
ATOM   439 C "C5'" . U   A 1 21 ? 3.66685   -23.24024 12.29813  1.000 13.27937 ? 21  U   A "C5'" 1 
ATOM   440 C "C4'" . U   A 1 21 ? 4.41230   -23.55926 11.02860  1.000 14.06823 ? 21  U   A "C4'" 1 
ATOM   441 O "O4'" . U   A 1 21 ? 4.57592   -22.35085 10.23198  1.000 11.69078 ? 21  U   A "O4'" 1 
ATOM   442 C "C3'" . U   A 1 21 ? 5.83490   -24.06134 11.19776  1.000 13.01777 ? 21  U   A "C3'" 1 
ATOM   443 O "O3'" . U   A 1 21 ? 5.90843   -25.42083 11.58554  1.000 12.32422 ? 21  U   A "O3'" 1 
ATOM   444 C "C2'" . U   A 1 21 ? 6.42753   -23.77761 9.82688   1.000 11.92078 ? 21  U   A "C2'" 1 
ATOM   445 O "O2'" . U   A 1 21 ? 5.92450   -24.71142 8.88486   1.000 12.48207 ? 21  U   A "O2'" 1 
ATOM   446 C "C1'" . U   A 1 21 ? 5.80020   -22.41624 9.52182   1.000 10.62214 ? 21  U   A "C1'" 1 
ATOM   447 N N1    . U   A 1 21 ? 6.67770   -21.30955 9.96672   1.000 10.21808 ? 21  U   A N1    1 
ATOM   448 C C2    . U   A 1 21 ? 7.69766   -20.94892 9.12023   1.000 10.32873 ? 21  U   A C2    1 
ATOM   449 O O2    . U   A 1 21 ? 7.86589   -21.49885 8.04202   1.000 10.22258 ? 21  U   A O2    1 
ATOM   450 N N3    . U   A 1 21 ? 8.51583   -19.93614 9.54932   1.000 10.38170 ? 21  U   A N3    1 
ATOM   451 C C4    . U   A 1 21 ? 8.41468   -19.25478 10.74281  1.000 12.06845 ? 21  U   A C4    1 
ATOM   452 O O4    . U   A 1 21 ? 9.23824   -18.35993 10.98020  1.000 12.68327 ? 21  U   A O4    1 
ATOM   453 C C5    . U   A 1 21 ? 7.33444   -19.68484 11.57549  1.000 11.25049 ? 21  U   A C5    1 
ATOM   454 C C6    . U   A 1 21 ? 6.52174   -20.67365 11.18720  1.000 9.35600  ? 21  U   A C6    1 
ATOM   455 P P     . C   A 1 22 ? 7.11639   -25.94111 12.51730  1.000 15.16007 ? 22  C   A P     1 
ATOM   456 O OP1   . C   A 1 22 ? 6.66903   -27.24030 13.08746  1.000 22.10410 ? 22  C   A OP1   1 
ATOM   457 O OP2   . C   A 1 22 ? 7.63541   -24.86977 13.37977  1.000 16.89529 ? 22  C   A OP2   1 
ATOM   458 O "O5'" . C   A 1 22 ? 8.28334   -26.26682 11.48462  1.000 14.12012 ? 22  C   A "O5'" 1 
ATOM   459 C "C5'" . C   A 1 22 ? 8.12251   -27.26456 10.48392  1.000 11.46675 ? 22  C   A "C5'" 1 
ATOM   460 C "C4'" . C   A 1 22 ? 9.07535   -27.03783 9.33523   1.000 11.39723 ? 22  C   A "C4'" 1 
ATOM   461 O "O4'" . C   A 1 22 ? 8.90752   -25.68479 8.82902   1.000 11.95627 ? 22  C   A "O4'" 1 
ATOM   462 C "C3'" . C   A 1 22 ? 10.55820  -27.11626 9.66165   1.000 10.22912 ? 22  C   A "C3'" 1 
ATOM   463 O "O3'" . C   A 1 22 ? 11.03337  -28.44695 9.72131   1.000 9.79294  ? 22  C   A "O3'" 1 
ATOM   464 C "C2'" . C   A 1 22 ? 11.17736  -26.30894 8.53370   1.000 10.39028 ? 22  C   A "C2'" 1 
ATOM   465 O "O2'" . C   A 1 22 ? 11.16510  -27.05430 7.32142   1.000 12.51038 ? 22  C   A "O2'" 1 
ATOM   466 C "C1'" . C   A 1 22 ? 10.15696  -25.18041 8.39574   1.000 10.90792 ? 22  C   A "C1'" 1 
ATOM   467 N N1    . C   A 1 22 ? 10.50045  -23.97974 9.20476   1.000 9.31319  ? 22  C   A N1    1 
ATOM   468 C C2    . C   A 1 22 ? 11.44504  -23.09019 8.67058   1.000 9.14055  ? 22  C   A C2    1 
ATOM   469 O O2    . C   A 1 22 ? 11.95877  -23.34784 7.58205   1.000 11.21488 ? 22  C   A O2    1 
ATOM   470 N N3    . C   A 1 22 ? 11.77783  -21.97006 9.37863   1.000 10.17752 ? 22  C   A N3    1 
ATOM   471 C C4    . C   A 1 22 ? 11.21275  -21.71669 10.55845  1.000 11.64326 ? 22  C   A C4    1 
ATOM   472 N N4    . C   A 1 22 ? 11.56618  -20.59779 11.20990  1.000 14.01824 ? 22  C   A N4    1 
ATOM   473 C C5    . C   A 1 22 ? 10.24836  -22.59974 11.11873  1.000 10.63098 ? 22  C   A C5    1 
ATOM   474 C C6    . C   A 1 22 ? 9.92890   -23.70066 10.41851  1.000 11.37004 ? 22  C   A C6    1 
ATOM   475 P P     . C   A 1 23 ? 12.25871  -28.83790 10.66876  1.000 10.88102 ? 23  C   A P     1 
ATOM   476 O OP1   . C   A 1 23 ? 12.39750  -30.31487 10.57063  1.000 13.13043 ? 23  C   A OP1   1 
ATOM   477 O OP2   . C   A 1 23 ? 12.07814  -28.21410 11.99652  1.000 13.42382 ? 23  C   A OP2   1 
ATOM   478 O "O5'" . C   A 1 23 ? 13.52841  -28.13612 10.00574  1.000 9.42811  ? 23  C   A "O5'" 1 
ATOM   479 C "C5'" . C   A 1 23 ? 14.08791  -28.65849 8.80384   1.000 8.87680  ? 23  C   A "C5'" 1 
ATOM   480 C "C4'" . C   A 1 23 ? 15.28426  -27.86720 8.33584   1.000 10.12611 ? 23  C   A "C4'" 1 
ATOM   481 O "O4'" . C   A 1 23 ? 14.88427  -26.52354 7.96254   1.000 11.45609 ? 23  C   A "O4'" 1 
ATOM   482 C "C3'" . C   A 1 23 ? 16.39387  -27.62964 9.34243   1.000 10.43750 ? 23  C   A "C3'" 1 
ATOM   483 O "O3'" . C   A 1 23 ? 17.20759  -28.76746 9.55210   1.000 13.25929 ? 23  C   A "O3'" 1 
ATOM   484 C "C2'" . C   A 1 23 ? 17.13631  -26.47400 8.69579   1.000 10.45859 ? 23  C   A "C2'" 1 
ATOM   485 O "O2'" . C   A 1 23 ? 17.86116  -26.95014 7.57312   1.000 13.56198 ? 23  C   A "O2'" 1 
ATOM   486 C "C1'" . C   A 1 23 ? 15.96735  -25.63874 8.17625   1.000 10.49135 ? 23  C   A "C1'" 1 
ATOM   487 N N1    . C   A 1 23 ? 15.55999  -24.62410 9.17017   1.000 9.29709  ? 23  C   A N1    1 
ATOM   488 C C2    . C   A 1 23 ? 16.29707  -23.43232 9.21230   1.000 9.97158  ? 23  C   A C2    1 
ATOM   489 O O2    . C   A 1 23 ? 17.21478  -23.30440 8.40514   1.000 11.11612 ? 23  C   A O2    1 
ATOM   490 N N3    . C   A 1 23 ? 15.98166  -22.48244 10.10539  1.000 9.76961  ? 23  C   A N3    1 
ATOM   491 C C4    . C   A 1 23 ? 14.98112  -22.67162 10.97684  1.000 9.72636  ? 23  C   A C4    1 
ATOM   492 N N4    . C   A 1 23 ? 14.69660  -21.70778 11.84801  1.000 11.10584 ? 23  C   A N4    1 
ATOM   493 C C5    . C   A 1 23 ? 14.21457  -23.87910 10.97652  1.000 10.29473 ? 23  C   A C5    1 
ATOM   494 C C6    . C   A 1 23 ? 14.54193  -24.80951 10.06899  1.000 9.52448  ? 23  C   A C6    1 
HETATM 495 O O     . HOH B 2 .  ? 19.21983  -28.93557 7.97948   1.000 24.38700 ? 101 HOH A O     1 
HETATM 496 O O     . HOH B 2 .  ? -15.60681 -0.81419  -6.19899  1.000 44.39106 ? 102 HOH A O     1 
HETATM 497 O O     . HOH B 2 .  ? -12.11744 2.46158   -3.36871  1.000 37.28849 ? 103 HOH A O     1 
HETATM 498 O O     . HOH B 2 .  ? -12.19638 20.88955  -16.93135 1.000 28.61030 ? 104 HOH A O     1 
HETATM 499 O O     . HOH B 2 .  ? -1.80823  2.63749   -6.42620  1.000 31.95230 ? 105 HOH A O     1 
HETATM 500 O O     . HOH B 2 .  ? -9.40261  13.52146  -0.77240  1.000 44.71963 ? 106 HOH A O     1 
HETATM 501 O O     . HOH B 2 .  ? -6.49015  28.83071  -15.46573 1.000 31.05812 ? 107 HOH A O     1 
HETATM 502 O O     . HOH B 2 .  ? 8.76449   -10.59030 11.11918  1.000 43.73307 ? 108 HOH A O     1 
HETATM 503 O O     . HOH B 2 .  ? -4.50007  -3.03894  -8.13223  1.000 22.95650 ? 109 HOH A O     1 
HETATM 504 O O     . HOH B 2 .  ? 5.29263   -1.33532  -1.95965  1.000 33.88201 ? 110 HOH A O     1 
HETATM 505 O O     . HOH B 2 .  ? -0.46397  -3.79000  -6.96676  1.000 40.34510 ? 111 HOH A O     1 
HETATM 506 O O     . HOH B 2 .  ? 7.17633   -24.45617 6.58462   1.000 17.21868 ? 112 HOH A O     1 
HETATM 507 O O     . HOH B 2 .  ? -9.66976  8.73527   -5.98223  1.000 24.73252 ? 113 HOH A O     1 
HETATM 508 O O     . HOH B 2 .  ? -9.18575  0.27906   -6.14444  1.000 44.37166 ? 114 HOH A O     1 
HETATM 509 O O     . HOH B 2 .  ? -6.92493  21.53108  -12.29264 1.000 42.54807 ? 115 HOH A O     1 
HETATM 510 O O     . HOH B 2 .  ? -9.18863  20.95244  -16.43308 1.000 30.84718 ? 116 HOH A O     1 
HETATM 511 O O     . HOH B 2 .  ? 2.90069   -0.03871  -0.34475  1.000 39.47171 ? 117 HOH A O     1 
HETATM 512 O O     . HOH B 2 .  ? 9.66986   -1.44575  8.11033   1.000 27.94567 ? 118 HOH A O     1 
HETATM 513 O O     . HOH B 2 .  ? 12.03669  -25.68626 12.84039  1.000 24.24931 ? 119 HOH A O     1 
HETATM 514 O O     . HOH B 2 .  ? 2.42306   -13.77589 18.97138  1.000 50.48172 ? 120 HOH A O     1 
HETATM 515 O O     . HOH B 2 .  ? 0.57922   -13.91938 16.46115  1.000 34.16073 ? 121 HOH A O     1 
HETATM 516 O O     . HOH B 2 .  ? -13.50083 27.00248  -9.67296  1.000 25.02848 ? 122 HOH A O     1 
HETATM 517 O O     . HOH B 2 .  ? 10.36694  -1.89815  3.47027   1.000 37.81647 ? 123 HOH A O     1 
HETATM 518 O O     . HOH B 2 .  ? 5.04312   -8.96786  21.38026  1.000 27.16447 ? 124 HOH A O     1 
HETATM 519 O O     . HOH B 2 .  ? -10.62550 27.39983  -10.93127 1.000 22.69200 ? 125 HOH A O     1 
HETATM 520 O O     . HOH B 2 .  ? 12.38423  -32.04500 12.63873  1.000 38.60289 ? 126 HOH A O     1 
HETATM 521 O O     . HOH B 2 .  ? 7.61228   -6.65265  21.22284  1.000 29.62371 ? 127 HOH A O     1 
HETATM 522 O O     . HOH B 2 .  ? -13.67728 24.21072  -3.85003  1.000 10.36260 ? 128 HOH A O     1 
HETATM 523 O O     . HOH B 2 .  ? 6.33483   1.64873   -11.92914 1.000 32.23705 ? 129 HOH A O     1 
HETATM 524 O O     . HOH B 2 .  ? 2.78582   1.41572   16.38923  1.000 23.76132 ? 130 HOH A O     1 
HETATM 525 O O     . HOH B 2 .  ? -7.33263  8.35566   -10.88499 1.000 24.91710 ? 131 HOH A O     1 
HETATM 526 O O     . HOH B 2 .  ? 6.80767   -18.69866 14.76785  1.000 20.64074 ? 132 HOH A O     1 
HETATM 527 O O     . HOH B 2 .  ? 12.45067  -25.24083 5.65960   1.000 19.23524 ? 133 HOH A O     1 
HETATM 528 O O     . HOH B 2 .  ? -8.70616  7.85082   -8.38989  1.000 29.20869 ? 134 HOH A O     1 
HETATM 529 O O     . HOH B 2 .  ? -8.78046  16.28485  0.65223   1.000 21.36844 ? 135 HOH A O     1 
HETATM 530 O O     . HOH B 2 .  ? -8.75616  29.43324  -14.23234 1.000 34.45164 ? 136 HOH A O     1 
HETATM 531 O O     . HOH B 2 .  ? 7.73582   -6.29432  13.09049  1.000 29.08437 ? 137 HOH A O     1 
HETATM 532 O O     . HOH B 2 .  ? 8.21597   -4.62145  15.41237  1.000 27.90975 ? 138 HOH A O     1 
HETATM 533 O O     . HOH B 2 .  ? -8.36222  13.48620  -5.50903  1.000 37.28640 ? 139 HOH A O     1 
HETATM 534 O O     . HOH B 2 .  ? 7.30338   -2.58900  8.21791   1.000 24.73549 ? 140 HOH A O     1 
HETATM 535 O O     . HOH B 2 .  ? 5.45196   2.26245   9.12511   1.000 21.45881 ? 141 HOH A O     1 
HETATM 536 O O     . HOH B 2 .  ? -3.72294  -2.23156  -14.36040 1.000 22.19364 ? 142 HOH A O     1 
HETATM 537 O O     . HOH B 2 .  ? -5.18358  22.46177  -22.12407 1.000 32.38652 ? 143 HOH A O     1 
HETATM 538 O O     . HOH B 2 .  ? -6.67872  -2.24519  -6.63125  1.000 30.91845 ? 144 HOH A O     1 
HETATM 539 O O     . HOH B 2 .  ? -7.53339  18.54502  -1.69346  1.000 15.31781 ? 145 HOH A O     1 
HETATM 540 O O     . HOH B 2 .  ? -4.67797  -9.65279  -7.87429  1.000 41.09083 ? 146 HOH A O     1 
HETATM 541 O O     . HOH B 2 .  ? 10.24399  -24.70179 14.34873  1.000 32.04045 ? 147 HOH A O     1 
HETATM 542 O O     . HOH B 2 .  ? -3.20371  0.08272   -6.82188  1.000 30.15175 ? 148 HOH A O     1 
HETATM 543 O O     . HOH B 2 .  ? -8.60657  18.37560  -5.42299  1.000 19.44568 ? 149 HOH A O     1 
HETATM 544 O O     . HOH B 2 .  ? -11.88432 19.17792  -13.15948 1.000 18.20208 ? 150 HOH A O     1 
HETATM 545 O O     . HOH B 2 .  ? 5.03973   -4.05739  6.81870   1.000 24.15433 ? 151 HOH A O     1 
HETATM 546 O O     . HOH B 2 .  ? 16.41106  -29.82983 12.02774  1.000 33.50926 ? 152 HOH A O     1 
HETATM 547 O O     . HOH B 2 .  ? -7.73330  20.48825  -8.34871  1.000 21.14823 ? 153 HOH A O     1 
HETATM 548 O O     . HOH B 2 .  ? -13.65134 8.04160   -9.91148  1.000 24.87213 ? 154 HOH A O     1 
HETATM 549 O O     . HOH B 2 .  ? -6.91673  1.29933   -7.00180  1.000 36.41523 ? 155 HOH A O     1 
HETATM 550 O O     . HOH B 2 .  ? 3.97355   -28.00183 12.73195  1.000 33.78291 ? 156 HOH A O     1 
HETATM 551 O O     . HOH B 2 .  ? -9.52284  20.59143  -12.07365 1.000 21.10445 ? 157 HOH A O     1 
HETATM 552 O O     . HOH B 2 .  ? 7.16434   -8.18774  16.90691  1.000 24.57182 ? 158 HOH A O     1 
HETATM 553 O O     . HOH B 2 .  ? 9.60926   -14.65544 9.37792   1.000 29.85222 ? 159 HOH A O     1 
HETATM 554 O O     . HOH B 2 .  ? 0.07419   -10.97994 18.68118  1.000 47.14709 ? 160 HOH A O     1 
HETATM 555 O O     . HOH B 2 .  ? 1.93057   -6.52624  -13.55348 1.000 24.15517 ? 161 HOH A O     1 
HETATM 556 O O     . HOH B 2 .  ? 14.46121  -28.56337 13.54928  1.000 29.44751 ? 162 HOH A O     1 
HETATM 557 O O     . HOH B 2 .  ? -8.82715  14.89827  -3.34041  1.000 30.51057 ? 163 HOH A O     1 
HETATM 558 O O     . HOH B 2 .  ? 1.52663   -18.72599 7.81218   1.000 19.07936 ? 164 HOH A O     1 
HETATM 559 O O     . HOH B 2 .  ? 7.65219   -4.76427  9.73740   1.000 30.05067 ? 165 HOH A O     1 
HETATM 560 O O     . HOH B 2 .  ? 6.07758   -1.75447  0.72472   1.000 29.56085 ? 166 HOH A O     1 
HETATM 561 O O     . HOH B 2 .  ? -9.10568  10.52617  -3.71241  1.000 30.44998 ? 167 HOH A O     1 
HETATM 562 O O     . HOH B 2 .  ? 12.91344  -22.36302 14.04559  1.000 28.95723 ? 168 HOH A O     1 
HETATM 563 O O     . HOH B 2 .  ? -14.79498 3.96286   -12.77185 1.000 41.14677 ? 169 HOH A O     1 
HETATM 564 O O     . HOH B 2 .  ? 1.80346   1.92106   13.50454  1.000 41.70053 ? 170 HOH A O     1 
HETATM 565 O O     . HOH B 2 .  ? 0.42421   -15.96920 9.65787   1.000 26.89176 ? 171 HOH A O     1 
HETATM 566 O O     . HOH B 2 .  ? 7.60179   5.66995   8.57113   1.000 28.17926 ? 172 HOH A O     1 
HETATM 567 O O     . HOH B 2 .  ? -12.87223 -5.25161  -6.84585  1.000 22.33558 ? 173 HOH A O     1 
HETATM 568 O O     . HOH B 2 .  ? 7.68012   -22.11461 14.41964  1.000 26.42575 ? 174 HOH A O     1 
HETATM 569 O O     . HOH B 2 .  ? 8.96285   -2.72279  11.91777  1.000 27.11053 ? 175 HOH A O     1 
HETATM 570 O O     . HOH B 2 .  ? 9.56330   -17.55334 13.80441  1.000 29.62532 ? 176 HOH A O     1 
HETATM 571 O O     . HOH B 2 .  ? -0.20439  -15.11079 12.28094  1.000 45.52259 ? 177 HOH A O     1 
HETATM 572 O O     . HOH B 2 .  ? 9.36233   -1.70210  -0.00601  1.000 41.83671 ? 178 HOH A O     1 
HETATM 573 O O     . HOH B 2 .  ? -12.30691 -5.17598  -10.79046 1.000 20.96438 ? 179 HOH A O     1 
HETATM 574 O O     . HOH B 2 .  ? -0.03648  -22.49723 12.83273  1.000 30.82527 ? 180 HOH A O     1 
HETATM 575 O O     . HOH B 2 .  ? -5.75602  23.72143  -1.73248  1.000 40.27213 ? 181 HOH A O     1 
HETATM 576 O O     . HOH B 2 .  ? -8.66507  18.52075  -10.36675 1.000 25.01066 ? 182 HOH A O     1 
HETATM 577 O O     . HOH B 2 .  ? -10.98899 21.40376  -18.75805 1.000 58.08280 ? 183 HOH A O     1 
HETATM 578 O O     . HOH B 2 .  ? -2.83848  -6.68851  -6.48904  1.000 39.49888 ? 184 HOH A O     1 
HETATM 579 O O     . HOH B 2 .  ? -9.53247  4.11035   -6.12676  1.000 42.65514 ? 185 HOH A O     1 
HETATM 580 O O     . HOH B 2 .  ? 6.62194   -13.96841 19.56574  1.000 45.02182 ? 186 HOH A O     1 
HETATM 581 O O     . HOH B 2 .  ? 10.05716  -20.40688 13.82359  1.000 25.86013 ? 187 HOH A O     1 
HETATM 582 O O     . HOH B 2 .  ? -7.14623  5.38940   -7.76984  1.000 30.66321 ? 188 HOH A O     1 
HETATM 583 O O     . HOH B 2 .  ? 11.99813  -1.55288  6.47889   1.000 37.19571 ? 189 HOH A O     1 
HETATM 584 O O     . HOH B 2 .  ? 7.74662   -28.52661 15.67341  1.000 49.74216 ? 190 HOH A O     1 
HETATM 585 O O     . HOH B 2 .  ? 5.91705   -1.52657  -14.27710 1.000 32.14749 ? 191 HOH A O     1 
HETATM 586 O O     . HOH B 2 .  ? -4.82759  21.62079  -2.83478  1.000 36.05671 ? 192 HOH A O     1 
HETATM 587 O O     . HOH B 2 .  ? 7.36117   -9.85680  14.58321  1.000 26.92354 ? 193 HOH A O     1 
HETATM 588 O O     . HOH B 2 .  ? 8.49854   -26.62976 5.36316   1.000 32.26759 ? 194 HOH A O     1 
HETATM 589 O O     . HOH B 2 .  ? 11.88331  -16.41753 11.99337  1.000 34.10879 ? 195 HOH A O     1 
HETATM 590 O O     . HOH B 2 .  ? -8.12142  16.81190  -7.55687  1.000 29.45880 ? 196 HOH A O     1 
HETATM 591 O O     . HOH B 2 .  ? -1.20811  -12.41909 15.09116  1.000 37.86896 ? 197 HOH A O     1 
HETATM 592 O O     . HOH B 2 .  ? -0.88150  -18.95213 9.08356   1.000 36.95489 ? 198 HOH A O     1 
HETATM 593 O O     . HOH B 2 .  ? 12.94348  -19.64932 14.54305  1.000 43.01602 ? 199 HOH A O     1 
HETATM 594 O O     . HOH B 2 .  ? 9.09756   -8.55978  12.92731  1.000 46.92404 ? 200 HOH A O     1 
HETATM 595 O O     . HOH B 2 .  ? -2.38458  -20.85760 11.65474  1.000 41.13717 ? 201 HOH A O     1 
HETATM 596 O O     . HOH B 2 .  ? -0.60210  22.96065  -17.62227 1.000 48.88401 ? 202 HOH A O     1 
HETATM 597 O O     . HOH B 2 .  ? -2.38265  -2.93641  -6.17933  1.000 35.41995 ? 203 HOH A O     1 
HETATM 598 O O     . HOH B 2 .  ? -8.98185  30.51070  -12.04604 1.000 40.91397 ? 204 HOH A O     1 
HETATM 599 O O     . HOH B 2 .  ? 11.16033  -4.29028  8.32821   1.000 39.36484 ? 205 HOH A O     1 
HETATM 600 O O     . HOH B 2 .  ? 11.44851  -31.37762 15.40974  1.000 44.92272 ? 206 HOH A O     1 
HETATM 601 O O     . HOH B 2 .  ? -13.37641 15.25750  -14.88562 1.000 26.18032 ? 207 HOH A O     1 
# 
loop_
_atom_site_anisotrop.id 
_atom_site_anisotrop.type_symbol 
_atom_site_anisotrop.pdbx_label_atom_id 
_atom_site_anisotrop.pdbx_label_alt_id 
_atom_site_anisotrop.pdbx_label_comp_id 
_atom_site_anisotrop.pdbx_label_asym_id 
_atom_site_anisotrop.pdbx_label_seq_id 
_atom_site_anisotrop.pdbx_PDB_ins_code 
_atom_site_anisotrop.U[1][1] 
_atom_site_anisotrop.U[2][2] 
_atom_site_anisotrop.U[3][3] 
_atom_site_anisotrop.U[1][2] 
_atom_site_anisotrop.U[1][3] 
_atom_site_anisotrop.U[2][3] 
_atom_site_anisotrop.pdbx_auth_seq_id 
_atom_site_anisotrop.pdbx_auth_comp_id 
_atom_site_anisotrop.pdbx_auth_asym_id 
_atom_site_anisotrop.pdbx_auth_atom_id 
1   O "O5'" . G   A 1  ? 0.30614 0.35133 0.27246 0.06147  0.06480  0.04337  1   G   A "O5'" 
2   C "C5'" . G   A 1  ? 0.25982 0.31100 0.24097 0.06043  0.07007  0.05035  1   G   A "C5'" 
3   C "C4'" . G   A 1  ? 0.17428 0.22936 0.16622 0.05211  0.06886  0.05045  1   G   A "C4'" 
4   O "O4'" . G   A 1  ? 0.16078 0.21406 0.14595 0.05315  0.06876  0.04830  1   G   A "O4'" 
5   C "C3'" . G   A 1  ? 0.20569 0.25936 0.19997 0.04212  0.06130  0.04507  1   G   A "C3'" 
6   O "O3'" . G   A 1  ? 0.19879 0.25462 0.20379 0.03814  0.05990  0.04695  1   G   A "O3'" 
7   C "C2'" . G   A 1  ? 0.16606 0.22197 0.16491 0.03684  0.06106  0.04458  1   G   A "C2'" 
8   O "O2'" . G   A 1  ? 0.18282 0.24512 0.19750 0.03498  0.06496  0.05043  1   G   A "O2'" 
9   C "C1'" . G   A 1  ? 0.14065 0.19490 0.12895 0.04432  0.06474  0.04472  1   G   A "C1'" 
10  N N9    . G   A 1  ? 0.14403 0.19182 0.11856 0.04389  0.05925  0.03751  1   G   A N9    
11  C C8    . G   A 1  ? 0.18110 0.22362 0.14239 0.05082  0.05793  0.03441  1   G   A C8    
12  N N7    . G   A 1  ? 0.20315 0.24046 0.15628 0.04836  0.05230  0.02776  1   G   A N7    
13  C C5    . G   A 1  ? 0.14571 0.18473 0.10649 0.03924  0.05020  0.02669  1   G   A C5    
14  C C6    . G   A 1  ? 0.16960 0.20452 0.12754 0.03310  0.04498  0.02093  1   G   A C6    
15  O O6    . G   A 1  ? 0.18417 0.21308 0.13306 0.03448  0.04077  0.01528  1   G   A O6    
16  N N1    . G   A 1  ? 0.13950 0.17755 0.10708 0.02482  0.04476  0.02213  1   G   A N1    
17  C C2    . G   A 1  ? 0.12340 0.16810 0.10276 0.02282  0.04863  0.02792  1   G   A C2    
18  N N2    . G   A 1  ? 0.11575 0.16248 0.10318 0.01484  0.04735  0.02801  1   G   A N2    
19  N N3    . G   A 1  ? 0.13439 0.18310 0.11790 0.02843  0.05341  0.03326  1   G   A N3    
20  C C4    . G   A 1  ? 0.14336 0.18888 0.11692 0.03644  0.05421  0.03251  1   G   A C4    
21  P P     . G   A 2  ? 0.22804 0.27996 0.23006 0.03199  0.05255  0.04140  2   G   A P     
22  O OP1   . G   A 2  ? 0.28261 0.33727 0.29615 0.03050  0.05282  0.04496  2   G   A OP1   
23  O OP2   . G   A 2  ? 0.23490 0.28126 0.22201 0.03582  0.05007  0.03646  2   G   A OP2   
24  O "O5'" . G   A 2  ? 0.21302 0.26439 0.21764 0.02339  0.04829  0.03790  2   G   A "O5'" 
25  C "C5'" . G   A 2  ? 0.18744 0.24357 0.20526 0.01889  0.04941  0.04124  2   G   A "C5'" 
26  C "C4'" . G   A 2  ? 0.18986 0.24419 0.20598 0.01212  0.04577  0.03734  2   G   A "C4'" 
27  O "O4'" . G   A 2  ? 0.17670 0.22922 0.18308 0.01519  0.04743  0.03544  2   G   A "O4'" 
28  C "C3'" . G   A 2  ? 0.18323 0.23171 0.19323 0.00665  0.03934  0.03156  2   G   A "C3'" 
29  O "O3'" . G   A 2  ? 0.17120 0.22023 0.18972 0.00162  0.03620  0.03206  2   G   A "O3'" 
30  C "C2'" . G   A 2  ? 0.18763 0.23354 0.19254 0.00297  0.03786  0.02812  2   G   A "C2'" 
31  O "O2'" . G   A 2  ? 0.19684 0.24609 0.21157 -0.00251 0.03782  0.03003  2   G   A "O2'" 
32  C "C1'" . G   A 2  ? 0.13984 0.18726 0.13949 0.00980  0.04247  0.02967  2   G   A "C1'" 
33  N N9    . G   A 2  ? 0.13701 0.17878 0.12355 0.01402  0.04063  0.02523  2   G   A N9    
34  C C8    . G   A 2  ? 0.17447 0.21515 0.15453 0.02151  0.04215  0.02560  2   G   A C8    
35  N N7    . G   A 2  ? 0.17717 0.21221 0.14654 0.02357  0.03901  0.02041  2   G   A N7    
36  C C5    . G   A 2  ? 0.15282 0.18486 0.12205 0.01692  0.03553  0.01657  2   G   A C5    
37  C C6    . G   A 2  ? 0.14642 0.17194 0.10806 0.01562  0.03132  0.01043  2   G   A C6    
38  O O6    . G   A 2  ? 0.19518 0.21641 0.14865 0.02038  0.02930  0.00673  2   G   A O6    
39  N N1    . G   A 2  ? 0.14406 0.16800 0.10918 0.00816  0.02941  0.00874  2   G   A N1    
40  C C2    . G   A 2  ? 0.12415 0.15227 0.09814 0.00265  0.03087  0.01216  2   G   A C2    
41  N N2    . G   A 2  ? 0.17017 0.19545 0.14556 -0.00399 0.02872  0.00989  2   G   A N2    
42  N N3    . G   A 2  ? 0.17163 0.20609 0.15328 0.00384  0.03425  0.01752  2   G   A N3    
43  C C4    . G   A 2  ? 0.13915 0.17515 0.11822 0.01097  0.03656  0.01953  2   G   A C4    
44  P P     . G   A 3  ? 0.17313 0.21608 0.18557 -0.00169 0.03059  0.02736  3   G   A P     
45  O OP1   . G   A 3  ? 0.20715 0.25179 0.22986 -0.00467 0.02845  0.02942  3   G   A OP1   
46  O OP2   . G   A 3  ? 0.16161 0.20149 0.16385 0.00337  0.03085  0.02512  3   G   A OP2   
47  O "O5'" . G   A 3  ? 0.14612 0.18412 0.15277 -0.00727 0.02728  0.02276  3   G   A "O5'" 
48  C "C5'" . G   A 3  ? 0.14051 0.17946 0.15381 -0.01298 0.02595  0.02336  3   G   A "C5'" 
49  C "C4'" . G   A 3  ? 0.12036 0.15298 0.12622 -0.01755 0.02301  0.01875  3   G   A "C4'" 
50  O "O4'" . G   A 3  ? 0.13596 0.16799 0.13574 -0.01544 0.02523  0.01737  3   G   A "O4'" 
51  C "C3'" . G   A 3  ? 0.15143 0.17700 0.14924 -0.01822 0.01955  0.01452  3   G   A "C3'" 
52  O "O3'" . G   A 3  ? 0.13105 0.15452 0.13198 -0.02145 0.01629  0.01441  3   G   A "O3'" 
53  C "C2'" . G   A 3  ? 0.13265 0.15290 0.12382 -0.02084 0.01877  0.01079  3   G   A "C2'" 
54  O "O2'" . G   A 3  ? 0.12019 0.13879 0.11468 -0.02675 0.01725  0.01080  3   G   A "O2'" 
55  C "C1'" . G   A 3  ? 0.13501 0.15967 0.12611 -0.01724 0.02243  0.01239  3   G   A "C1'" 
56  N N9    . G   A 3  ? 0.12061 0.14366 0.10424 -0.01128 0.02313  0.01044  3   G   A N9    
57  C C8    . G   A 3  ? 0.12407 0.15082 0.10721 -0.00489 0.02554  0.01275  3   G   A C8    
58  N N7    . G   A 3  ? 0.12876 0.15212 0.10367 -0.00037 0.02496  0.00963  3   G   A N7    
59  C C5    . G   A 3  ? 0.11504 0.13232 0.08604 -0.00416 0.02201  0.00505  3   G   A C5    
60  C C6    . G   A 3  ? 0.15627 0.16764 0.12010 -0.00209 0.01974  0.00007  3   G   A C6    
61  O O6    . G   A 3  ? 0.13904 0.14942 0.09745 0.00398  0.01951  -0.00164 3   G   A O6    
62  N N1    . G   A 3  ? 0.11592 0.12172 0.07963 -0.00756 0.01747  -0.00314 3   G   A N1    
63  C C2    . G   A 3  ? 0.12438 0.12999 0.09282 -0.01415 0.01741  -0.00175 3   G   A C2    
64  N N2    . G   A 3  ? 0.13072 0.12975 0.09794 -0.01853 0.01558  -0.00498 3   G   A N2    
65  N N3    . G   A 3  ? 0.13405 0.14510 0.10846 -0.01606 0.01895  0.00251  3   G   A N3    
66  C C4    . G   A 3  ? 0.11006 0.12682 0.08604 -0.01097 0.02114  0.00568  3   G   A C4    
67  P P     . C   A 4  ? 0.14640 0.16582 0.14272 -0.01985 0.01391  0.01235  4   C   A P     
68  O OP1   . C   A 4  ? 0.15510 0.17293 0.15599 -0.02338 0.01061  0.01289  4   C   A OP1   
69  O OP2   . C   A 4  ? 0.15649 0.17956 0.15243 -0.01407 0.01620  0.01388  4   C   A OP2   
70  O "O5'" . C   A 4  ? 0.13061 0.14262 0.11723 -0.02081 0.01270  0.00755  4   C   A "O5'" 
71  C "C5'" . C   A 4  ? 0.11719 0.12342 0.10162 -0.02574 0.01090  0.00543  4   C   A "C5'" 
72  C "C4'" . C   A 4  ? 0.12425 0.12419 0.10140 -0.02548 0.01077  0.00139  4   C   A "C4'" 
73  O "O4'" . C   A 4  ? 0.11816 0.12081 0.09420 -0.02292 0.01298  0.00112  4   C   A "O4'" 
74  C "C3'" . C   A 4  ? 0.13853 0.13524 0.11115 -0.02231 0.00979  -0.00107 4   C   A "C3'" 
75  O "O3'" . C   A 4  ? 0.12940 0.12113 0.10072 -0.02440 0.00764  -0.00194 4   C   A "O3'" 
76  C "C2'" . C   A 4  ? 0.12620 0.11874 0.09441 -0.02132 0.01021  -0.00458 4   C   A "C2'" 
77  O "O2'" . C   A 4  ? 0.13932 0.12471 0.10609 -0.02570 0.00937  -0.00655 4   C   A "O2'" 
78  C "C1'" . C   A 4  ? 0.11850 0.11658 0.08880 -0.02021 0.01234  -0.00266 4   C   A "C1'" 
79  N N1    . C   A 4  ? 0.12529 0.12793 0.09425 -0.01402 0.01367  -0.00197 4   C   A N1    
80  C C2    . C   A 4  ? 0.13294 0.13217 0.09674 -0.01040 0.01297  -0.00570 4   C   A C2    
81  O O2    . C   A 4  ? 0.13392 0.12692 0.09595 -0.01275 0.01151  -0.00917 4   C   A O2    
82  N N3    . C   A 4  ? 0.12623 0.12866 0.08749 -0.00414 0.01387  -0.00537 4   C   A N3    
83  C C4    . C   A 4  ? 0.12649 0.13514 0.09052 -0.00167 0.01605  -0.00113 4   C   A C4    
84  N N4    . C   A 4  ? 0.15782 0.16875 0.11851 0.00493  0.01732  -0.00066 4   C   A N4    
85  C C5    . C   A 4  ? 0.12182 0.13421 0.09257 -0.00545 0.01695  0.00284  4   C   A C5    
86  C C6    . C   A 4  ? 0.13993 0.14918 0.11276 -0.01152 0.01537  0.00204  4   C   A C6    
87  P P     . C   A 5  ? 0.13507 0.12655 0.10485 -0.02126 0.00658  -0.00253 5   C   A P     
88  O OP1   . C   A 5  ? 0.14559 0.13113 0.11369 -0.02399 0.00447  -0.00324 5   C   A OP1   
89  O OP2   . C   A 5  ? 0.15270 0.15198 0.12680 -0.01804 0.00764  0.00062  5   C   A OP2   
90  O "O5'" . C   A 5  ? 0.14156 0.12968 0.10672 -0.01832 0.00705  -0.00618 5   C   A "O5'" 
91  C "C5'" . C   A 5  ? 0.15016 0.13038 0.11233 -0.02045 0.00657  -0.00930 5   C   A "C5'" 
92  C "C4'" . C   A 5  ? 0.15213 0.13026 0.11227 -0.01714 0.00676  -0.01274 5   C   A "C4'" 
93  O "O4'" . C   A 5  ? 0.13234 0.11460 0.09277 -0.01496 0.00764  -0.01268 5   C   A "O4'" 
94  C "C3'" . C   A 5  ? 0.15986 0.13954 0.11895 -0.01288 0.00617  -0.01383 5   C   A "C3'" 
95  O "O3'" . C   A 5  ? 0.16022 0.13465 0.11833 -0.01392 0.00544  -0.01504 5   C   A "O3'" 
96  C "C2'" . C   A 5  ? 0.13849 0.11748 0.09640 -0.00933 0.00603  -0.01700 5   C   A "C2'" 
97  O "O2'" . C   A 5  ? 0.16540 0.13670 0.12353 -0.01103 0.00551  -0.02034 5   C   A "O2'" 
98  C "C1'" . C   A 5  ? 0.12762 0.11040 0.08610 -0.00987 0.00714  -0.01515 5   C   A "C1'" 
99  N N1    . C   A 5  ? 0.14108 0.13133 0.09950 -0.00581 0.00825  -0.01238 5   C   A N1    
100 C C2    . C   A 5  ? 0.15408 0.14532 0.10955 -0.00006 0.00794  -0.01442 5   C   A C2    
101 O O2    . C   A 5  ? 0.15785 0.14399 0.11189 0.00102  0.00626  -0.01868 5   C   A O2    
102 N N3    . C   A 5  ? 0.14729 0.14443 0.10184 0.00447  0.00948  -0.01170 5   C   A N3    
103 C C4    . C   A 5  ? 0.14986 0.15211 0.10785 0.00318  0.01141  -0.00700 5   C   A C4    
104 N N4    . C   A 5  ? 0.17498 0.18243 0.13266 0.00811  0.01354  -0.00403 5   C   A N4    
105 C C5    . C   A 5  ? 0.15072 0.15247 0.11291 -0.00281 0.01117  -0.00517 5   C   A C5    
106 C C6    . C   A 5  ? 0.14652 0.14212 0.10800 -0.00701 0.00952  -0.00799 5   C   A C6    
107 P P     . A   A 6  ? 0.19227 0.16919 0.15007 -0.01111 0.00478  -0.01465 6   A   A P     
108 O OP1   . A   A 6  ? 0.21941 0.18935 0.17579 -0.01277 0.00442  -0.01598 6   A   A OP1   
109 O OP2   . A   A 6  ? 0.22626 0.21012 0.18603 -0.01066 0.00485  -0.01092 6   A   A OP2   
110 O "O5'" . A   A 6  ? 0.18424 0.16283 0.14148 -0.00624 0.00468  -0.01740 6   A   A "O5'" 
111 C "C5'" . A   A 6  ? 0.20376 0.17677 0.16106 -0.00534 0.00427  -0.02140 6   A   A "C5'" 
112 C "C4'" . A   A 6  ? 0.24394 0.21983 0.20077 -0.00010 0.00344  -0.02372 6   A   A "C4'" 
113 O "O4'" . A   A 6  ? 0.20304 0.18323 0.15861 0.00128  0.00391  -0.02225 6   A   A "O4'" 
114 C "C3'" . A   A 6  ? 0.25438 0.23480 0.21046 0.00351  0.00317  -0.02301 6   A   A "C3'" 
115 O "O3'" . A   A 6  ? 0.24725 0.22402 0.20460 0.00404  0.00255  -0.02547 6   A   A "O3'" 
116 C "C2'" . A   A 6  ? 0.25298 0.23703 0.20708 0.00873  0.00272  -0.02399 6   A   A "C2'" 
117 O "O2'" . A   A 6  ? 0.28833 0.26826 0.24293 0.01156  0.00085  -0.02883 6   A   A "O2'" 
118 C "C1'" . A   A 6  ? 0.17326 0.15830 0.12688 0.00676  0.00374  -0.02209 6   A   A "C1'" 
119 N N9    . A   A 6  ? 0.17744 0.16875 0.13109 0.00676  0.00559  -0.01722 6   A   A N9    
120 C C8    . A   A 6  ? 0.17163 0.16442 0.12787 0.00227  0.00656  -0.01368 6   A   A C8    
121 N N7    . A   A 6  ? 0.18254 0.18128 0.14013 0.00376  0.00818  -0.00966 6   A   A N7    
122 C C5    . A   A 6  ? 0.18149 0.18251 0.13607 0.00977  0.00872  -0.01037 6   A   A C5    
123 C C6    . A   A 6  ? 0.18658 0.19295 0.14063 0.01440  0.01091  -0.00705 6   A   A C6    
124 N N6    . A   A 6  ? 0.21824 0.22927 0.17654 0.01344  0.01315  -0.00207 6   A   A N6    
125 N N1    . A   A 6  ? 0.20649 0.21275 0.15573 0.02061  0.01078  -0.00900 6   A   A N1    
126 C C2    . A   A 6  ? 0.17296 0.17449 0.11943 0.02181  0.00806  -0.01425 6   A   A C2    
127 N N3    . A   A 6  ? 0.20693 0.20347 0.15513 0.01766  0.00598  -0.01767 6   A   A N3    
128 C C4    . A   A 6  ? 0.17223 0.16869 0.12403 0.01171  0.00673  -0.01527 6   A   A C4    
129 P P     . G   A 7  ? 0.24671 0.22729 0.20381 0.00699  0.00229  -0.02500 7   G   A P     
130 O OP1   . G   A 7  ? 0.31986 0.29558 0.27844 0.00483  0.00252  -0.02594 7   G   A OP1   
131 O OP2   . G   A 7  ? 0.26858 0.25564 0.22455 0.00758  0.00306  -0.02088 7   G   A OP2   
132 O "O5'" . G   A 7  ? 0.24840 0.22942 0.20559 0.01242  0.00082  -0.02888 7   G   A "O5'" 
133 C "C5'" . G   A 7  ? 0.25528 0.23070 0.21511 0.01306  -0.00042 -0.03323 7   G   A "C5'" 
134 C "C4'" . G   A 7  ? 0.25563 0.23232 0.21519 0.01901  -0.00262 -0.03678 7   G   A "C4'" 
135 O "O4'" . G   A 7  ? 0.25859 0.23830 0.21396 0.02145  -0.00287 -0.03571 7   G   A "O4'" 
136 C "C3'" . G   A 7  ? 0.25057 0.23149 0.20932 0.02276  -0.00304 -0.03675 7   G   A "C3'" 
137 O "O3'" . G   A 7  ? 0.27121 0.24929 0.23455 0.02260  -0.00346 -0.03927 7   G   A "O3'" 
138 C "C2'" . G   A 7  ? 0.27718 0.25990 0.23278 0.02894  -0.00507 -0.03900 7   G   A "C2'" 
139 O "O2'" . G   A 7  ? 0.30050 0.27846 0.25979 0.03149  -0.00798 -0.04452 7   G   A "O2'" 
140 C "C1'" . G   A 7  ? 0.25972 0.24302 0.21204 0.02758  -0.00401 -0.03659 7   G   A "C1'" 
141 N N9    . G   A 7  ? 0.25108 0.24028 0.19962 0.02807  -0.00161 -0.03144 7   G   A N9    
142 C C8    . G   A 7  ? 0.25330 0.24473 0.20265 0.02330  0.00082  -0.02679 7   G   A C8    
143 N N7    . G   A 7  ? 0.23267 0.22927 0.17988 0.02537  0.00271  -0.02275 7   G   A N7    
144 C C5    . G   A 7  ? 0.20791 0.20548 0.15136 0.03212  0.00176  -0.02468 7   G   A C5    
145 C C6    . G   A 7  ? 0.22118 0.22292 0.16065 0.03750  0.00349  -0.02176 7   G   A C6    
146 O O6    . G   A 7  ? 0.23522 0.24105 0.17501 0.03723  0.00652  -0.01659 7   G   A O6    
147 N N1    . G   A 7  ? 0.20123 0.20157 0.13652 0.04416  0.00137  -0.02547 7   G   A N1    
148 C C2    . G   A 7  ? 0.20137 0.19720 0.13767 0.04527  -0.00235 -0.03144 7   G   A C2    
149 N N2    . G   A 7  ? 0.21895 0.21383 0.15106 0.05245  -0.00467 -0.03469 7   G   A N2    
150 N N3    . G   A 7  ? 0.21966 0.21173 0.16109 0.04018  -0.00371 -0.03403 7   G   A N3    
151 C C4    . G   A 7  ? 0.22094 0.21402 0.16505 0.03384  -0.00130 -0.03027 7   G   A C4    
152 P P     . C   A 8  ? 0.25862 0.24032 0.22207 0.02276  -0.00247 -0.03742 8   C   A P     
153 O OP1   . C   A 8  ? 0.32142 0.29855 0.29051 0.02208  -0.00240 -0.04027 8   C   A OP1   
154 O OP2   . C   A 8  ? 0.30981 0.29467 0.27028 0.01938  -0.00054 -0.03236 8   C   A OP2   
155 O "O5'" . C   A 8  ? 0.22326 0.20966 0.18440 0.02890  -0.00411 -0.03872 8   C   A "O5'" 
156 C "C5'" . C   A 8  ? 0.23620 0.22058 0.19984 0.03356  -0.00693 -0.04385 8   C   A "C5'" 
157 C "C4'" . C   A 8  ? 0.22589 0.21458 0.18494 0.03967  -0.00833 -0.04422 8   C   A "C4'" 
158 O "O4'" . C   A 8  ? 0.22801 0.21811 0.18091 0.04114  -0.00776 -0.04188 8   C   A "O4'" 
159 C "C3'" . C   A 8  ? 0.21476 0.20878 0.17197 0.04017  -0.00663 -0.04091 8   C   A "C3'" 
160 O "O3'" . C   A 8  ? 0.20867 0.20279 0.17065 0.04084  -0.00741 -0.04334 8   C   A "O3'" 
161 C "C2'" . C   A 8  ? 0.19921 0.19631 0.14985 0.04607  -0.00710 -0.04001 8   C   A "C2'" 
162 O "O2'" . C   A 8  ? 0.23255 0.22823 0.18325 0.05213  -0.01056 -0.04512 8   C   A "O2'" 
163 C "C1'" . C   A 8  ? 0.19676 0.19183 0.14453 0.04511  -0.00672 -0.03906 8   C   A "C1'" 
164 N N1    . C   A 8  ? 0.19613 0.19448 0.14193 0.04153  -0.00323 -0.03301 8   C   A N1    
165 C C2    . C   A 8  ? 0.20404 0.20641 0.14490 0.04568  -0.00145 -0.02949 8   C   A C2    
166 O O2    . C   A 8  ? 0.22992 0.23253 0.16703 0.05210  -0.00286 -0.03160 8   C   A O2    
167 N N3    . C   A 8  ? 0.20423 0.20970 0.14507 0.04284  0.00177  -0.02388 8   C   A N3    
168 C C4    . C   A 8  ? 0.20024 0.20493 0.14497 0.03630  0.00260  -0.02216 8   C   A C4    
169 N N4    . C   A 8  ? 0.23620 0.24407 0.18190 0.03403  0.00527  -0.01688 8   C   A N4    
170 C C5    . C   A 8  ? 0.20053 0.20073 0.14875 0.03213  0.00080  -0.02568 8   C   A C5    
171 C C6    . C   A 8  ? 0.21073 0.20788 0.15969 0.03493  -0.00175 -0.03085 8   C   A C6    
172 P P     . A   A 9  ? 0.22266 0.22046 0.18539 0.03802  -0.00504 -0.03974 9   A   A P     
173 O OP1   . A   A 9  ? 0.25026 0.24717 0.21891 0.03933  -0.00615 -0.04345 9   A   A OP1   
174 O OP2   . A   A 9  ? 0.23696 0.23397 0.19905 0.03216  -0.00269 -0.03563 9   A   A OP2   
175 O "O5'" . A   A 9  ? 0.19906 0.20233 0.15638 0.04207  -0.00453 -0.03696 9   A   A "O5'" 
176 C "C5'" . A   A 9  ? 0.19862 0.20289 0.15398 0.04866  -0.00678 -0.04010 9   A   A "C5'" 
177 C "C4'" . A   A 9  ? 0.22684 0.23515 0.17574 0.05235  -0.00522 -0.03624 9   A   A "C4'" 
178 O "O4'" . A   A 9  ? 0.21991 0.22751 0.16449 0.05220  -0.00386 -0.03347 9   A   A "O4'" 
179 C "C3'" . A   A 9  ? 0.23742 0.24994 0.18704 0.04947  -0.00231 -0.03127 9   A   A "C3'" 
180 O "O3'" . A   A 9  ? 0.24783 0.26244 0.19977 0.05119  -0.00308 -0.03294 9   A   A "O3'" 
181 C "C2'" . A   A 9  ? 0.19709 0.21198 0.14104 0.05241  0.00004  -0.02662 9   A   A "C2'" 
182 O "O2'" . A   A 9  ? 0.23076 0.24685 0.16995 0.05959  -0.00055 -0.02756 9   A   A "O2'" 
183 C "C1'" . A   A 9  ? 0.22200 0.23361 0.16379 0.05233  -0.00057 -0.02765 9   A   A "C1'" 
184 N N9    . A   A 9  ? 0.20940 0.22109 0.15362 0.04615  0.00154  -0.02386 9   A   A N9    
185 C C8    . A   A 9  ? 0.21937 0.22821 0.16767 0.04032  0.00086  -0.02510 9   A   A C8    
186 N N7    . A   A 9  ? 0.24279 0.25234 0.19212 0.03604  0.00275  -0.02105 9   A   A N7    
187 C C5    . A   A 9  ? 0.22112 0.23448 0.16799 0.03918  0.00503  -0.01678 9   A   A C5    
188 C C6    . A   A 9  ? 0.22125 0.23713 0.16941 0.03737  0.00772  -0.01136 9   A   A C6    
189 N N6    . A   A 9  ? 0.27319 0.28821 0.22493 0.03166  0.00789  -0.00970 9   A   A N6    
190 N N1    . A   A 9  ? 0.22243 0.24144 0.16848 0.04203  0.01028  -0.00766 9   A   A N1    
191 C C2    . A   A 9  ? 0.23293 0.25220 0.17446 0.04818  0.00995  -0.00939 9   A   A C2    
192 N N3    . A   A 9  ? 0.21337 0.23060 0.15294 0.05050  0.00693  -0.01477 9   A   A N3    
193 C C4    . A   A 9  ? 0.21760 0.23204 0.16072 0.04556  0.00461  -0.01825 9   A   A C4    
194 P P     . G   A 10 ? 0.25671 0.27477 0.21167 0.04717  -0.00086 -0.02922 10  G   A P     
195 O OP1   . G   A 10 ? 0.29199 0.31162 0.24988 0.04947  -0.00221 -0.03238 10  G   A OP1   
196 O OP2   . G   A 10 ? 0.26519 0.28144 0.22299 0.04058  0.00028  -0.02715 10  G   A OP2   
197 O "O5'" . G   A 10 ? 0.24913 0.27075 0.19962 0.04971  0.00165  -0.02392 10  G   A "O5'" 
198 C "C5'" . G   A 10 ? 0.23579 0.25950 0.18813 0.04551  0.00420  -0.01858 10  G   A "C5'" 
199 C "C4'" . G   A 10 ? 0.24327 0.26944 0.19211 0.04924  0.00686  -0.01385 10  G   A "C4'" 
200 O "O4'" . G   A 10 ? 0.23438 0.25866 0.18014 0.05041  0.00749  -0.01297 10  G   A "O4'" 
201 C "C3'" . G   A 10 ? 0.23463 0.26351 0.18722 0.04585  0.00948  -0.00807 10  G   A "C3'" 
202 O "O3'" . G   A 10 ? 0.24635 0.27788 0.20061 0.04653  0.00990  -0.00735 10  G   A "O3'" 
203 C "C2'" . G   A 10 ? 0.20183 0.23142 0.15178 0.04921  0.01245  -0.00360 10  G   A "C2'" 
204 O "O2'" . G   A 10 ? 0.23929 0.27014 0.18466 0.05597  0.01404  -0.00254 10  G   A "O2'" 
205 C "C1'" . G   A 10 ? 0.22020 0.24661 0.16675 0.05000  0.01090  -0.00686 10  G   A "C1'" 
206 N N9    . G   A 10 ? 0.20078 0.22606 0.15117 0.04406  0.01087  -0.00552 10  G   A N9    
207 C C8    . G   A 10 ? 0.20549 0.22781 0.15767 0.03943  0.00842  -0.00904 10  G   A C8    
208 N N7    . G   A 10 ? 0.22465 0.24631 0.17958 0.03504  0.00900  -0.00663 10  G   A N7    
209 C C5    . G   A 10 ? 0.19559 0.22034 0.15173 0.03679  0.01196  -0.00123 10  G   A C5    
210 C C6    . G   A 10 ? 0.20646 0.23230 0.16686 0.03405  0.01365  0.00322  10  G   A C6    
211 O O6    . G   A 10 ? 0.24535 0.26957 0.20847 0.02930  0.01250  0.00309  10  G   A O6    
212 N N1    . G   A 10 ? 0.20126 0.23017 0.16316 0.03772  0.01716  0.00832  10  G   A N1    
213 C C2    . G   A 10 ? 0.22768 0.25795 0.18600 0.04346  0.01892  0.00911  10  G   A C2    
214 N N2    . G   A 10 ? 0.22250 0.25505 0.18305 0.04677  0.02301  0.01482  10  G   A N2    
215 N N3    . G   A 10 ? 0.20346 0.23270 0.15685 0.04611  0.01696  0.00472  10  G   A N3    
216 C C4    . G   A 10 ? 0.21354 0.24026 0.16674 0.04242  0.01346  -0.00030 10  G   A C4    
217 P P     . C   A 11 ? 0.25905 0.29222 0.21947 0.04088  0.01051  -0.00414 11  C   A P     
218 O OP1   . C   A 11 ? 0.32066 0.35641 0.28189 0.04246  0.01059  -0.00463 11  C   A OP1   
219 O OP2   . C   A 11 ? 0.27053 0.30084 0.23341 0.03533  0.00860  -0.00604 11  C   A OP2   
220 O "O5'" . C   A 11 ? 0.26720 0.30191 0.22956 0.04117  0.01366  0.00232  11  C   A "O5'" 
221 C "C5'" . C   A 11 ? 0.28546 0.32209 0.24555 0.04672  0.01672  0.00576  11  C   A "C5'" 
222 C "C4'" . C   A 11 ? 0.32128 0.35864 0.28511 0.04649  0.02000  0.01192  11  C   A "C4'" 
223 O "O4'" . C   A 11 ? 0.28807 0.32354 0.25027 0.04607  0.01979  0.01133  11  C   A "O4'" 
224 C "C3'" . C   A 11 ? 0.34668 0.38497 0.31923 0.04061  0.01974  0.01509  11  C   A "C3'" 
225 O "O3'" . C   A 11 ? 0.38250 0.42294 0.35862 0.04114  0.02122  0.01799  11  C   A "O3'" 
226 C "C2'" . C   A 11 ? 0.32279 0.36091 0.29904 0.04030  0.02193  0.01935  11  C   A "C2'" 
227 O "O2'" . C   A 11 ? 0.33055 0.37022 0.30804 0.04523  0.02660  0.02481  11  C   A "O2'" 
228 C "C1'" . C   A 11 ? 0.31211 0.34816 0.28142 0.04222  0.02100  0.01566  11  C   A "C1'" 
229 N N1    . C   A 11 ? 0.26154 0.29543 0.23224 0.03661  0.01766  0.01249  11  C   A N1    
230 C C2    . C   A 11 ? 0.26202 0.29580 0.23832 0.03334  0.01810  0.01556  11  C   A C2    
231 O O2    . C   A 11 ? 0.29951 0.33530 0.28066 0.03513  0.02135  0.02088  11  C   A O2    
232 N N3    . C   A 11 ? 0.24466 0.27598 0.22152 0.02858  0.01516  0.01283  11  C   A N3    
233 C C4    . C   A 11 ? 0.22626 0.25497 0.19860 0.02713  0.01238  0.00754  11  C   A C4    
234 N N4    . C   A 11 ? 0.25637 0.28198 0.22894 0.02282  0.01006  0.00532  11  C   A N4    
235 C C5    . C   A 11 ? 0.24448 0.27345 0.21235 0.03037  0.01202  0.00436  11  C   A C5    
236 C C6    . C   A 11 ? 0.26417 0.29586 0.23120 0.03495  0.01442  0.00679  11  C   A C6    
237 P P     . A   A 12 ? 0.41998 0.46079 0.40196 0.03535  0.01852  0.01722  12  A   A P     
238 O OP1   . A   A 12 ? 0.51334 0.55653 0.49697 0.03735  0.02036  0.01948  12  A   A OP1   
239 O OP2   . A   A 12 ? 0.42159 0.46027 0.40032 0.03234  0.01477  0.01135  12  A   A OP2   
240 O "O5'" . A   A 12 ? 0.47660 0.51689 0.46706 0.03145  0.01857  0.02143  12  A   A "O5'" 
241 C "C5'" . A   A 12 ? 0.46390 0.50564 0.46012 0.03381  0.02243  0.02758  12  A   A "C5'" 
242 C "C4'" . A   A 12 ? 0.47876 0.51962 0.48235 0.03070  0.02191  0.03016  12  A   A "C4'" 
243 O "O4'" . A   A 12 ? 0.47587 0.51534 0.47416 0.03105  0.02133  0.02766  12  A   A "O4'" 
244 C "C3'" . A   A 12 ? 0.48338 0.52266 0.49277 0.02462  0.01738  0.02874  12  A   A "C3'" 
245 O "O3'" . A   A 12 ? 0.51710 0.55730 0.53512 0.02337  0.01749  0.03215  12  A   A "O3'" 
246 C "C2'" . A   A 12 ? 0.47911 0.51712 0.49192 0.02274  0.01654  0.02952  12  A   A "C2'" 
247 O "O2'" . A   A 12 ? 0.50239 0.54198 0.52532 0.02398  0.01952  0.03547  12  A   A "O2'" 
248 C "C1'" . A   A 12 ? 0.46585 0.50377 0.46941 0.02614  0.01841  0.02733  12  A   A "C1'" 
249 N N9    . A   A 12 ? 0.38517 0.42041 0.38179 0.02350  0.01475  0.02146  12  A   A N9    
250 C C8    . A   A 12 ? 0.36951 0.40386 0.35843 0.02447  0.01356  0.01678  12  A   A C8    
251 N N7    . A   A 12 ? 0.36238 0.39371 0.34771 0.02170  0.01075  0.01258  12  A   A N7    
252 C C5    . A   A 12 ? 0.34258 0.37272 0.33257 0.01869  0.00983  0.01452  12  A   A C5    
253 C C6    . A   A 12 ? 0.34383 0.37053 0.33269 0.01514  0.00721  0.01218  12  A   A C6    
254 N N6    . A   A 12 ? 0.33616 0.35952 0.31889 0.01401  0.00545  0.00749  12  A   A N6    
255 N N1    . A   A 12 ? 0.36955 0.39610 0.36450 0.01299  0.00661  0.01499  12  A   A N1    
256 C C2    . A   A 12 ? 0.41452 0.44425 0.41735 0.01434  0.00873  0.01993  12  A   A C2    
257 N N3    . A   A 12 ? 0.43561 0.46838 0.44060 0.01771  0.01178  0.02291  12  A   A N3    
258 C C4    . A   A 12 ? 0.40134 0.43410 0.39886 0.01975  0.01208  0.01985  12  A   A C4    
259 P P     . G   A 13 ? 0.56143 0.59965 0.58245 0.01825  0.01235  0.02953  13  G   A P     
260 O OP1   . G   A 13 ? 0.64058 0.67946 0.67337 0.01725  0.01261  0.03418  13  G   A OP1   
261 O OP2   . G   A 13 ? 0.54351 0.58161 0.55595 0.01833  0.01114  0.02488  13  G   A OP2   
262 O "O5'" . G   A 13 ? 0.50025 0.53527 0.52086 0.01484  0.00854  0.02696  13  G   A "O5'" 
263 C "C5'" . G   A 13 ? 0.43578 0.46828 0.46334 0.01100  0.00428  0.02710  13  G   A "C5'" 
264 C "C4'" . G   A 13 ? 0.39333 0.42511 0.42745 0.01008  0.00367  0.02922  13  G   A "C4'" 
265 O "O4'" . G   A 13 ? 0.41107 0.44324 0.43825 0.01165  0.00584  0.02794  13  G   A "O4'" 
266 C "C3'" . G   A 13 ? 0.37657 0.40408 0.41268 0.00615  -0.00223 0.02674  13  G   A "C3'" 
267 O "O3'" . G   A 13 ? 0.35755 0.38421 0.40400 0.00465  -0.00509 0.02878  13  G   A "O3'" 
268 C "C2'" . G   A 13 ? 0.37132 0.39858 0.40889 0.00588  -0.00194 0.02733  13  G   A "C2'" 
269 O "O2'" . G   A 13 ? 0.38457 0.41410 0.43530 0.00661  -0.00045 0.03236  13  G   A "O2'" 
270 C "C1'" . G   A 13 ? 0.37972 0.40929 0.40836 0.00891  0.00272  0.02666  13  G   A "C1'" 
271 N N9    . G   A 13 ? 0.32200 0.34850 0.33928 0.00772  0.00086  0.02139  13  G   A N9    
272 C C8    . G   A 13 ? 0.31517 0.34179 0.32351 0.00931  0.00213  0.01833  13  G   A C8    
273 N N7    . G   A 13 ? 0.28471 0.30793 0.28554 0.00799  0.00040  0.01411  13  G   A N7    
274 C C5    . G   A 13 ? 0.29254 0.31311 0.29639 0.00533  -0.00216 0.01440  13  G   A C5    
275 C C6    . G   A 13 ? 0.25502 0.27094 0.25344 0.00314  -0.00450 0.01115  13  G   A C6    
276 O O6    . G   A 13 ? 0.31319 0.32630 0.30365 0.00313  -0.00443 0.00748  13  G   A O6    
277 N N1    . G   A 13 ? 0.24123 0.25568 0.24523 0.00100  -0.00695 0.01265  13  G   A N1    
278 C C2    . G   A 13 ? 0.30096 0.31819 0.31579 0.00100  -0.00721 0.01670  13  G   A C2    
279 N N2    . G   A 13 ? 0.30096 0.31630 0.32102 -0.00105 -0.01016 0.01731  13  G   A N2    
280 N N3    . G   A 13 ? 0.30594 0.32732 0.32678 0.00306  -0.00467 0.02001  13  G   A N3    
281 C C4    . G   A 13 ? 0.30446 0.32720 0.31868 0.00513  -0.00219 0.01868  13  G   A C4    
282 P P     . C   A 14 ? 0.38093 0.40290 0.42415 0.00191  -0.01104 0.02488  14  C   A P     
283 O OP1   . C   A 14 ? 0.41099 0.43305 0.46591 0.00124  -0.01301 0.02769  14  C   A OP1   
284 O OP2   . C   A 14 ? 0.37223 0.39365 0.40280 0.00242  -0.01000 0.02100  14  C   A OP2   
285 O "O5'" . C   A 14 ? 0.32163 0.33903 0.36363 -0.00016 -0.01565 0.02244  14  C   A "O5'" 
286 C "C5'" . C   A 14 ? 0.28443 0.30213 0.33781 -0.00070 -0.01704 0.02524  14  C   A "C5'" 
287 C "C4'" . C   A 14 ? 0.24181 0.25514 0.29085 -0.00241 -0.02104 0.02219  14  C   A "C4'" 
288 O "O4'" . C   A 14 ? 0.27293 0.28749 0.31261 -0.00172 -0.01725 0.02093  14  C   A "O4'" 
289 C "C3'" . C   A 14 ? 0.28305 0.28976 0.32318 -0.00385 -0.02649 0.01752  14  C   A "C3'" 
290 O "O3'" . C   A 14 ? 0.28584 0.28913 0.33392 -0.00474 -0.03237 0.01752  14  C   A "O3'" 
291 C "C2'" . C   A 14 ? 0.26373 0.26726 0.29600 -0.00464 -0.02728 0.01497  14  C   A "C2'" 
292 O "O2'" . C   A 14 ? 0.29458 0.29681 0.33563 -0.00565 -0.03091 0.01602  14  C   A "O2'" 
293 C "C1'" . C   A 14 ? 0.26528 0.27428 0.29534 -0.00328 -0.02071 0.01665  14  C   A "C1'" 
294 N N1    . C   A 14 ? 0.23375 0.24208 0.25133 -0.00246 -0.01801 0.01367  14  C   A N1    
295 C C2    . C   A 14 ? 0.22834 0.23171 0.23611 -0.00338 -0.01927 0.01007  14  C   A C2    
296 O O2    . C   A 14 ? 0.24692 0.24664 0.25571 -0.00483 -0.02265 0.00949  14  C   A O2    
297 N N3    . C   A 14 ? 0.23445 0.23689 0.23261 -0.00251 -0.01677 0.00738  14  C   A N3    
298 C C4    . C   A 14 ? 0.21307 0.21956 0.21076 -0.00077 -0.01360 0.00785  14  C   A C4    
299 N N4    . C   A 14 ? 0.24133 0.24680 0.23084 0.00022  -0.01156 0.00490  14  C   A N4    
300 C C5    . C   A 14 ? 0.24043 0.25198 0.24672 0.00024  -0.01231 0.01146  14  C   A C5    
301 C C6    . C   A 14 ? 0.23828 0.25044 0.25446 -0.00067 -0.01434 0.01443  14  C   A C6    
302 P P     . A   A 15 ? 0.30775 0.30617 0.34940 -0.00495 -0.03632 0.01443  15  A   A P     
303 O OP1   . A   A 15 ? 0.33042 0.32560 0.38303 -0.00554 -0.04276 0.01491  15  A   A OP1   
304 O OP2   . A   A 15 ? 0.32177 0.32414 0.35925 -0.00403 -0.03148 0.01499  15  A   A OP2   
305 O "O5'" . A   A 15 ? 0.28145 0.27321 0.30828 -0.00515 -0.03858 0.00979  15  A   A "O5'" 
306 C "C5'" . A   A 15 ? 0.30580 0.29244 0.33232 -0.00577 -0.04327 0.00828  15  A   A "C5'" 
307 C "C4'" . A   A 15 ? 0.27263 0.25430 0.28434 -0.00559 -0.04246 0.00489  15  A   A "C4'" 
308 O "O4'" . A   A 15 ? 0.29411 0.28097 0.30292 -0.00557 -0.03595 0.00589  15  A   A "O4'" 
309 C "C3'" . A   A 15 ? 0.26431 0.24101 0.26408 -0.00452 -0.04269 0.00185  15  A   A "C3'" 
310 O "O3'" . A   A 15 ? 0.29209 0.26080 0.28885 -0.00385 -0.04931 -0.00043 15  A   A "O3'" 
311 C "C2'" . A   A 15 ? 0.27978 0.25499 0.26868 -0.00429 -0.03852 0.00011  15  A   A "C2'" 
312 O "O2'" . A   A 15 ? 0.32019 0.28871 0.30410 -0.00451 -0.04182 -0.00159 15  A   A "O2'" 
313 C "C1'" . A   A 15 ? 0.27598 0.25952 0.27186 -0.00491 -0.03363 0.00297  15  A   A "C1'" 
314 N N9    . A   A 15 ? 0.24270 0.23188 0.23832 -0.00396 -0.02874 0.00378  15  A   A N9    
315 C C8    . A   A 15 ? 0.22690 0.22173 0.23074 -0.00357 -0.02743 0.00643  15  A   A C8    
316 N N7    . A   A 15 ? 0.23832 0.23691 0.23872 -0.00242 -0.02305 0.00625  15  A   A N7    
317 C C5    . A   A 15 ? 0.23239 0.22764 0.22266 -0.00207 -0.02153 0.00320  15  A   A C5    
318 C C6    . A   A 15 ? 0.27047 0.26708 0.25440 -0.00079 -0.01759 0.00135  15  A   A C6    
319 N N6    . A   A 15 ? 0.30518 0.30723 0.29110 0.00052  -0.01459 0.00215  15  A   A N6    
320 N N1    . A   A 15 ? 0.23889 0.23078 0.21495 -0.00071 -0.01689 -0.00139 15  A   A N1    
321 C C2    . A   A 15 ? 0.26373 0.24985 0.23728 -0.00183 -0.01980 -0.00207 15  A   A C2    
322 N N3    . A   A 15 ? 0.28615 0.27050 0.26430 -0.00299 -0.02395 -0.00072 15  A   A N3    
323 C C4    . A   A 15 ? 0.24763 0.23695 0.23471 -0.00306 -0.02471 0.00185  15  A   A C4    
324 P P     . G   A 16 ? 0.32564 0.28867 0.31165 -0.00218 -0.05020 -0.00313 16  G   A P     
325 O OP1   . G   A 16 ? 0.37991 0.33665 0.36838 -0.00139 -0.05800 -0.00436 16  G   A OP1   
326 O OP2   . G   A 16 ? 0.33354 0.30300 0.32012 -0.00218 -0.04467 -0.00203 16  G   A OP2   
327 O "O5'" . G   A 16 ? 0.26730 0.22334 0.23884 -0.00103 -0.04864 -0.00585 16  G   A "O5'" 
328 C "C5'" . G   A 16 ? 0.26871 0.21782 0.23659 -0.00072 -0.05291 -0.00719 16  G   A "C5'" 
329 C "C4'" . G   A 16 ? 0.25484 0.19699 0.20858 0.00070  -0.05020 -0.00935 16  G   A "C4'" 
330 O "O4'" . G   A 16 ? 0.25017 0.19795 0.20453 -0.00072 -0.04389 -0.00827 16  G   A "O4'" 
331 C "C3'" . G   A 16 ? 0.29656 0.23406 0.24002 0.00307  -0.04795 -0.01107 16  G   A "C3'" 
332 O "O3'" . G   A 16 ? 0.29754 0.22592 0.23462 0.00557  -0.05368 -0.01297 16  G   A "O3'" 
333 C "C2'" . G   A 16 ? 0.24458 0.17903 0.17917 0.00361  -0.04261 -0.01188 16  G   A "C2'" 
334 O "O2'" . G   A 16 ? 0.26901 0.19363 0.19525 0.00496  -0.04579 -0.01330 16  G   A "O2'" 
335 C "C1'" . G   A 16 ? 0.26599 0.20972 0.20971 0.00080  -0.03943 -0.00988 16  G   A "C1'" 
336 N N9    . G   A 16 ? 0.21685 0.16879 0.16445 0.00037  -0.03392 -0.00897 16  G   A N9    
337 C C8    . G   A 16 ? 0.22621 0.18656 0.18317 -0.00049 -0.03343 -0.00712 16  G   A C8    
338 N N7    . G   A 16 ? 0.22687 0.19276 0.18441 -0.00022 -0.02828 -0.00693 16  G   A N7    
339 C C5    . G   A 16 ? 0.19761 0.15854 0.14668 0.00075  -0.02527 -0.00886 16  G   A C5    
340 C C6    . G   A 16 ? 0.20832 0.17144 0.15525 0.00164  -0.01994 -0.00986 16  G   A C6    
341 O O6    . G   A 16 ? 0.21696 0.18709 0.16830 0.00187  -0.01708 -0.00943 16  G   A O6    
342 N N1    . G   A 16 ? 0.22325 0.17898 0.16249 0.00257  -0.01816 -0.01153 16  G   A N1    
343 C C2    . G   A 16 ? 0.25056 0.19768 0.18362 0.00280  -0.02095 -0.01205 16  G   A C2    
344 N N2    . G   A 16 ? 0.26073 0.20102 0.18679 0.00398  -0.01797 -0.01331 16  G   A N2    
345 N N3    . G   A 16 ? 0.24804 0.19298 0.18207 0.00219  -0.02634 -0.01142 16  G   A N3    
346 C C4    . G   A 16 ? 0.23298 0.18522 0.17572 0.00110  -0.02831 -0.00989 16  G   A C4    
347 P P     . C   A 17 ? 0.32064 0.24673 0.25245 0.00781  -0.05295 -0.01400 17  C   A P     
348 O OP1   . C   A 17 ? 0.38753 0.30321 0.31278 0.01069  -0.06016 -0.01608 17  C   A OP1   
349 O OP2   . C   A 17 ? 0.31834 0.25492 0.26073 0.00578  -0.05037 -0.01210 17  C   A OP2   
350 O "O5'" . C   A 17 ? 0.28924 0.21167 0.20984 0.00968  -0.04609 -0.01491 17  C   A "O5'" 
351 C "C5'" . C   A 17 ? 0.27541 0.18705 0.18393 0.01227  -0.04627 -0.01639 17  C   A "C5'" 
352 C "C4'" . C   A 17 ? 0.26294 0.17367 0.16554 0.01330  -0.03845 -0.01646 17  C   A "C4'" 
353 O "O4'" . C   A 17 ? 0.25560 0.17558 0.16648 0.01004  -0.03425 -0.01514 17  C   A "O4'" 
354 C "C3'" . C   A 17 ? 0.25763 0.17009 0.15879 0.01499  -0.03419 -0.01670 17  C   A "C3'" 
355 O "O3'" . C   A 17 ? 0.24909 0.15135 0.13952 0.01917  -0.03574 -0.01802 17  C   A "O3'" 
356 C "C2'" . C   A 17 ? 0.26985 0.18503 0.17133 0.01458  -0.02673 -0.01639 17  C   A "C2'" 
357 O "O2'" . C   A 17 ? 0.28264 0.18700 0.17349 0.01739  -0.02453 -0.01711 17  C   A "O2'" 
358 C "C1'" . C   A 17 ? 0.24432 0.16722 0.15468 0.01074  -0.02754 -0.01525 17  C   A "C1'" 
359 N N1    . C   A 17 ? 0.24488 0.17971 0.16605 0.00844  -0.02600 -0.01411 17  C   A N1    
360 C C2    . C   A 17 ? 0.24633 0.18607 0.16973 0.00849  -0.01996 -0.01427 17  C   A C2    
361 O O2    . C   A 17 ? 0.24450 0.17864 0.16218 0.01012  -0.01615 -0.01522 17  C   A O2    
362 N N3    . C   A 17 ? 0.21868 0.16867 0.15073 0.00704  -0.01845 -0.01338 17  C   A N3    
363 C C4    . C   A 17 ? 0.21540 0.17055 0.15395 0.00551  -0.02210 -0.01195 17  C   A C4    
364 N N4    . C   A 17 ? 0.22065 0.18519 0.16690 0.00456  -0.02007 -0.01082 17  C   A N4    
365 C C5    . C   A 17 ? 0.22168 0.17217 0.15957 0.00521  -0.02811 -0.01163 17  C   A C5    
366 C C6    . C   A 17 ? 0.25097 0.19139 0.17996 0.00677  -0.03022 -0.01295 17  C   A C6    
367 P P     . A   A 18 ? 0.25232 0.15682 0.14353 0.02058  -0.03535 -0.01828 18  A   A P     
368 O OP1   . A   A 18 ? 0.27754 0.16919 0.15544 0.02561  -0.03745 -0.01971 18  A   A OP1   
369 O OP2   . A   A 18 ? 0.28981 0.20398 0.19314 0.01714  -0.03930 -0.01736 18  A   A OP2   
370 O "O5'" . A   A 18 ? 0.23938 0.15007 0.13364 0.02035  -0.02680 -0.01773 18  A   A "O5'" 
371 C "C5'" . A   A 18 ? 0.24416 0.14727 0.12982 0.02390  -0.02113 -0.01821 18  A   A "C5'" 
372 C "C4'" . A   A 18 ? 0.23098 0.14172 0.12350 0.02298  -0.01397 -0.01783 18  A   A "C4'" 
373 O "O4'" . A   A 18 ? 0.23953 0.15836 0.14054 0.01912  -0.01347 -0.01724 18  A   A "O4'" 
374 C "C3'" . A   A 18 ? 0.23115 0.15055 0.13068 0.02239  -0.01239 -0.01774 18  A   A "C3'" 
375 O "O3'" . A   A 18 ? 0.25942 0.17298 0.15248 0.02627  -0.01049 -0.01825 18  A   A "O3'" 
376 C "C2'" . A   A 18 ? 0.27696 0.20443 0.18472 0.02071  -0.00701 -0.01762 18  A   A "C2'" 
377 O "O2'" . A   A 18 ? 0.31714 0.23823 0.22074 0.02383  -0.00116 -0.01810 18  A   A "O2'" 
378 C "C1'" . A   A 18 ? 0.22926 0.15835 0.13936 0.01774  -0.00972 -0.01710 18  A   A "C1'" 
379 N N9    . A   A 18 ? 0.22241 0.16093 0.14088 0.01446  -0.01360 -0.01615 18  A   A N9    
380 C C8    . A   A 18 ? 0.24636 0.18421 0.16545 0.01311  -0.01978 -0.01549 18  A   A C8    
381 N N7    . A   A 18 ? 0.24092 0.18822 0.16944 0.01052  -0.02122 -0.01425 18  A   A N7    
382 C C5    . A   A 18 ? 0.21798 0.17237 0.15104 0.01036  -0.01595 -0.01431 18  A   A C5    
383 C C6    . A   A 18 ? 0.25595 0.22085 0.19789 0.00871  -0.01450 -0.01328 18  A   A C6    
384 N N6    . A   A 18 ? 0.27138 0.24164 0.21990 0.00671  -0.01765 -0.01146 18  A   A N6    
385 N N1    . A   A 18 ? 0.23469 0.20390 0.17883 0.00960  -0.00962 -0.01415 18  A   A N1    
386 C C2    . A   A 18 ? 0.23775 0.20129 0.17699 0.01175  -0.00617 -0.01575 18  A   A C2    
387 N N3    . A   A 18 ? 0.26095 0.21442 0.19202 0.01345  -0.00634 -0.01639 18  A   A N3    
388 C C4    . A   A 18 ? 0.23124 0.18051 0.15884 0.01270  -0.01150 -0.01566 18  A   A C4    
389 P P     . G   A 19 ? 0.28434 0.19873 0.17697 0.02659  -0.01533 -0.01844 19  G   A P     
390 O OP1   . G   A 19 ? 0.33176 0.24134 0.21863 0.03083  -0.01111 -0.01884 19  G   A OP1   
391 O OP2   . G   A 19 ? 0.32768 0.23600 0.21574 0.02636  -0.02301 -0.01876 19  G   A OP2   
392 O "O5'" . G   A 19 ? 0.29698 0.22561 0.20314 0.02205  -0.01586 -0.01762 19  G   A "O5'" 
393 C "C5'" . G   A 19 ? 0.29886 0.23511 0.21104 0.02197  -0.01148 -0.01754 19  G   A "C5'" 
394 C "C4'" . G   A 19 ? 0.26705 0.20800 0.18414 0.02175  -0.00532 -0.01771 19  G   A "C4'" 
395 O "O4'" . G   A 19 ? 0.26097 0.20863 0.18474 0.01827  -0.00672 -0.01710 19  G   A "O4'" 
396 C "C3'" . G   A 19 ? 0.24911 0.19826 0.17339 0.02195  -0.00098 -0.01796 19  G   A "C3'" 
397 O "O3'" . G   A 19 ? 0.26550 0.20897 0.18508 0.02587  0.00316  -0.01855 19  G   A "O3'" 
398 C "C2'" . G   A 19 ? 0.27358 0.22936 0.20521 0.02042  0.00205  -0.01823 19  G   A "C2'" 
399 O "O2'" . G   A 19 ? 0.31503 0.26434 0.24355 0.02297  0.00648  -0.01901 19  G   A "O2'" 
400 C "C1'" . G   A 19 ? 0.23027 0.18696 0.16231 0.01745  -0.00262 -0.01732 19  G   A "C1'" 
401 N N9    . G   A 19 ? 0.23049 0.19678 0.17021 0.01453  -0.00530 -0.01617 19  G   A N9    
402 C C8    . G   A 19 ? 0.23200 0.19853 0.17246 0.01261  -0.01057 -0.01487 19  G   A C8    
403 N N7    . G   A 19 ? 0.24684 0.22226 0.19532 0.01048  -0.01126 -0.01355 19  G   A N7    
404 C C5    . G   A 19 ? 0.20265 0.18416 0.15501 0.01116  -0.00650 -0.01429 19  G   A C5    
405 C C6    . G   A 19 ? 0.15984 0.15114 0.11983 0.01021  -0.00498 -0.01353 19  G   A C6    
406 O O6    . G   A 19 ? 0.19516 0.19177 0.16017 0.00847  -0.00692 -0.01159 19  G   A O6    
407 N N1    . G   A 19 ? 0.18345 0.17771 0.14534 0.01191  -0.00071 -0.01526 19  G   A N1    
408 C C2    . G   A 19 ? 0.17558 0.16412 0.13383 0.01406  0.00214  -0.01716 19  G   A C2    
409 N N2    . G   A 19 ? 0.18718 0.17946 0.14982 0.01567  0.00584  -0.01883 19  G   A N2    
410 N N3    . G   A 19 ? 0.23216 0.21135 0.18321 0.01499  0.00150  -0.01740 19  G   A N3    
411 C C4    . G   A 19 ? 0.20388 0.18001 0.15171 0.01353  -0.00304 -0.01604 19  G   A C4    
412 P P     . G   A 20 ? 0.25848 0.20679 0.18126 0.02666  0.00443  -0.01860 20  G   A P     
413 O OP1   . G   A 20 ? 0.34566 0.28467 0.26047 0.03150  0.00803  -0.01888 20  G   A OP1   
414 O OP2   . G   A 20 ? 0.28919 0.24222 0.21450 0.02361  -0.00145 -0.01789 20  G   A OP2   
415 O "O5'" . G   A 20 ? 0.25033 0.20937 0.18447 0.02560  0.00904  -0.01908 20  G   A "O5'" 
416 C "C5'" . G   A 20 ? 0.23512 0.19223 0.17142 0.02812  0.01486  -0.01991 20  G   A "C5'" 
417 C "C4'" . G   A 20 ? 0.21786 0.18588 0.16582 0.02697  0.01738  -0.02080 20  G   A "C4'" 
418 O "O4'" . G   A 20 ? 0.20049 0.17431 0.15226 0.02370  0.01422  -0.02071 20  G   A "O4'" 
419 C "C3'" . G   A 20 ? 0.22960 0.20592 0.18303 0.02622  0.01726  -0.02072 20  G   A "C3'" 
420 O "O3'" . G   A 20 ? 0.22197 0.19610 0.17583 0.02957  0.02185  -0.02113 20  G   A "O3'" 
421 C "C2'" . G   A 20 ? 0.19226 0.17895 0.15550 0.02433  0.01739  -0.02150 20  G   A "C2'" 
422 O "O2'" . G   A 20 ? 0.21775 0.20524 0.18721 0.02681  0.02214  -0.02316 20  G   A "O2'" 
423 C "C1'" . G   A 20 ? 0.15693 0.14162 0.11714 0.02220  0.01400  -0.02094 20  G   A "C1'" 
424 N N9    . G   A 20 ? 0.18086 0.16914 0.14033 0.01909  0.00908  -0.01932 20  G   A N9    
425 C C8    . G   A 20 ? 0.17064 0.15329 0.12372 0.01790  0.00490  -0.01805 20  G   A C8    
426 N N7    . G   A 20 ? 0.16900 0.15680 0.12522 0.01521  0.00128  -0.01659 20  G   A N7    
427 C C5    . G   A 20 ? 0.14747 0.14476 0.11144 0.01474  0.00346  -0.01677 20  G   A C5    
428 C C6    . G   A 20 ? 0.14515 0.15049 0.11492 0.01266  0.00186  -0.01523 20  G   A C6    
429 O O6    . G   A 20 ? 0.16389 0.16984 0.13440 0.01056  -0.00162 -0.01320 20  G   A O6    
430 N N1    . G   A 20 ? 0.12116 0.13403 0.09683 0.01359  0.00485  -0.01619 20  G   A N1    
431 C C2    . G   A 20 ? 0.11908 0.13183 0.09627 0.01604  0.00848  -0.01858 20  G   A C2    
432 N N2    . G   A 20 ? 0.12640 0.14671 0.11003 0.01702  0.01030  -0.01969 20  G   A N2    
433 N N3    . G   A 20 ? 0.13420 0.13955 0.10740 0.01783  0.01032  -0.01981 20  G   A N3    
434 C C4    . G   A 20 ? 0.14100 0.13876 0.10702 0.01712  0.00782  -0.01869 20  G   A C4    
435 P P     . U   A 21 ? 0.23955 0.21566 0.19209 0.02975  0.02102  -0.02049 21  U   A P     
436 O OP1   . U   A 21 ? 0.29045 0.26302 0.24352 0.03406  0.02709  -0.02086 21  U   A OP1   
437 O OP2   . U   A 21 ? 0.28415 0.25509 0.22806 0.02834  0.01530  -0.01946 21  U   A OP2   
438 O "O5'" . U   A 21 ? 0.19302 0.18232 0.15612 0.02673  0.02005  -0.02073 21  U   A "O5'" 
439 C "C5'" . U   A 21 ? 0.17836 0.17476 0.15143 0.02767  0.02398  -0.02211 21  U   A "C5'" 
440 C "C4'" . U   A 21 ? 0.18224 0.18978 0.16251 0.02473  0.02161  -0.02206 21  U   A "C4'" 
441 O "O4'" . U   A 21 ? 0.15236 0.16072 0.13112 0.02223  0.01778  -0.02144 21  U   A "O4'" 
442 C "C3'" . U   A 21 ? 0.16792 0.17914 0.14756 0.02272  0.01921  -0.02068 21  U   A "C3'" 
443 O "O3'" . U   A 21 ? 0.15679 0.17107 0.14041 0.02440  0.02268  -0.02119 21  U   A "O3'" 
444 C "C2'" . U   A 21 ? 0.14952 0.16917 0.13424 0.01975  0.01638  -0.02004 21  U   A "C2'" 
445 O "O2'" . U   A 21 ? 0.15100 0.17879 0.14446 0.02078  0.01909  -0.02154 21  U   A "O2'" 
446 C "C1'" . U   A 21 ? 0.13570 0.15096 0.11692 0.01939  0.01466  -0.02006 21  U   A "C1'" 
447 N N1    . U   A 21 ? 0.13438 0.14467 0.10919 0.01723  0.01019  -0.01819 21  U   A N1    
448 C C2    . U   A 21 ? 0.13295 0.14870 0.11080 0.01447  0.00712  -0.01644 21  U   A C2    
449 O O2    . U   A 21 ? 0.12677 0.15073 0.11091 0.01400  0.00817  -0.01632 21  U   A O2    
450 N N3    . U   A 21 ? 0.13649 0.14763 0.11033 0.01264  0.00286  -0.01477 21  U   A N3    
451 C C4    . U   A 21 ? 0.16364 0.16511 0.12979 0.01344  0.00084  -0.01502 21  U   A C4    
452 O O4    . U   A 21 ? 0.17308 0.17144 0.13739 0.01173  -0.00364 -0.01368 21  U   A O4    
453 C C5    . U   A 21 ? 0.15668 0.15244 0.11835 0.01659  0.00438  -0.01679 21  U   A C5    
454 C C6    . U   A 21 ? 0.12961 0.12980 0.09608 0.01831  0.00909  -0.01811 21  U   A C6    
455 P P     . C   A 22 ? 0.19476 0.20727 0.17398 0.02385  0.02126  -0.01991 22  C   A P     
456 O OP1   . C   A 22 ? 0.28126 0.29465 0.26394 0.02698  0.02656  -0.02072 22  C   A OP1   
457 O OP2   . C   A 22 ? 0.22329 0.22643 0.19223 0.02342  0.01710  -0.01889 22  C   A OP2   
458 O "O5'" . C   A 22 ? 0.17619 0.19872 0.16158 0.02009  0.01839  -0.01890 22  C   A "O5'" 
459 C "C5'" . C   A 22 ? 0.13598 0.16865 0.13106 0.01995  0.02091  -0.01972 22  C   A "C5'" 
460 C "C4'" . C   A 22 ? 0.13150 0.17134 0.13020 0.01663  0.01770  -0.01832 22  C   A "C4'" 
461 O "O4'" . C   A 22 ? 0.14066 0.17751 0.13612 0.01562  0.01489  -0.01768 22  C   A "O4'" 
462 C "C3'" . C   A 22 ? 0.11705 0.15735 0.11427 0.01382  0.01461  -0.01616 22  C   A "C3'" 
463 O "O3'" . C   A 22 ? 0.10786 0.15415 0.11007 0.01365  0.01673  -0.01622 22  C   A "O3'" 
464 C "C2'" . C   A 22 ? 0.11717 0.16110 0.11651 0.01124  0.01159  -0.01437 22  C   A "C2'" 
465 O "O2'" . C   A 22 ? 0.13849 0.19179 0.14505 0.01120  0.01351  -0.01455 22  C   A "O2'" 
466 C "C1'" . C   A 22 ? 0.12667 0.16557 0.12221 0.01253  0.01122  -0.01527 22  C   A "C1'" 
467 N N1    . C   A 22 ? 0.11172 0.14192 0.10021 0.01163  0.00755  -0.01422 22  C   A N1    
468 C C2    . C   A 22 ? 0.10894 0.13990 0.09846 0.00899  0.00386  -0.01189 22  C   A C2    
469 O O2    . C   A 22 ? 0.13083 0.16911 0.12617 0.00773  0.00427  -0.01053 22  C   A O2    
470 N N3    . C   A 22 ? 0.12633 0.14961 0.11076 0.00824  0.00000  -0.01114 22  C   A N3    
471 C C4    . C   A 22 ? 0.15019 0.16494 0.12728 0.01017  -0.00037 -0.01263 22  C   A C4    
472 N N4    . C   A 22 ? 0.18443 0.19164 0.15656 0.00966  -0.00470 -0.01208 22  C   A N4    
473 C C5    . C   A 22 ? 0.13858 0.15185 0.11351 0.01310  0.00388  -0.01464 22  C   A C5    
474 C C6    . C   A 22 ? 0.14309 0.16438 0.12454 0.01362  0.00774  -0.01534 22  C   A C6    
475 P P     . C   A 23 ? 0.12336 0.16724 0.12283 0.01212  0.01475  -0.01485 23  C   A P     
476 O OP1   . C   A 23 ? 0.14718 0.19856 0.15315 0.01245  0.01825  -0.01536 23  C   A OP1   
477 O OP2   . C   A 23 ? 0.16242 0.19516 0.15247 0.01396  0.01329  -0.01523 23  C   A OP2   
478 O "O5'" . C   A 23 ? 0.10378 0.14962 0.10483 0.00827  0.01015  -0.01231 23  C   A "O5'" 
479 C "C5'" . C   A 23 ? 0.09111 0.14635 0.09982 0.00631  0.01089  -0.01103 23  C   A "C5'" 
480 C "C4'" . C   A 23 ? 0.10651 0.16159 0.11664 0.00318  0.00700  -0.00810 23  C   A "C4'" 
481 O "O4'" . C   A 23 ? 0.12564 0.17673 0.13290 0.00345  0.00514  -0.00767 23  C   A "O4'" 
482 C "C3'" . C   A 23 ? 0.11318 0.16243 0.12096 0.00133  0.00300  -0.00688 23  C   A "C3'" 
483 O "O3'" . C   A 23 ? 0.14623 0.19964 0.15792 -0.00006 0.00376  -0.00630 23  C   A "O3'" 
484 C "C2'" . C   A 23 ? 0.11302 0.16118 0.12319 -0.00087 -0.00042 -0.00425 23  C   A "C2'" 
485 O "O2'" . C   A 23 ? 0.14715 0.20325 0.16489 -0.00273 0.00106  -0.00186 23  C   A "O2'" 
486 C "C1'" . C   A 23 ? 0.11481 0.16182 0.12199 0.00108  0.00081  -0.00530 23  C   A "C1'" 
487 N N1    . C   A 23 ? 0.10528 0.14273 0.10523 0.00215  -0.00210 -0.00644 23  C   A N1    
488 C C2    . C   A 23 ? 0.11516 0.14821 0.11550 0.00045  -0.00659 -0.00458 23  C   A C2    
489 O O2    . C   A 23 ? 0.12596 0.16329 0.13312 -0.00171 -0.00730 -0.00185 23  C   A O2    
490 N N3    . C   A 23 ? 0.11768 0.14196 0.11157 0.00149  -0.00974 -0.00569 23  C   A N3    
491 C C4    . C   A 23 ? 0.12139 0.14052 0.10765 0.00426  -0.00826 -0.00828 23  C   A C4    
492 N N4    . C   A 23 ? 0.14427 0.15421 0.12349 0.00553  -0.01141 -0.00922 23  C   A N4    
493 C C5    . C   A 23 ? 0.12729 0.15042 0.11345 0.00614  -0.00319 -0.00990 23  C   A C5    
494 C C6    . C   A 23 ? 0.11201 0.14443 0.10545 0.00491  -0.00054 -0.00905 23  C   A C6    
495 O O     . HOH B .  ? 0.27978 0.34260 0.30423 -0.00539 0.00235  -0.00092 101 HOH A O     
496 O O     . HOH B .  ? 0.57974 0.54919 0.55773 0.02627  -0.00592 -0.04860 102 HOH A O     
497 O O     . HOH B .  ? 0.49289 0.46895 0.45495 0.01066  0.00163  -0.03037 103 HOH A O     
498 O O     . HOH B .  ? 0.37646 0.39588 0.31473 0.03745  0.03195  0.00651  104 HOH A O     
499 O O     . HOH B .  ? 0.41092 0.42829 0.37483 0.02037  0.00774  -0.00253 105 HOH A O     
500 O O     . HOH B .  ? 0.58345 0.56861 0.54707 -0.01568 0.00300  -0.00591 106 HOH A O     
501 O O     . HOH B .  ? 0.36463 0.42989 0.38555 0.02426  0.06259  0.04786  107 HOH A O     
502 O O     . HOH B .  ? 0.57662 0.55316 0.53187 0.00678  -0.02041 -0.01040 108 HOH A O     
503 O O     . HOH B .  ? 0.30080 0.31495 0.25648 0.03486  0.00242  -0.02147 109 HOH A O     
504 O O     . HOH B .  ? 0.42583 0.44795 0.41358 0.01031  0.00134  0.00734  110 HOH A O     
505 O O     . HOH B .  ? 0.51577 0.53925 0.47792 0.03005  0.00621  -0.00982 111 HOH A O     
506 O O     . HOH B .  ? 0.20442 0.24556 0.20425 0.01725  0.01510  -0.01970 112 HOH A O     
507 O O     . HOH B .  ? 0.32944 0.32490 0.28538 0.00735  0.00534  -0.01413 113 HOH A O     
508 O O     . HOH B .  ? 0.57768 0.57213 0.53611 0.02308  0.00015  -0.02865 114 HOH A O     
509 O O     . HOH B .  ? 0.53054 0.56904 0.51706 0.01622  0.03566  0.02434  115 HOH A O     
510 O O     . HOH B .  ? 0.39624 0.42664 0.34917 0.03836  0.03970  0.01848  116 HOH A O     
511 O O     . HOH B .  ? 0.50314 0.51484 0.48176 0.00602  -0.00200 0.00125  117 HOH A O     
512 O O     . HOH B .  ? 0.36313 0.34669 0.35198 -0.00238 -0.03255 0.00065  118 HOH A O     
513 O O     . HOH B .  ? 0.30954 0.32589 0.28593 0.01403  0.00604  -0.01466 119 HOH A O     
514 O O     . HOH B .  ? 0.70616 0.61614 0.59578 0.03536  0.00374  -0.01867 120 HOH A O     
515 O O     . HOH B .  ? 0.48632 0.41364 0.39799 0.03035  0.01160  -0.01906 121 HOH A O     
516 O O     . HOH B .  ? 0.31113 0.33974 0.30008 -0.01681 0.02845  0.01285  122 HOH A O     
517 O O     . HOH B .  ? 0.47304 0.48216 0.48165 -0.00043 -0.01749 0.01017  123 HOH A O     
518 O O     . HOH B .  ? 0.42949 0.31125 0.29138 0.03534  -0.02683 -0.02053 124 HOH A O     
519 O O     . HOH B .  ? 0.27243 0.31551 0.27426 -0.00653 0.03618  0.02359  125 HOH A O     
520 O O     . HOH B .  ? 0.47231 0.51930 0.47512 0.01633  0.02329  -0.01648 126 HOH A O     
521 O O     . HOH B .  ? 0.45648 0.34040 0.32868 0.02981  -0.04774 -0.02175 127 HOH A O     
522 O O     . HOH B .  ? 0.13563 0.13894 0.11917 -0.03345 0.01366  0.00379  128 HOH A O     
523 O O     . HOH B .  ? 0.40150 0.44029 0.38307 0.04622  0.03085  0.03034  129 HOH A O     
524 O O     . HOH B .  ? 0.36354 0.27174 0.26754 0.00875  -0.03963 -0.01547 130 HOH A O     
525 O O     . HOH B .  ? 0.32953 0.34059 0.27662 0.02943  0.01131  -0.00739 131 HOH A O     
526 O O     . HOH B .  ? 0.29222 0.26130 0.23073 0.02234  0.00227  -0.01771 132 HOH A O     
527 O O     . HOH B .  ? 0.22278 0.27801 0.23006 0.00770  0.00866  -0.00987 133 HOH A O     
528 O O     . HOH B .  ? 0.38504 0.38795 0.33680 0.01846  0.00676  -0.01317 134 HOH A O     
529 O O     . HOH B .  ? 0.28540 0.27104 0.25547 -0.02296 0.00062  -0.00131 135 HOH A O     
530 O O     . HOH B .  ? 0.41155 0.47178 0.42568 0.01142  0.05421  0.03887  136 HOH A O     
531 O O     . HOH B .  ? 0.40358 0.35683 0.34466 0.00703  -0.03130 -0.01176 137 HOH A O     
532 O O     . HOH B .  ? 0.39933 0.33296 0.32815 0.00978  -0.04287 -0.01407 138 HOH A O     
533 O O     . HOH B .  ? 0.48185 0.48658 0.44828 -0.00182 0.00919  -0.00192 139 HOH A O     
534 O O     . HOH B .  ? 0.32934 0.30975 0.30075 -0.00047 -0.02560 -0.00364 140 HOH A O     
535 O O     . HOH B .  ? 0.29301 0.26137 0.26096 -0.00382 -0.03166 -0.00392 141 HOH A O     
536 O O     . HOH B .  ? 0.29797 0.31645 0.22884 0.06378  0.00588  -0.01755 142 HOH A O     
537 O O     . HOH B .  ? 0.41546 0.45212 0.36296 0.08025  0.06884  0.04578  143 HOH A O     
538 O O     . HOH B .  ? 0.40374 0.40847 0.36256 0.02858  0.00071  -0.02631 144 HOH A O     
539 O O     . HOH B .  ? 0.19734 0.20167 0.18300 -0.02082 0.00486  0.00612  145 HOH A O     
540 O O     . HOH B .  ? 0.52407 0.54411 0.49307 0.04348  -0.00189 -0.03487 146 HOH A O     
541 O O     . HOH B .  ? 0.41856 0.41818 0.38064 0.01998  0.00820  -0.01670 147 HOH A O     
542 O O     . HOH B .  ? 0.39090 0.40542 0.34931 0.02521  0.00542  -0.01136 148 HOH A O     
543 O O     . HOH B .  ? 0.24859 0.26136 0.22890 -0.01079 0.01282  0.00629  149 HOH A O     
544 O O     . HOH B .  ? 0.24116 0.25705 0.19339 0.01840  0.02322  0.00200  150 HOH A O     
545 O O     . HOH B .  ? 0.32233 0.30833 0.28709 0.00184  -0.01527 -0.00631 151 HOH A O     
546 O O     . HOH B .  ? 0.40977 0.45314 0.41028 0.00478  0.00582  -0.01022 152 HOH A O     
547 O O     . HOH B .  ? 0.26239 0.29010 0.25105 -0.00210 0.02234  0.01525  153 HOH A O     
548 O O     . HOH B .  ? 0.33704 0.32387 0.28412 0.02240  0.00029  -0.02875 154 HOH A O     
549 O O     . HOH B .  ? 0.47502 0.47871 0.42989 0.02428  0.00264  -0.02043 155 HOH A O     
550 O O     . HOH B .  ? 0.42486 0.43860 0.42013 0.03301  0.03628  -0.02375 156 HOH A O     
551 O O     . HOH B .  ? 0.26817 0.29542 0.23827 0.01307  0.02858  0.01295  157 HOH A O     
552 O O     . HOH B .  ? 0.36626 0.29163 0.27572 0.01749  -0.03200 -0.01686 158 HOH A O     
553 O O     . HOH B .  ? 0.38917 0.38740 0.35767 0.00712  -0.01086 -0.00989 159 HOH A O     
554 O O     . HOH B .  ? 0.66911 0.56839 0.55389 0.03364  0.00526  -0.01822 160 HOH A O     
555 O O     . HOH B .  ? 0.31349 0.34782 0.25648 0.06244  0.01383  -0.00409 161 HOH A O     
556 O O     . HOH B .  ? 0.36938 0.39575 0.35374 0.01142  0.00658  -0.01330 162 HOH A O     
557 O O     . HOH B .  ? 0.39690 0.39580 0.36656 -0.01140 0.00676  -0.00155 163 HOH A O     
558 O O     . HOH B .  ? 0.24745 0.25106 0.22642 0.02151  0.01533  -0.02382 164 HOH A O     
559 O O     . HOH B .  ? 0.40187 0.37585 0.36407 0.00187  -0.02646 -0.00675 165 HOH A O     
560 O O     . HOH B .  ? 0.37331 0.38779 0.36207 0.00479  -0.00536 0.00528  166 HOH A O     
561 O O     . HOH B .  ? 0.40117 0.39421 0.36158 -0.00276 0.00511  -0.00950 167 HOH A O     
562 O O     . HOH B .  ? 0.38086 0.37677 0.34261 0.01276  -0.00731 -0.01355 168 HOH A O     
563 O O     . HOH B .  ? 0.54633 0.52795 0.48911 0.04415  -0.01033 -0.04446 169 HOH A O     
564 O O     . HOH B .  ? 0.57754 0.50680 0.50008 0.00225  -0.03091 -0.01255 170 HOH A O     
565 O O     . HOH B .  ? 0.35928 0.34121 0.32127 0.02090  0.01375  -0.02237 171 HOH A O     
566 O O     . HOH B .  ? 0.36609 0.34142 0.36318 -0.00714 -0.04060 0.00195  172 HOH A O     
567 O O     . HOH B .  ? 0.29407 0.27903 0.27554 0.03693  -0.00749 -0.05059 173 HOH A O     
568 O O     . HOH B .  ? 0.35571 0.34084 0.30750 0.02310  0.00919  -0.01801 174 HOH A O     
569 O O     . HOH B .  ? 0.37016 0.32910 0.33082 0.00167  -0.04029 -0.00756 175 HOH A O     
570 O O     . HOH B .  ? 0.40061 0.37772 0.34729 0.01502  -0.00960 -0.01491 176 HOH A O     
571 O O     . HOH B .  ? 0.60788 0.56838 0.55339 0.02394  0.01533  -0.02131 177 HOH A O     
572 O O     . HOH B .  ? 0.51972 0.54155 0.52834 0.00507  -0.00519 0.01448  178 HOH A O     
573 O O     . HOH B .  ? 0.27909 0.27110 0.24637 0.05253  -0.01464 -0.05433 179 HOH A O     
574 O O     . HOH B .  ? 0.40492 0.38575 0.38055 0.03464  0.03372  -0.02448 180 HOH A O     
575 O O     . HOH B .  ? 0.49550 0.51852 0.51613 -0.02706 0.00612  0.01788  181 HOH A O     
576 O O     . HOH B .  ? 0.31867 0.34179 0.28983 0.00914  0.02301  0.00996  182 HOH A O     
577 O O     . HOH B .  ? 0.74994 0.77378 0.68316 0.05065  0.04024  0.01384  183 HOH A O     
578 O O     . HOH B .  ? 0.50586 0.52520 0.46971 0.03305  0.00235  -0.02273 184 HOH A O     
579 O O     . HOH B .  ? 0.55739 0.55080 0.51251 0.01620  0.00225  -0.02244 185 HOH A O     
580 O O     . HOH B .  ? 0.63570 0.55021 0.52472 0.03187  -0.01503 -0.01923 186 HOH A O     
581 O O     . HOH B .  ? 0.34748 0.33449 0.30060 0.01629  -0.00331 -0.01539 187 HOH A O     
582 O O     . HOH B .  ? 0.40214 0.40748 0.35544 0.02060  0.00585  -0.01328 188 HOH A O     
583 O O     . HOH B .  ? 0.46855 0.46415 0.48057 -0.00319 -0.03142 0.00749  189 HOH A O     
584 O O     . HOH B .  ? 0.63901 0.64149 0.60947 0.03146  0.02892  -0.01946 190 HOH A O     
585 O O     . HOH B .  ? 0.40823 0.44590 0.36733 0.06134  0.03218  0.02504  191 HOH A O     
586 O O     . HOH B .  ? 0.44324 0.46770 0.45904 -0.01963 0.00853  0.01824  192 HOH A O     
587 O O     . HOH B .  ? 0.38236 0.33021 0.31040 0.01323  -0.02393 -0.01481 193 HOH A O     
588 O O     . HOH B .  ? 0.38571 0.44318 0.39712 0.01643  0.01667  -0.01913 194 HOH A O     
589 O O     . HOH B .  ? 0.44776 0.43706 0.41116 0.00782  -0.01717 -0.01060 195 HOH A O     
590 O O     . HOH B .  ? 0.37633 0.39270 0.35027 0.00031  0.01586  0.00615  196 HOH A O     
591 O O     . HOH B .  ? 0.53013 0.45976 0.44896 0.02704  0.01359  -0.01952 197 HOH A O     
592 O O     . HOH B .  ? 0.47788 0.46864 0.45760 0.02631  0.02223  -0.02636 198 HOH A O     
593 O O     . HOH B .  ? 0.56593 0.54863 0.51985 0.01235  -0.01604 -0.01333 199 HOH A O     
594 O O     . HOH B .  ? 0.62531 0.58581 0.57178 0.00740  -0.02990 -0.01132 200 HOH A O     
595 O O     . HOH B .  ? 0.53501 0.51136 0.51665 0.03453  0.03439  -0.02667 201 HOH A O     
596 O O     . HOH B .  ? 0.59438 0.65351 0.60949 0.05627  0.07350  0.06163  202 HOH A O     
597 O O     . HOH B .  ? 0.45603 0.47281 0.41696 0.02678  0.00425  -0.01447 203 HOH A O     
598 O O     . HOH B .  ? 0.48804 0.54999 0.51651 -0.00314 0.04830  0.03738  204 HOH A O     
599 O O     . HOH B .  ? 0.50624 0.49316 0.49629 -0.00132 -0.03184 0.00046  205 HOH A O     
600 O O     . HOH B .  ? 0.56691 0.59046 0.54949 0.02408  0.02497  -0.01741 206 HOH A O     
601 O O     . HOH B .  ? 0.35375 0.35554 0.28544 0.03403  0.01349  -0.01289 207 HOH A O     
# 
loop_
_pdbx_poly_seq_scheme.asym_id 
_pdbx_poly_seq_scheme.entity_id 
_pdbx_poly_seq_scheme.seq_id 
_pdbx_poly_seq_scheme.mon_id 
_pdbx_poly_seq_scheme.ndb_seq_num 
_pdbx_poly_seq_scheme.pdb_seq_num 
_pdbx_poly_seq_scheme.auth_seq_num 
_pdbx_poly_seq_scheme.pdb_mon_id 
_pdbx_poly_seq_scheme.auth_mon_id 
_pdbx_poly_seq_scheme.pdb_strand_id 
_pdbx_poly_seq_scheme.pdb_ins_code 
_pdbx_poly_seq_scheme.hetero 
A 1 1  G 1  1  1  G G A . n 
A 1 2  G 2  2  2  G G A . n 
A 1 3  G 3  3  3  G G A . n 
A 1 4  C 4  4  4  C C A . n 
A 1 5  C 5  5  5  C C A . n 
A 1 6  A 6  6  6  A A A . n 
A 1 7  G 7  7  7  G G A . n 
A 1 8  C 8  8  8  C C A . n 
A 1 9  A 9  9  9  A A A . n 
A 1 10 G 10 10 10 G G A . n 
A 1 11 C 11 11 11 C C A . n 
A 1 12 A 12 12 12 A A A . n 
A 1 13 G 13 13 13 G G A . n 
A 1 14 C 14 14 14 C C A . n 
A 1 15 A 15 15 15 A A A . n 
A 1 16 G 16 16 16 G G A . n 
A 1 17 C 17 17 17 C C A . n 
A 1 18 A 18 18 18 A A A . n 
A 1 19 G 19 19 19 G G A . n 
A 1 20 G 20 20 20 G G A . n 
A 1 21 U 21 21 21 U U A . n 
A 1 22 C 22 22 22 C C A . n 
A 1 23 C 23 23 23 C C A . n 
# 
loop_
_pdbx_contact_author.id 
_pdbx_contact_author.email 
_pdbx_contact_author.name_first 
_pdbx_contact_author.name_last 
_pdbx_contact_author.name_mi 
_pdbx_contact_author.role 
_pdbx_contact_author.identifier_ORCID 
2 hyechan@cuhk.edu.hk  Edwin Chan 'Ho Yin' 'principal investigator/group leader' 0000-0003-4307-474X 
3 jackyngo@cuhk.edu.hk Jacky Ngo  'Chi Ki' 'principal investigator/group leader' 0000-0002-6004-7041 
# 
loop_
_pdbx_nonpoly_scheme.asym_id 
_pdbx_nonpoly_scheme.entity_id 
_pdbx_nonpoly_scheme.mon_id 
_pdbx_nonpoly_scheme.ndb_seq_num 
_pdbx_nonpoly_scheme.pdb_seq_num 
_pdbx_nonpoly_scheme.auth_seq_num 
_pdbx_nonpoly_scheme.pdb_mon_id 
_pdbx_nonpoly_scheme.auth_mon_id 
_pdbx_nonpoly_scheme.pdb_strand_id 
_pdbx_nonpoly_scheme.pdb_ins_code 
B 2 HOH 1   101 37  HOH HOH A . 
B 2 HOH 2   102 67  HOH HOH A . 
B 2 HOH 3   103 50  HOH HOH A . 
B 2 HOH 4   104 26  HOH HOH A . 
B 2 HOH 5   105 57  HOH HOH A . 
B 2 HOH 6   106 73  HOH HOH A . 
B 2 HOH 7   107 68  HOH HOH A . 
B 2 HOH 8   108 102 HOH HOH A . 
B 2 HOH 9   109 15  HOH HOH A . 
B 2 HOH 10  110 76  HOH HOH A . 
B 2 HOH 11  111 104 HOH HOH A . 
B 2 HOH 12  112 5   HOH HOH A . 
B 2 HOH 13  113 30  HOH HOH A . 
B 2 HOH 14  114 79  HOH HOH A . 
B 2 HOH 15  115 70  HOH HOH A . 
B 2 HOH 16  116 29  HOH HOH A . 
B 2 HOH 17  117 74  HOH HOH A . 
B 2 HOH 18  118 36  HOH HOH A . 
B 2 HOH 19  119 20  HOH HOH A . 
B 2 HOH 20  120 97  HOH HOH A . 
B 2 HOH 21  121 88  HOH HOH A . 
B 2 HOH 22  122 22  HOH HOH A . 
B 2 HOH 23  123 75  HOH HOH A . 
B 2 HOH 24  124 52  HOH HOH A . 
B 2 HOH 25  125 3   HOH HOH A . 
B 2 HOH 26  126 78  HOH HOH A . 
B 2 HOH 27  127 25  HOH HOH A . 
B 2 HOH 28  128 1   HOH HOH A . 
B 2 HOH 29  129 38  HOH HOH A . 
B 2 HOH 30  130 16  HOH HOH A . 
B 2 HOH 31  131 43  HOH HOH A . 
B 2 HOH 32  132 21  HOH HOH A . 
B 2 HOH 33  133 9   HOH HOH A . 
B 2 HOH 34  134 41  HOH HOH A . 
B 2 HOH 35  135 12  HOH HOH A . 
B 2 HOH 36  136 28  HOH HOH A . 
B 2 HOH 37  137 39  HOH HOH A . 
B 2 HOH 38  138 82  HOH HOH A . 
B 2 HOH 39  139 64  HOH HOH A . 
B 2 HOH 40  140 10  HOH HOH A . 
B 2 HOH 41  141 6   HOH HOH A . 
B 2 HOH 42  142 23  HOH HOH A . 
B 2 HOH 43  143 59  HOH HOH A . 
B 2 HOH 44  144 58  HOH HOH A . 
B 2 HOH 45  145 99  HOH HOH A . 
B 2 HOH 46  146 60  HOH HOH A . 
B 2 HOH 47  147 40  HOH HOH A . 
B 2 HOH 48  148 49  HOH HOH A . 
B 2 HOH 49  149 11  HOH HOH A . 
B 2 HOH 50  150 4   HOH HOH A . 
B 2 HOH 51  151 17  HOH HOH A . 
B 2 HOH 52  152 35  HOH HOH A . 
B 2 HOH 53  153 14  HOH HOH A . 
B 2 HOH 54  154 18  HOH HOH A . 
B 2 HOH 55  155 100 HOH HOH A . 
B 2 HOH 56  156 54  HOH HOH A . 
B 2 HOH 57  157 27  HOH HOH A . 
B 2 HOH 58  158 31  HOH HOH A . 
B 2 HOH 59  159 47  HOH HOH A . 
B 2 HOH 60  160 95  HOH HOH A . 
B 2 HOH 61  161 13  HOH HOH A . 
B 2 HOH 62  162 61  HOH HOH A . 
B 2 HOH 63  163 46  HOH HOH A . 
B 2 HOH 64  164 2   HOH HOH A . 
B 2 HOH 65  165 42  HOH HOH A . 
B 2 HOH 66  166 48  HOH HOH A . 
B 2 HOH 67  167 53  HOH HOH A . 
B 2 HOH 68  168 44  HOH HOH A . 
B 2 HOH 69  169 62  HOH HOH A . 
B 2 HOH 70  170 65  HOH HOH A . 
B 2 HOH 71  171 24  HOH HOH A . 
B 2 HOH 72  172 45  HOH HOH A . 
B 2 HOH 73  173 7   HOH HOH A . 
B 2 HOH 74  174 69  HOH HOH A . 
B 2 HOH 75  175 98  HOH HOH A . 
B 2 HOH 76  176 34  HOH HOH A . 
B 2 HOH 77  177 86  HOH HOH A . 
B 2 HOH 78  178 91  HOH HOH A . 
B 2 HOH 79  179 8   HOH HOH A . 
B 2 HOH 80  180 32  HOH HOH A . 
B 2 HOH 81  181 81  HOH HOH A . 
B 2 HOH 82  182 19  HOH HOH A . 
B 2 HOH 83  183 87  HOH HOH A . 
B 2 HOH 84  184 66  HOH HOH A . 
B 2 HOH 85  185 85  HOH HOH A . 
B 2 HOH 86  186 107 HOH HOH A . 
B 2 HOH 87  187 33  HOH HOH A . 
B 2 HOH 88  188 71  HOH HOH A . 
B 2 HOH 89  189 56  HOH HOH A . 
B 2 HOH 90  190 89  HOH HOH A . 
B 2 HOH 91  191 80  HOH HOH A . 
B 2 HOH 92  192 72  HOH HOH A . 
B 2 HOH 93  193 55  HOH HOH A . 
B 2 HOH 94  194 51  HOH HOH A . 
B 2 HOH 95  195 63  HOH HOH A . 
B 2 HOH 96  196 83  HOH HOH A . 
B 2 HOH 97  197 106 HOH HOH A . 
B 2 HOH 98  198 93  HOH HOH A . 
B 2 HOH 99  199 96  HOH HOH A . 
B 2 HOH 100 200 94  HOH HOH A . 
B 2 HOH 101 201 105 HOH HOH A . 
B 2 HOH 102 202 103 HOH HOH A . 
B 2 HOH 103 203 77  HOH HOH A . 
B 2 HOH 104 204 84  HOH HOH A . 
B 2 HOH 105 205 90  HOH HOH A . 
B 2 HOH 106 206 92  HOH HOH A . 
B 2 HOH 107 207 101 HOH HOH A . 
# 
_pdbx_struct_assembly.id                   1 
_pdbx_struct_assembly.details              author_and_software_defined_assembly 
_pdbx_struct_assembly.method_details       PISA 
_pdbx_struct_assembly.oligomeric_details   dimeric 
_pdbx_struct_assembly.oligomeric_count     2 
# 
_pdbx_struct_assembly_gen.assembly_id       1 
_pdbx_struct_assembly_gen.oper_expression   1,2 
_pdbx_struct_assembly_gen.asym_id_list      A,B 
# 
loop_
_pdbx_struct_assembly_prop.biol_id 
_pdbx_struct_assembly_prop.type 
_pdbx_struct_assembly_prop.value 
_pdbx_struct_assembly_prop.details 
1 'ABSA (A^2)' 2280 ? 
1 MORE         -6   ? 
1 'SSA (A^2)'  8550 ? 
# 
loop_
_pdbx_struct_oper_list.id 
_pdbx_struct_oper_list.type 
_pdbx_struct_oper_list.name 
_pdbx_struct_oper_list.symmetry_operation 
_pdbx_struct_oper_list.matrix[1][1] 
_pdbx_struct_oper_list.matrix[1][2] 
_pdbx_struct_oper_list.matrix[1][3] 
_pdbx_struct_oper_list.vector[1] 
_pdbx_struct_oper_list.matrix[2][1] 
_pdbx_struct_oper_list.matrix[2][2] 
_pdbx_struct_oper_list.matrix[2][3] 
_pdbx_struct_oper_list.vector[2] 
_pdbx_struct_oper_list.matrix[3][1] 
_pdbx_struct_oper_list.matrix[3][2] 
_pdbx_struct_oper_list.matrix[3][3] 
_pdbx_struct_oper_list.vector[3] 
1 'identity operation'         1_555  x,y,z                  1.0000000000 0.0000000000 0.0000000000  0.0000000000  0.0000000000 1.0000000000  0.0000000000  0.0000000000 0.0000000000  0.0000000000  1.0000000000  0.0000000000  
2 'crystal symmetry operation' 12_555 -x+2/3,-x+y+1/3,-z+1/3 0.5351838068 0.7535851665 -0.3816905683 -1.7124723036 0.7535851665 -0.6300829903 -0.1873628090 1.5582484136 -0.3816905683 -0.1873628090 -0.9051008164 -3.8111679486 
# 
loop_
_pdbx_audit_revision_history.ordinal 
_pdbx_audit_revision_history.data_content_type 
_pdbx_audit_revision_history.major_revision 
_pdbx_audit_revision_history.minor_revision 
_pdbx_audit_revision_history.revision_date 
1 'Structure model' 1 0 2022-06-15 
2 'Structure model' 1 1 2022-08-10 
3 'Structure model' 1 2 2023-11-29 
# 
_pdbx_audit_revision_details.ordinal             1 
_pdbx_audit_revision_details.revision_ordinal    1 
_pdbx_audit_revision_details.data_content_type   'Structure model' 
_pdbx_audit_revision_details.provider            repository 
_pdbx_audit_revision_details.type                'Initial release' 
_pdbx_audit_revision_details.description         ? 
_pdbx_audit_revision_details.details             ? 
# 
loop_
_pdbx_audit_revision_group.ordinal 
_pdbx_audit_revision_group.revision_ordinal 
_pdbx_audit_revision_group.data_content_type 
_pdbx_audit_revision_group.group 
1 2 'Structure model' 'Database references'    
2 3 'Structure model' 'Data collection'        
3 3 'Structure model' 'Refinement description' 
# 
loop_
_pdbx_audit_revision_category.ordinal 
_pdbx_audit_revision_category.revision_ordinal 
_pdbx_audit_revision_category.data_content_type 
_pdbx_audit_revision_category.category 
1 2 'Structure model' citation                      
2 2 'Structure model' citation_author               
3 3 'Structure model' chem_comp_atom                
4 3 'Structure model' chem_comp_bond                
5 3 'Structure model' pdbx_initial_refinement_model 
# 
loop_
_pdbx_audit_revision_item.ordinal 
_pdbx_audit_revision_item.revision_ordinal 
_pdbx_audit_revision_item.data_content_type 
_pdbx_audit_revision_item.item 
1  2 'Structure model' '_citation.country'                 
2  2 'Structure model' '_citation.journal_abbrev'          
3  2 'Structure model' '_citation.journal_id_ASTM'         
4  2 'Structure model' '_citation.journal_id_CSD'          
5  2 'Structure model' '_citation.journal_id_ISSN'         
6  2 'Structure model' '_citation.journal_volume'          
7  2 'Structure model' '_citation.page_first'              
8  2 'Structure model' '_citation.page_last'               
9  2 'Structure model' '_citation.pdbx_database_id_DOI'    
10 2 'Structure model' '_citation.pdbx_database_id_PubMed' 
11 2 'Structure model' '_citation.title'                   
12 2 'Structure model' '_citation.year'                    
# 
loop_
_space_group_symop.id 
_space_group_symop.operation_xyz 
1  x,y,z                  
2  -y,x-y,z               
3  -x+y,-x,z              
4  x-y,-y,-z              
5  -x,-x+y,-z             
6  y,x,-z                 
7  x+1/3,y+2/3,z+2/3      
8  -y+1/3,x-y+2/3,z+2/3   
9  -x+y+1/3,-x+2/3,z+2/3  
10 x-y+1/3,-y+2/3,-z+2/3  
11 -x+1/3,-x+y+2/3,-z+2/3 
12 y+1/3,x+2/3,-z+2/3     
13 x+2/3,y+1/3,z+1/3      
14 -y+2/3,x-y+1/3,z+1/3   
15 -x+y+2/3,-x+1/3,z+1/3  
16 x-y+2/3,-y+1/3,-z+1/3  
17 -x+2/3,-x+y+1/3,-z+1/3 
18 y+2/3,x+1/3,-z+1/3     
# 
_pdbx_refine_tls.id               1 
_pdbx_refine_tls.pdbx_refine_id   'X-RAY DIFFRACTION' 
_pdbx_refine_tls.details          ? 
_pdbx_refine_tls.method           refined 
_pdbx_refine_tls.origin_x         0.0680398368 
_pdbx_refine_tls.origin_y         -0.1353913722 
_pdbx_refine_tls.origin_z         0.1596053788 
_pdbx_refine_tls.T[1][1]          0.133210425622 
_pdbx_refine_tls.T[1][1]_esd      ? 
_pdbx_refine_tls.T[1][2]          0.005726223058 
_pdbx_refine_tls.T[1][2]_esd      ? 
_pdbx_refine_tls.T[1][3]          -0.001417162047 
_pdbx_refine_tls.T[1][3]_esd      ? 
_pdbx_refine_tls.T[2][2]          0.136724905886 
_pdbx_refine_tls.T[2][2]_esd      ? 
_pdbx_refine_tls.T[2][3]          -0.005840476241 
_pdbx_refine_tls.T[2][3]_esd      ? 
_pdbx_refine_tls.T[3][3]          0.101396018755 
_pdbx_refine_tls.T[3][3]_esd      ? 
_pdbx_refine_tls.L[1][1]          0.225513824015 
_pdbx_refine_tls.L[1][1]_esd      ? 
_pdbx_refine_tls.L[1][2]          -0.445847861170 
_pdbx_refine_tls.L[1][2]_esd      ? 
_pdbx_refine_tls.L[1][3]          -0.033582126763 
_pdbx_refine_tls.L[1][3]_esd      ? 
_pdbx_refine_tls.L[2][2]          0.717157904053 
_pdbx_refine_tls.L[2][2]_esd      ? 
_pdbx_refine_tls.L[2][3]          -0.043650612010 
_pdbx_refine_tls.L[2][3]_esd      ? 
_pdbx_refine_tls.L[3][3]          -0.217413116635 
_pdbx_refine_tls.L[3][3]_esd      ? 
_pdbx_refine_tls.S[1][1]          0.025935191703 
_pdbx_refine_tls.S[1][1]_esd      ? 
_pdbx_refine_tls.S[1][2]          0.078874232062 
_pdbx_refine_tls.S[1][2]_esd      ? 
_pdbx_refine_tls.S[1][3]          0.034256207996 
_pdbx_refine_tls.S[1][3]_esd      ? 
_pdbx_refine_tls.S[2][1]          0.033586887962 
_pdbx_refine_tls.S[2][1]_esd      ? 
_pdbx_refine_tls.S[2][2]          -0.080221557022 
_pdbx_refine_tls.S[2][2]_esd      ? 
_pdbx_refine_tls.S[2][3]          -0.078952508341 
_pdbx_refine_tls.S[2][3]_esd      ? 
_pdbx_refine_tls.S[3][1]          -0.013360721681 
_pdbx_refine_tls.S[3][1]_esd      ? 
_pdbx_refine_tls.S[3][2]          0.071928749119 
_pdbx_refine_tls.S[3][2]_esd      ? 
_pdbx_refine_tls.S[3][3]          0.048713659911 
_pdbx_refine_tls.S[3][3]_esd      ? 
# 
_pdbx_refine_tls_group.id                  1 
_pdbx_refine_tls_group.pdbx_refine_id      'X-RAY DIFFRACTION' 
_pdbx_refine_tls_group.refine_tls_id       1 
_pdbx_refine_tls_group.beg_label_asym_id   ? 
_pdbx_refine_tls_group.beg_label_seq_id    ? 
_pdbx_refine_tls_group.beg_auth_asym_id    ? 
_pdbx_refine_tls_group.beg_auth_seq_id     ? 
_pdbx_refine_tls_group.beg_PDB_ins_code    ? 
_pdbx_refine_tls_group.end_label_asym_id   ? 
_pdbx_refine_tls_group.end_label_seq_id    ? 
_pdbx_refine_tls_group.end_auth_asym_id    ? 
_pdbx_refine_tls_group.end_auth_seq_id     ? 
_pdbx_refine_tls_group.end_PDB_ins_code    ? 
_pdbx_refine_tls_group.selection           ? 
_pdbx_refine_tls_group.selection_details   all 
# 
loop_
_software.citation_id 
_software.classification 
_software.compiler_name 
_software.compiler_version 
_software.contact_author 
_software.contact_author_email 
_software.date 
_software.description 
_software.dependencies 
_software.hardware 
_software.language 
_software.location 
_software.mods 
_software.name 
_software.os 
_software.os_version 
_software.type 
_software.version 
_software.pdbx_ordinal 
? refinement       ? ? ? ? ? ? ? ? ? ? ? PHENIX   ? ? ? 1.13_2998    1 
? refinement       ? ? ? ? ? ? ? ? ? ? ? PHENIX   ? ? ? 1.13_2998    2 
? 'model building' ? ? ? ? ? ? ? ? ? ? ? PHENIX   ? ? ? 1.13_2998    3 
? 'model building' ? ? ? ? ? ? ? ? ? ? ? Coot     ? ? ? '0.8.9.2 EL' 4 
? 'data reduction' ? ? ? ? ? ? ? ? ? ? ? HKL-2000 ? ? ? .            5 
? 'data scaling'   ? ? ? ? ? ? ? ? ? ? ? HKL-2000 ? ? ? .            6 
? phasing          ? ? ? ? ? ? ? ? ? ? ? PHASER   ? ? ? 1.13_2988    7 
# 
_pdbx_distant_solvent_atoms.id                                1 
_pdbx_distant_solvent_atoms.PDB_model_num                     1 
_pdbx_distant_solvent_atoms.auth_atom_id                      O 
_pdbx_distant_solvent_atoms.label_alt_id                      ? 
_pdbx_distant_solvent_atoms.auth_asym_id                      A 
_pdbx_distant_solvent_atoms.auth_comp_id                      HOH 
_pdbx_distant_solvent_atoms.auth_seq_id                       207 
_pdbx_distant_solvent_atoms.PDB_ins_code                      ? 
_pdbx_distant_solvent_atoms.neighbor_macromolecule_distance   5.89 
_pdbx_distant_solvent_atoms.neighbor_ligand_distance          . 
# 
loop_
_chem_comp_atom.comp_id 
_chem_comp_atom.atom_id 
_chem_comp_atom.type_symbol 
_chem_comp_atom.pdbx_aromatic_flag 
_chem_comp_atom.pdbx_stereo_config 
_chem_comp_atom.pdbx_ordinal 
A   OP3    O N N 1   
A   P      P N N 2   
A   OP1    O N N 3   
A   OP2    O N N 4   
A   "O5'"  O N N 5   
A   "C5'"  C N N 6   
A   "C4'"  C N R 7   
A   "O4'"  O N N 8   
A   "C3'"  C N S 9   
A   "O3'"  O N N 10  
A   "C2'"  C N R 11  
A   "O2'"  O N N 12  
A   "C1'"  C N R 13  
A   N9     N Y N 14  
A   C8     C Y N 15  
A   N7     N Y N 16  
A   C5     C Y N 17  
A   C6     C Y N 18  
A   N6     N N N 19  
A   N1     N Y N 20  
A   C2     C Y N 21  
A   N3     N Y N 22  
A   C4     C Y N 23  
A   HOP3   H N N 24  
A   HOP2   H N N 25  
A   "H5'"  H N N 26  
A   "H5''" H N N 27  
A   "H4'"  H N N 28  
A   "H3'"  H N N 29  
A   "HO3'" H N N 30  
A   "H2'"  H N N 31  
A   "HO2'" H N N 32  
A   "H1'"  H N N 33  
A   H8     H N N 34  
A   H61    H N N 35  
A   H62    H N N 36  
A   H2     H N N 37  
C   OP3    O N N 38  
C   P      P N N 39  
C   OP1    O N N 40  
C   OP2    O N N 41  
C   "O5'"  O N N 42  
C   "C5'"  C N N 43  
C   "C4'"  C N R 44  
C   "O4'"  O N N 45  
C   "C3'"  C N S 46  
C   "O3'"  O N N 47  
C   "C2'"  C N R 48  
C   "O2'"  O N N 49  
C   "C1'"  C N R 50  
C   N1     N N N 51  
C   C2     C N N 52  
C   O2     O N N 53  
C   N3     N N N 54  
C   C4     C N N 55  
C   N4     N N N 56  
C   C5     C N N 57  
C   C6     C N N 58  
C   HOP3   H N N 59  
C   HOP2   H N N 60  
C   "H5'"  H N N 61  
C   "H5''" H N N 62  
C   "H4'"  H N N 63  
C   "H3'"  H N N 64  
C   "HO3'" H N N 65  
C   "H2'"  H N N 66  
C   "HO2'" H N N 67  
C   "H1'"  H N N 68  
C   H41    H N N 69  
C   H42    H N N 70  
C   H5     H N N 71  
C   H6     H N N 72  
G   OP3    O N N 73  
G   P      P N N 74  
G   OP1    O N N 75  
G   OP2    O N N 76  
G   "O5'"  O N N 77  
G   "C5'"  C N N 78  
G   "C4'"  C N R 79  
G   "O4'"  O N N 80  
G   "C3'"  C N S 81  
G   "O3'"  O N N 82  
G   "C2'"  C N R 83  
G   "O2'"  O N N 84  
G   "C1'"  C N R 85  
G   N9     N Y N 86  
G   C8     C Y N 87  
G   N7     N Y N 88  
G   C5     C Y N 89  
G   C6     C N N 90  
G   O6     O N N 91  
G   N1     N N N 92  
G   C2     C N N 93  
G   N2     N N N 94  
G   N3     N N N 95  
G   C4     C Y N 96  
G   HOP3   H N N 97  
G   HOP2   H N N 98  
G   "H5'"  H N N 99  
G   "H5''" H N N 100 
G   "H4'"  H N N 101 
G   "H3'"  H N N 102 
G   "HO3'" H N N 103 
G   "H2'"  H N N 104 
G   "HO2'" H N N 105 
G   "H1'"  H N N 106 
G   H8     H N N 107 
G   H1     H N N 108 
G   H21    H N N 109 
G   H22    H N N 110 
HOH O      O N N 111 
HOH H1     H N N 112 
HOH H2     H N N 113 
U   OP3    O N N 114 
U   P      P N N 115 
U   OP1    O N N 116 
U   OP2    O N N 117 
U   "O5'"  O N N 118 
U   "C5'"  C N N 119 
U   "C4'"  C N R 120 
U   "O4'"  O N N 121 
U   "C3'"  C N S 122 
U   "O3'"  O N N 123 
U   "C2'"  C N R 124 
U   "O2'"  O N N 125 
U   "C1'"  C N R 126 
U   N1     N N N 127 
U   C2     C N N 128 
U   O2     O N N 129 
U   N3     N N N 130 
U   C4     C N N 131 
U   O4     O N N 132 
U   C5     C N N 133 
U   C6     C N N 134 
U   HOP3   H N N 135 
U   HOP2   H N N 136 
U   "H5'"  H N N 137 
U   "H5''" H N N 138 
U   "H4'"  H N N 139 
U   "H3'"  H N N 140 
U   "HO3'" H N N 141 
U   "H2'"  H N N 142 
U   "HO2'" H N N 143 
U   "H1'"  H N N 144 
U   H3     H N N 145 
U   H5     H N N 146 
U   H6     H N N 147 
# 
loop_
_chem_comp_bond.comp_id 
_chem_comp_bond.atom_id_1 
_chem_comp_bond.atom_id_2 
_chem_comp_bond.value_order 
_chem_comp_bond.pdbx_aromatic_flag 
_chem_comp_bond.pdbx_stereo_config 
_chem_comp_bond.pdbx_ordinal 
A   OP3   P      sing N N 1   
A   OP3   HOP3   sing N N 2   
A   P     OP1    doub N N 3   
A   P     OP2    sing N N 4   
A   P     "O5'"  sing N N 5   
A   OP2   HOP2   sing N N 6   
A   "O5'" "C5'"  sing N N 7   
A   "C5'" "C4'"  sing N N 8   
A   "C5'" "H5'"  sing N N 9   
A   "C5'" "H5''" sing N N 10  
A   "C4'" "O4'"  sing N N 11  
A   "C4'" "C3'"  sing N N 12  
A   "C4'" "H4'"  sing N N 13  
A   "O4'" "C1'"  sing N N 14  
A   "C3'" "O3'"  sing N N 15  
A   "C3'" "C2'"  sing N N 16  
A   "C3'" "H3'"  sing N N 17  
A   "O3'" "HO3'" sing N N 18  
A   "C2'" "O2'"  sing N N 19  
A   "C2'" "C1'"  sing N N 20  
A   "C2'" "H2'"  sing N N 21  
A   "O2'" "HO2'" sing N N 22  
A   "C1'" N9     sing N N 23  
A   "C1'" "H1'"  sing N N 24  
A   N9    C8     sing Y N 25  
A   N9    C4     sing Y N 26  
A   C8    N7     doub Y N 27  
A   C8    H8     sing N N 28  
A   N7    C5     sing Y N 29  
A   C5    C6     sing Y N 30  
A   C5    C4     doub Y N 31  
A   C6    N6     sing N N 32  
A   C6    N1     doub Y N 33  
A   N6    H61    sing N N 34  
A   N6    H62    sing N N 35  
A   N1    C2     sing Y N 36  
A   C2    N3     doub Y N 37  
A   C2    H2     sing N N 38  
A   N3    C4     sing Y N 39  
C   OP3   P      sing N N 40  
C   OP3   HOP3   sing N N 41  
C   P     OP1    doub N N 42  
C   P     OP2    sing N N 43  
C   P     "O5'"  sing N N 44  
C   OP2   HOP2   sing N N 45  
C   "O5'" "C5'"  sing N N 46  
C   "C5'" "C4'"  sing N N 47  
C   "C5'" "H5'"  sing N N 48  
C   "C5'" "H5''" sing N N 49  
C   "C4'" "O4'"  sing N N 50  
C   "C4'" "C3'"  sing N N 51  
C   "C4'" "H4'"  sing N N 52  
C   "O4'" "C1'"  sing N N 53  
C   "C3'" "O3'"  sing N N 54  
C   "C3'" "C2'"  sing N N 55  
C   "C3'" "H3'"  sing N N 56  
C   "O3'" "HO3'" sing N N 57  
C   "C2'" "O2'"  sing N N 58  
C   "C2'" "C1'"  sing N N 59  
C   "C2'" "H2'"  sing N N 60  
C   "O2'" "HO2'" sing N N 61  
C   "C1'" N1     sing N N 62  
C   "C1'" "H1'"  sing N N 63  
C   N1    C2     sing N N 64  
C   N1    C6     sing N N 65  
C   C2    O2     doub N N 66  
C   C2    N3     sing N N 67  
C   N3    C4     doub N N 68  
C   C4    N4     sing N N 69  
C   C4    C5     sing N N 70  
C   N4    H41    sing N N 71  
C   N4    H42    sing N N 72  
C   C5    C6     doub N N 73  
C   C5    H5     sing N N 74  
C   C6    H6     sing N N 75  
G   OP3   P      sing N N 76  
G   OP3   HOP3   sing N N 77  
G   P     OP1    doub N N 78  
G   P     OP2    sing N N 79  
G   P     "O5'"  sing N N 80  
G   OP2   HOP2   sing N N 81  
G   "O5'" "C5'"  sing N N 82  
G   "C5'" "C4'"  sing N N 83  
G   "C5'" "H5'"  sing N N 84  
G   "C5'" "H5''" sing N N 85  
G   "C4'" "O4'"  sing N N 86  
G   "C4'" "C3'"  sing N N 87  
G   "C4'" "H4'"  sing N N 88  
G   "O4'" "C1'"  sing N N 89  
G   "C3'" "O3'"  sing N N 90  
G   "C3'" "C2'"  sing N N 91  
G   "C3'" "H3'"  sing N N 92  
G   "O3'" "HO3'" sing N N 93  
G   "C2'" "O2'"  sing N N 94  
G   "C2'" "C1'"  sing N N 95  
G   "C2'" "H2'"  sing N N 96  
G   "O2'" "HO2'" sing N N 97  
G   "C1'" N9     sing N N 98  
G   "C1'" "H1'"  sing N N 99  
G   N9    C8     sing Y N 100 
G   N9    C4     sing Y N 101 
G   C8    N7     doub Y N 102 
G   C8    H8     sing N N 103 
G   N7    C5     sing Y N 104 
G   C5    C6     sing N N 105 
G   C5    C4     doub Y N 106 
G   C6    O6     doub N N 107 
G   C6    N1     sing N N 108 
G   N1    C2     sing N N 109 
G   N1    H1     sing N N 110 
G   C2    N2     sing N N 111 
G   C2    N3     doub N N 112 
G   N2    H21    sing N N 113 
G   N2    H22    sing N N 114 
G   N3    C4     sing N N 115 
HOH O     H1     sing N N 116 
HOH O     H2     sing N N 117 
U   OP3   P      sing N N 118 
U   OP3   HOP3   sing N N 119 
U   P     OP1    doub N N 120 
U   P     OP2    sing N N 121 
U   P     "O5'"  sing N N 122 
U   OP2   HOP2   sing N N 123 
U   "O5'" "C5'"  sing N N 124 
U   "C5'" "C4'"  sing N N 125 
U   "C5'" "H5'"  sing N N 126 
U   "C5'" "H5''" sing N N 127 
U   "C4'" "O4'"  sing N N 128 
U   "C4'" "C3'"  sing N N 129 
U   "C4'" "H4'"  sing N N 130 
U   "O4'" "C1'"  sing N N 131 
U   "C3'" "O3'"  sing N N 132 
U   "C3'" "C2'"  sing N N 133 
U   "C3'" "H3'"  sing N N 134 
U   "O3'" "HO3'" sing N N 135 
U   "C2'" "O2'"  sing N N 136 
U   "C2'" "C1'"  sing N N 137 
U   "C2'" "H2'"  sing N N 138 
U   "O2'" "HO2'" sing N N 139 
U   "C1'" N1     sing N N 140 
U   "C1'" "H1'"  sing N N 141 
U   N1    C2     sing N N 142 
U   N1    C6     sing N N 143 
U   C2    O2     doub N N 144 
U   C2    N3     sing N N 145 
U   N3    C4     sing N N 146 
U   N3    H3     sing N N 147 
U   C4    O4     doub N N 148 
U   C4    C5     sing N N 149 
U   C5    C6     doub N N 150 
U   C5    H5     sing N N 151 
U   C6    H6     sing N N 152 
# 
loop_
_ndb_struct_conf_na.entry_id 
_ndb_struct_conf_na.feature 
7VFT 'a-form double helix'  
7VFT 'mismatched base pair' 
# 
loop_
_ndb_struct_na_base_pair.model_number 
_ndb_struct_na_base_pair.i_label_asym_id 
_ndb_struct_na_base_pair.i_label_comp_id 
_ndb_struct_na_base_pair.i_label_seq_id 
_ndb_struct_na_base_pair.i_symmetry 
_ndb_struct_na_base_pair.j_label_asym_id 
_ndb_struct_na_base_pair.j_label_comp_id 
_ndb_struct_na_base_pair.j_label_seq_id 
_ndb_struct_na_base_pair.j_symmetry 
_ndb_struct_na_base_pair.shear 
_ndb_struct_na_base_pair.stretch 
_ndb_struct_na_base_pair.stagger 
_ndb_struct_na_base_pair.buckle 
_ndb_struct_na_base_pair.propeller 
_ndb_struct_na_base_pair.opening 
_ndb_struct_na_base_pair.pair_number 
_ndb_struct_na_base_pair.pair_name 
_ndb_struct_na_base_pair.i_auth_asym_id 
_ndb_struct_na_base_pair.i_auth_seq_id 
_ndb_struct_na_base_pair.i_PDB_ins_code 
_ndb_struct_na_base_pair.j_auth_asym_id 
_ndb_struct_na_base_pair.j_auth_seq_id 
_ndb_struct_na_base_pair.j_PDB_ins_code 
_ndb_struct_na_base_pair.hbond_type_28 
_ndb_struct_na_base_pair.hbond_type_12 
1 A G 1  1_555  A C 23 12_555 -0.190 -0.067 -0.169 -7.275 -0.677  -1.832 1  A_G1:C23_A  A 1  ? A 23 ? 19 1 
1 A G 2  1_555  A C 22 12_555 -0.118 -0.102 -0.144 -7.596 -13.479 1.773  2  A_G2:C22_A  A 2  ? A 22 ? 19 1 
1 A G 3  1_555  A U 21 12_555 -2.326 -0.558 -0.071 -2.800 -8.211  -0.221 3  A_G3:U21_A  A 3  ? A 21 ? 28 1 
1 A C 4  1_555  A G 20 12_555 0.294  -0.219 -0.192 3.770  -11.301 -1.540 4  A_C4:G20_A  A 4  ? A 20 ? 19 1 
1 A C 5  1_555  A G 19 12_555 0.124  -0.138 0.069  -0.134 -7.595  -1.246 5  A_C5:G19_A  A 5  ? A 19 ? 19 1 
1 A G 1  12_555 A C 23 1_555  -0.190 -0.067 -0.169 -7.275 -0.677  -1.832 6  A_G1:C23_A  A 1  ? A 23 ? 19 1 
1 A G 2  12_555 A C 22 1_555  -0.118 -0.102 -0.144 -7.596 -13.479 1.773  7  A_G2:C22_A  A 2  ? A 22 ? 19 1 
1 A G 3  12_555 A U 21 1_555  -2.326 -0.558 -0.071 -2.800 -8.211  -0.221 8  A_G3:U21_A  A 3  ? A 21 ? 28 1 
1 A C 4  12_555 A G 20 1_555  0.294  -0.219 -0.192 3.770  -11.301 -1.540 9  A_C4:G20_A  A 4  ? A 20 ? 19 1 
1 A C 5  12_555 A G 19 1_555  0.124  -0.138 0.069  -0.134 -7.595  -1.246 10 A_C5:G19_A  A 5  ? A 19 ? 19 1 
1 A G 7  1_555  A C 17 12_555 -0.350 -0.138 -0.099 -6.096 -11.624 -0.583 11 A_G7:C17_A  A 7  ? A 17 ? 19 1 
1 A C 8  1_555  A G 16 12_555 0.237  -0.156 0.072  -3.691 -9.992  -0.846 12 A_C8:G16_A  A 8  ? A 16 ? 19 1 
1 A G 7  12_555 A C 17 1_555  -0.350 -0.138 -0.099 -6.096 -11.624 -0.583 13 A_G7:C17_A  A 7  ? A 17 ? 19 1 
1 A C 8  12_555 A G 16 1_555  0.237  -0.156 0.072  -3.691 -9.992  -0.846 14 A_C8:G16_A  A 8  ? A 16 ? 19 1 
1 A G 10 1_555  A C 14 12_555 -0.181 -0.073 0.220  5.717  -8.659  0.952  15 A_G10:C14_A A 10 ? A 14 ? 19 1 
1 A C 11 1_555  A G 13 12_555 0.223  -0.156 0.051  1.524  -12.504 -0.992 16 A_C11:G13_A A 11 ? A 13 ? 19 1 
1 A G 10 12_555 A C 14 1_555  -0.181 -0.073 0.220  5.717  -8.659  0.952  17 A_G10:C14_A A 10 ? A 14 ? 19 1 
1 A C 11 12_555 A G 13 1_555  0.223  -0.156 0.051  1.524  -12.504 -0.992 18 A_C11:G13_A A 11 ? A 13 ? 19 1 
# 
loop_
_ndb_struct_na_base_pair_step.model_number 
_ndb_struct_na_base_pair_step.i_label_asym_id_1 
_ndb_struct_na_base_pair_step.i_label_comp_id_1 
_ndb_struct_na_base_pair_step.i_label_seq_id_1 
_ndb_struct_na_base_pair_step.i_symmetry_1 
_ndb_struct_na_base_pair_step.j_label_asym_id_1 
_ndb_struct_na_base_pair_step.j_label_comp_id_1 
_ndb_struct_na_base_pair_step.j_label_seq_id_1 
_ndb_struct_na_base_pair_step.j_symmetry_1 
_ndb_struct_na_base_pair_step.i_label_asym_id_2 
_ndb_struct_na_base_pair_step.i_label_comp_id_2 
_ndb_struct_na_base_pair_step.i_label_seq_id_2 
_ndb_struct_na_base_pair_step.i_symmetry_2 
_ndb_struct_na_base_pair_step.j_label_asym_id_2 
_ndb_struct_na_base_pair_step.j_label_comp_id_2 
_ndb_struct_na_base_pair_step.j_label_seq_id_2 
_ndb_struct_na_base_pair_step.j_symmetry_2 
_ndb_struct_na_base_pair_step.shift 
_ndb_struct_na_base_pair_step.slide 
_ndb_struct_na_base_pair_step.rise 
_ndb_struct_na_base_pair_step.tilt 
_ndb_struct_na_base_pair_step.roll 
_ndb_struct_na_base_pair_step.twist 
_ndb_struct_na_base_pair_step.x_displacement 
_ndb_struct_na_base_pair_step.y_displacement 
_ndb_struct_na_base_pair_step.helical_rise 
_ndb_struct_na_base_pair_step.inclination 
_ndb_struct_na_base_pair_step.tip 
_ndb_struct_na_base_pair_step.helical_twist 
_ndb_struct_na_base_pair_step.step_number 
_ndb_struct_na_base_pair_step.step_name 
_ndb_struct_na_base_pair_step.i_auth_asym_id_1 
_ndb_struct_na_base_pair_step.i_auth_seq_id_1 
_ndb_struct_na_base_pair_step.i_PDB_ins_code_1 
_ndb_struct_na_base_pair_step.j_auth_asym_id_1 
_ndb_struct_na_base_pair_step.j_auth_seq_id_1 
_ndb_struct_na_base_pair_step.j_PDB_ins_code_1 
_ndb_struct_na_base_pair_step.i_auth_asym_id_2 
_ndb_struct_na_base_pair_step.i_auth_seq_id_2 
_ndb_struct_na_base_pair_step.i_PDB_ins_code_2 
_ndb_struct_na_base_pair_step.j_auth_asym_id_2 
_ndb_struct_na_base_pair_step.j_auth_seq_id_2 
_ndb_struct_na_base_pair_step.j_PDB_ins_code_2 
1 A G 1  1_555  A C 23 12_555 A G 2  1_555  A C 22 12_555 0.474  -2.048 3.339 0.968  5.209 30.146 -4.881 -0.712 2.965 9.918  
-1.843 30.597 1  AA_G1G2:C22C23_AA   A 1  ? A 23 ? A 2  ? A 22 ? 
1 A G 2  1_555  A C 22 12_555 A G 3  1_555  A U 21 12_555 -0.507 -1.848 2.923 -5.278 8.512 24.912 -5.785 -0.024 2.239 18.790 
11.652 26.820 2  AA_G2G3:U21C22_AA   A 2  ? A 22 ? A 3  ? A 21 ? 
1 A G 3  1_555  A U 21 12_555 A C 4  1_555  A G 20 12_555 0.069  -1.468 3.125 0.322  5.513 39.174 -2.769 -0.067 2.901 8.173  
-0.477 39.546 3  AA_G3C4:G20U21_AA   A 3  ? A 21 ? A 4  ? A 20 ? 
1 A C 4  1_555  A G 20 12_555 A C 5  1_555  A G 19 12_555 0.924  -2.052 3.320 2.083  7.546 33.043 -4.673 -1.265 2.847 13.040 
-3.600 33.933 4  AA_C4C5:G19G20_AA   A 4  ? A 20 ? A 5  ? A 19 ? 
1 A G 1  12_555 A C 23 1_555  A G 2  12_555 A C 22 1_555  0.474  -2.048 3.339 0.968  5.209 30.146 -4.881 -0.712 2.965 9.918  
-1.843 30.597 5  AA_G1G2:C22C23_AA   A 1  ? A 23 ? A 2  ? A 22 ? 
1 A G 2  12_555 A C 22 1_555  A G 3  12_555 A U 21 1_555  -0.507 -1.848 2.923 -5.278 8.512 24.912 -5.785 -0.024 2.239 18.790 
11.652 26.820 6  AA_G2G3:U21C22_AA   A 2  ? A 22 ? A 3  ? A 21 ? 
1 A G 3  12_555 A U 21 1_555  A C 4  12_555 A G 20 1_555  0.069  -1.468 3.125 0.322  5.513 39.174 -2.769 -0.067 2.901 8.173  
-0.477 39.546 7  AA_G3C4:G20U21_AA   A 3  ? A 21 ? A 4  ? A 20 ? 
1 A C 4  12_555 A G 20 1_555  A C 5  12_555 A G 19 1_555  0.924  -2.052 3.320 2.083  7.546 33.043 -4.673 -1.265 2.847 13.040 
-3.600 33.933 8  AA_C4C5:G19G20_AA   A 4  ? A 20 ? A 5  ? A 19 ? 
1 A G 7  1_555  A C 17 12_555 A C 8  1_555  A G 16 12_555 -0.274 -1.514 3.260 -0.826 6.424 32.203 -3.730 0.349  2.918 11.438 1.470 
32.831 9  AA_G7C8:G16C17_AA   A 7  ? A 17 ? A 8  ? A 16 ? 
1 A G 7  12_555 A C 17 1_555  A C 8  12_555 A G 16 1_555  -0.274 -1.514 3.260 -0.826 6.424 32.203 -3.730 0.349  2.918 11.438 1.470 
32.831 10 AA_G7C8:G16C17_AA   A 7  ? A 17 ? A 8  ? A 16 ? 
1 A G 10 1_555  A C 14 12_555 A C 11 1_555  A G 13 12_555 -0.044 -1.995 3.349 0.920  1.703 36.422 -3.425 0.200  3.254 2.723  
-1.470 36.472 11 AA_G10C11:G13C14_AA A 10 ? A 14 ? A 11 ? A 13 ? 
1 A G 10 12_555 A C 14 1_555  A C 11 12_555 A G 13 1_555  -0.044 -1.995 3.349 0.920  1.703 36.422 -3.425 0.200  3.254 2.723  
-1.470 36.472 12 AA_G10C11:G13C14_AA A 10 ? A 14 ? A 11 ? A 13 ? 
# 
_pdbx_audit_support.funding_organization   'Not funded' 
_pdbx_audit_support.country                ? 
_pdbx_audit_support.grant_number           ? 
_pdbx_audit_support.ordinal                1 
# 
_pdbx_entity_nonpoly.entity_id   2 
_pdbx_entity_nonpoly.name        water 
_pdbx_entity_nonpoly.comp_id     HOH 
# 
_pdbx_initial_refinement_model.id               1 
_pdbx_initial_refinement_model.entity_id_list   ? 
_pdbx_initial_refinement_model.type             'experimental model' 
_pdbx_initial_refinement_model.source_name      PDB 
_pdbx_initial_refinement_model.accession_code   4YN6 
_pdbx_initial_refinement_model.details          ? 
# 
_pdbx_struct_assembly_auth_evidence.id                     1 
_pdbx_struct_assembly_auth_evidence.assembly_id            1 
_pdbx_struct_assembly_auth_evidence.experimental_support   none 
_pdbx_struct_assembly_auth_evidence.details                ? 
# 
_space_group.name_H-M_alt     'R 3 2 :H' 
_space_group.name_Hall        
;R 3 2"
;
_space_group.IT_number        155 
_space_group.crystal_system   trigonal 
_space_group.id               1 
# 
